data_2PDA
#
_entry.id   2PDA
#
_cell.length_a   86.000
_cell.length_b   146.300
_cell.length_c   211.900
_cell.angle_alpha   90.00
_cell.angle_beta   90.00
_cell.angle_gamma   90.00
#
_symmetry.space_group_name_H-M   'P 21 21 21'
#
loop_
_entity.id
_entity.type
_entity.pdbx_description
1 polymer 'PROTEIN (PYRUVATE-FERREDOXIN OXIDOREDUCTASE)'
2 non-polymer 'MAGNESIUM ION'
3 non-polymer 'CALCIUM ION'
4 non-polymer 'IRON/SULFUR CLUSTER'
5 non-polymer 'THIAMINE DIPHOSPHATE'
6 non-polymer 'PYRUVIC ACID'
7 water water
#
_entity_poly.entity_id   1
_entity_poly.type   'polypeptide(L)'
_entity_poly.pdbx_seq_one_letter_code
;GKKMMTTDGNTATAHVAYAMSEVAAIYPITPSSTMGEEADDWAAQGRKNIFGQTLTIREMQSEAGAAGAVHGALAAGALT
TTFTASQGLLLMIPNMYKISGELLPGVFHVTARAIAAHALSIFGDHQDIYAARQTGFAMLASSSVQEAHDMALVAHLAAI
ESNVPFMHFFDGFRTSHEIQKIEVLDYADMASLVNQKALAEFRAKSMNPEHPHVRGTAQNPDIYFQGREAANPYYLKVPG
IVAEYMQKVASLTGRSYKLFDYVGAPDAERVIVSMGSSCETIEEVINHLAAKGEKIGLIKVRLYRPFVSEAFFAALPASA
KVITVLDRTKEPGAPGDPLYLDVCSAFVERGEAMPKILAGRYGLGSKEFSPAMVKSVYDNMSGAKKNHFTVGIEDDVTGT
SLPVDNAFADTTPKGTIQCQFWGLGADGTVGANKQAIKIIGDNTDLFAQGYFSYDSKKSGGITISHLRFGEKPIQSTYLV
NRADYVACHNPAYVGIYDILEGIKDGGTFVLNSPWSSLEDMDKHLPSGIKRTIANKKLKFYNIDAVKIATDVGLGGRINM
IMQTAFFKLAGVLPFEKAVDLLKKSIHKAYGKKGEKIVKMNTDAVDQAVTSLQEFKYPDSWKDAPAETKAEPMTNEFFKN
VVKPILTQQGDKLPVSAFEADGRFPLGTSQFEKRGVAINVPQWVPENCIQCNQCAFVCPHSAILPVLAKEEELVGAPANF
TALEAKGKELKGYKFRIQINTLDCMGCGNCADICPPKEKALVMQPLDTQRDAQVPNLEYAARIPVKSEVLPRDSLKGSQF
QEPLMEFSGACSGCGETPYVRVITQLFGERMFIANATGCSSIWGASAPSMPYKTNRLGQGPAWGNSLFEDAAEYGFGMNM
SMFARRTHLADLAAKALESDASGDVKEALQGWLAGKNDPIKSKEYGDKLKKLLAGQKDGLLGQIAAMSDLYTKKSVWIFG
GDGWAYDIGYGGLDHVLASGEDVNVFVMDTEVYSNTGGQSSKATPTGAVAKFAAAGKRTGKKDLARMVMTYGYVYVATVS
MGYSKQQFLKVLKEAESFPGPSLVIAYATCINQGLRKGMGKSQDVMNTAVKSGYWPLFRYDPRLAAQGKNPFQLDSKAPD
GSVEEFLMAQNRFAVLDRSFPEDAKRLRAQVAHELDVRFKELEHMAATNIFESFAPAGGKADGSVDFGEGAEFCTRDDTP
MMARPDSGEACDQNRAGTSEQQGDLSKRTKK
;
_entity_poly.pdbx_strand_id   A,B
#
loop_
_chem_comp.id
_chem_comp.type
_chem_comp.name
_chem_comp.formula
CA non-polymer 'CALCIUM ION' 'Ca 2'
MG non-polymer 'MAGNESIUM ION' 'Mg 2'
PYR non-polymer 'PYRUVIC ACID' 'C3 H4 O3'
SF4 non-polymer 'IRON/SULFUR CLUSTER' 'Fe4 S4'
TPP non-polymer 'THIAMINE DIPHOSPHATE' 'C12 H19 N4 O7 P2 S 1'
#
# COMPACT_ATOMS: atom_id res chain seq x y z
N GLY A 1 -23.45 2.51 35.28
CA GLY A 1 -24.20 3.19 34.24
C GLY A 1 -23.64 4.42 33.55
N LYS A 2 -24.56 5.33 33.21
CA LYS A 2 -24.30 6.57 32.51
C LYS A 2 -23.36 7.52 33.21
N LYS A 3 -22.67 8.33 32.41
CA LYS A 3 -21.74 9.29 32.93
C LYS A 3 -21.69 10.53 32.03
N MET A 4 -21.89 11.72 32.59
CA MET A 4 -21.83 12.93 31.79
C MET A 4 -20.37 13.19 31.49
N MET A 5 -20.09 13.79 30.35
CA MET A 5 -18.72 14.02 29.97
C MET A 5 -18.80 15.02 28.85
N THR A 6 -17.86 15.95 28.85
CA THR A 6 -17.85 16.93 27.80
C THR A 6 -16.54 16.77 27.01
N THR A 7 -16.63 16.09 25.86
CA THR A 7 -15.48 15.86 25.00
C THR A 7 -15.83 15.81 23.53
N ASP A 8 -14.82 15.52 22.73
CA ASP A 8 -14.98 15.45 21.30
C ASP A 8 -15.45 14.08 20.86
N GLY A 9 -15.64 13.93 19.55
CA GLY A 9 -16.11 12.70 18.96
C GLY A 9 -15.06 11.65 19.00
N ASN A 10 -13.80 12.04 18.89
CA ASN A 10 -12.67 11.10 18.91
C ASN A 10 -12.59 10.31 20.22
N THR A 11 -12.40 11.04 21.30
CA THR A 11 -12.31 10.41 22.59
C THR A 11 -13.66 9.81 22.92
N ALA A 12 -14.74 10.36 22.38
CA ALA A 12 -16.04 9.77 22.63
C ALA A 12 -15.95 8.37 22.08
N THR A 13 -15.35 8.17 20.91
CA THR A 13 -15.27 6.81 20.38
C THR A 13 -14.14 5.97 20.93
N ALA A 14 -13.01 6.61 21.24
CA ALA A 14 -11.87 5.87 21.80
C ALA A 14 -12.25 5.32 23.17
N HIS A 15 -13.28 5.89 23.78
CA HIS A 15 -13.77 5.45 25.08
C HIS A 15 -14.24 4.01 24.81
N VAL A 16 -15.21 3.88 23.90
CA VAL A 16 -15.81 2.60 23.55
C VAL A 16 -14.85 1.56 22.98
N ALA A 17 -13.88 2.00 22.17
CA ALA A 17 -12.91 1.09 21.55
C ALA A 17 -11.98 0.48 22.55
N TYR A 18 -11.42 1.28 23.45
CA TYR A 18 -10.55 0.72 24.44
C TYR A 18 -11.29 -0.36 25.25
N ALA A 19 -12.55 -0.09 25.58
CA ALA A 19 -13.38 -1.01 26.35
C ALA A 19 -13.60 -2.34 25.66
N MET A 20 -13.88 -2.32 24.37
CA MET A 20 -14.19 -3.53 23.60
C MET A 20 -13.04 -4.21 22.86
N SER A 21 -11.81 -3.80 23.13
CA SER A 21 -10.69 -4.34 22.40
C SER A 21 -9.58 -4.97 23.21
N GLU A 22 -8.97 -6.00 22.63
CA GLU A 22 -7.88 -6.66 23.32
C GLU A 22 -6.58 -6.32 22.65
N VAL A 23 -6.63 -5.80 21.44
CA VAL A 23 -5.41 -5.52 20.71
C VAL A 23 -5.66 -4.39 19.79
N ALA A 24 -4.64 -3.58 19.57
CA ALA A 24 -4.75 -2.48 18.65
C ALA A 24 -3.42 -2.36 17.93
N ALA A 25 -3.42 -2.46 16.61
CA ALA A 25 -2.22 -2.30 15.80
C ALA A 25 -2.53 -0.90 15.27
N ILE A 26 -1.58 0.03 15.39
CA ILE A 26 -1.83 1.44 15.07
C ILE A 26 -0.88 2.25 14.16
N TYR A 27 -1.31 3.46 13.77
CA TYR A 27 -0.51 4.41 12.93
C TYR A 27 -1.16 5.81 12.87
N PRO A 28 -0.40 6.87 13.18
CA PRO A 28 -0.90 8.24 13.18
C PRO A 28 -1.28 8.94 11.86
N ILE A 29 -2.53 9.37 11.75
CA ILE A 29 -3.01 10.08 10.56
C ILE A 29 -4.12 11.07 10.99
N THR A 30 -3.89 12.36 10.75
CA THR A 30 -4.87 13.42 11.11
C THR A 30 -6.13 13.12 10.30
N PRO A 31 -7.32 13.35 10.85
CA PRO A 31 -7.62 13.87 12.16
C PRO A 31 -7.77 12.77 13.19
N SER A 32 -7.59 11.52 12.80
CA SER A 32 -7.79 10.42 13.74
C SER A 32 -6.66 10.05 14.68
N SER A 33 -5.55 10.76 14.62
CA SER A 33 -4.39 10.46 15.48
C SER A 33 -4.67 10.35 16.96
N THR A 34 -5.48 11.26 17.50
CA THR A 34 -5.83 11.24 18.91
C THR A 34 -6.21 9.83 19.39
N MET A 35 -7.35 9.31 18.93
CA MET A 35 -7.83 7.98 19.30
C MET A 35 -6.72 7.00 19.64
N GLY A 36 -5.79 6.79 18.73
CA GLY A 36 -4.72 5.84 18.99
C GLY A 36 -3.85 6.25 20.16
N GLU A 37 -3.61 7.54 20.31
CA GLU A 37 -2.77 8.06 21.38
C GLU A 37 -3.43 7.92 22.73
N GLU A 38 -4.74 8.14 22.77
CA GLU A 38 -5.46 8.00 24.01
C GLU A 38 -5.53 6.50 24.37
N ALA A 39 -5.78 5.67 23.36
CA ALA A 39 -5.86 4.24 23.57
C ALA A 39 -4.59 3.85 24.24
N ASP A 40 -3.51 4.52 23.86
CA ASP A 40 -2.18 4.26 24.40
C ASP A 40 -1.82 4.85 25.77
N ASP A 41 -2.25 6.07 26.06
CA ASP A 41 -1.96 6.67 27.35
C ASP A 41 -2.74 5.95 28.39
N TRP A 42 -3.98 5.65 28.05
CA TRP A 42 -4.86 4.94 28.94
C TRP A 42 -4.27 3.60 29.27
N ALA A 43 -3.84 2.87 28.26
CA ALA A 43 -3.24 1.58 28.53
C ALA A 43 -2.06 1.81 29.45
N ALA A 44 -1.30 2.86 29.21
CA ALA A 44 -0.14 3.15 30.05
C ALA A 44 -0.49 3.52 31.48
N GLN A 45 -1.78 3.79 31.72
CA GLN A 45 -2.24 4.14 33.06
C GLN A 45 -3.01 3.00 33.75
N GLY A 46 -2.74 1.78 33.30
CA GLY A 46 -3.36 0.60 33.90
C GLY A 46 -4.81 0.37 33.58
N ARG A 47 -5.41 1.27 32.82
CA ARG A 47 -6.82 1.14 32.46
C ARG A 47 -7.20 -0.22 31.92
N LYS A 48 -8.29 -0.79 32.45
CA LYS A 48 -8.72 -2.10 32.00
C LYS A 48 -9.89 -2.12 31.01
N ASN A 49 -9.84 -3.05 30.07
CA ASN A 49 -10.90 -3.22 29.08
C ASN A 49 -11.98 -4.12 29.73
N ILE A 50 -13.00 -4.53 29.01
CA ILE A 50 -14.02 -5.35 29.63
C ILE A 50 -13.60 -6.71 30.18
N PHE A 51 -12.41 -7.17 29.83
CA PHE A 51 -11.95 -8.47 30.30
C PHE A 51 -11.00 -8.24 31.45
N GLY A 52 -10.91 -6.99 31.88
CA GLY A 52 -10.06 -6.66 32.99
C GLY A 52 -8.59 -6.53 32.65
N GLN A 53 -8.25 -6.54 31.36
CA GLN A 53 -6.87 -6.41 30.90
C GLN A 53 -6.56 -5.07 30.27
N THR A 54 -5.30 -4.65 30.34
CA THR A 54 -4.92 -3.39 29.68
C THR A 54 -4.74 -3.74 28.20
N LEU A 55 -4.92 -2.76 27.31
CA LEU A 55 -4.83 -2.96 25.86
C LEU A 55 -3.43 -3.13 25.34
N THR A 56 -3.28 -3.97 24.32
CA THR A 56 -1.98 -4.19 23.71
C THR A 56 -1.93 -3.31 22.48
N ILE A 57 -1.22 -2.20 22.54
CA ILE A 57 -1.14 -1.34 21.37
C ILE A 57 0.26 -1.46 20.86
N ARG A 58 0.43 -1.45 19.54
CA ARG A 58 1.76 -1.47 18.93
C ARG A 58 1.68 -0.50 17.74
N GLU A 59 2.77 0.20 17.46
CA GLU A 59 2.75 1.13 16.34
C GLU A 59 3.44 0.52 15.13
N MET A 60 2.74 0.45 14.00
CA MET A 60 3.33 -0.10 12.79
C MET A 60 4.08 0.95 11.96
N GLN A 61 4.69 0.50 10.86
CA GLN A 61 5.49 1.32 9.96
C GLN A 61 4.69 2.13 9.00
N SER A 62 3.44 1.69 8.84
CA SER A 62 2.46 2.31 7.95
C SER A 62 1.12 1.65 8.32
N GLU A 63 0.03 2.20 7.82
CA GLU A 63 -1.26 1.66 8.17
C GLU A 63 -1.64 0.44 7.37
N ALA A 64 -0.77 0.07 6.46
CA ALA A 64 -1.03 -1.12 5.70
C ALA A 64 -0.46 -2.19 6.61
N GLY A 65 0.68 -1.87 7.22
CA GLY A 65 1.29 -2.76 8.18
C GLY A 65 0.27 -2.94 9.29
N ALA A 66 -0.30 -1.84 9.81
CA ALA A 66 -1.34 -1.90 10.83
C ALA A 66 -2.55 -2.72 10.38
N ALA A 67 -2.88 -2.64 9.09
CA ALA A 67 -4.02 -3.39 8.57
C ALA A 67 -3.71 -4.86 8.66
N GLY A 68 -2.49 -5.22 8.28
CA GLY A 68 -2.10 -6.61 8.33
C GLY A 68 -1.94 -7.14 9.75
N ALA A 69 -1.54 -6.27 10.66
CA ALA A 69 -1.35 -6.68 12.04
C ALA A 69 -2.72 -6.92 12.60
N VAL A 70 -3.65 -6.02 12.28
CA VAL A 70 -5.04 -6.16 12.72
C VAL A 70 -5.59 -7.49 12.19
N HIS A 71 -5.22 -7.85 10.97
CA HIS A 71 -5.69 -9.11 10.41
C HIS A 71 -5.14 -10.35 11.15
N GLY A 72 -3.83 -10.42 11.33
CA GLY A 72 -3.23 -11.54 12.03
C GLY A 72 -3.71 -11.74 13.47
N ALA A 73 -4.02 -10.65 14.15
CA ALA A 73 -4.50 -10.70 15.53
C ALA A 73 -5.84 -11.38 15.60
N LEU A 74 -6.81 -10.88 14.82
CA LEU A 74 -8.16 -11.44 14.74
C LEU A 74 -8.12 -12.92 14.37
N ALA A 75 -7.32 -13.20 13.36
CA ALA A 75 -7.15 -14.56 12.92
C ALA A 75 -6.74 -15.34 14.17
N ALA A 76 -5.75 -14.82 14.90
CA ALA A 76 -5.24 -15.47 16.10
C ALA A 76 -6.13 -15.40 17.34
N GLY A 77 -7.42 -15.12 17.19
CA GLY A 77 -8.28 -15.08 18.35
C GLY A 77 -8.50 -13.81 19.13
N ALA A 78 -7.66 -12.78 19.04
CA ALA A 78 -7.94 -11.57 19.83
C ALA A 78 -8.96 -10.64 19.15
N LEU A 79 -9.78 -9.90 19.91
CA LEU A 79 -10.71 -8.94 19.30
C LEU A 79 -9.79 -7.73 19.01
N THR A 80 -9.91 -7.07 17.86
CA THR A 80 -8.97 -6.00 17.53
C THR A 80 -9.58 -4.73 16.94
N THR A 81 -8.83 -3.62 16.98
CA THR A 81 -9.28 -2.33 16.41
C THR A 81 -8.17 -1.56 15.76
N THR A 82 -8.54 -0.45 15.14
CA THR A 82 -7.60 0.42 14.51
C THR A 82 -8.32 1.71 14.19
N PHE A 83 -7.57 2.78 14.15
CA PHE A 83 -8.13 4.07 13.88
C PHE A 83 -7.43 4.55 12.64
N THR A 84 -8.16 5.14 11.70
CA THR A 84 -7.55 5.61 10.46
C THR A 84 -8.40 6.62 9.69
N ALA A 85 -7.86 7.21 8.63
CA ALA A 85 -8.61 8.18 7.80
C ALA A 85 -8.04 8.21 6.39
N SER A 86 -8.67 8.98 5.50
CA SER A 86 -8.28 9.07 4.09
C SER A 86 -7.24 8.12 3.54
N GLN A 87 -6.01 8.57 3.31
CA GLN A 87 -5.01 7.67 2.71
C GLN A 87 -4.72 6.44 3.57
N GLY A 88 -4.73 6.63 4.89
CA GLY A 88 -4.48 5.52 5.78
C GLY A 88 -5.48 4.46 5.49
N LEU A 89 -6.72 4.87 5.32
CA LEU A 89 -7.77 3.91 5.04
C LEU A 89 -7.56 3.21 3.74
N LEU A 90 -7.26 3.96 2.68
CA LEU A 90 -7.00 3.36 1.37
C LEU A 90 -5.95 2.25 1.48
N LEU A 91 -4.93 2.47 2.29
CA LEU A 91 -3.90 1.44 2.46
C LEU A 91 -4.39 0.22 3.18
N MET A 92 -5.52 0.32 3.86
CA MET A 92 -6.02 -0.84 4.56
C MET A 92 -7.01 -1.62 3.74
N ILE A 93 -7.30 -1.16 2.53
CA ILE A 93 -8.26 -1.84 1.67
C ILE A 93 -7.92 -3.31 1.33
N PRO A 94 -6.69 -3.62 0.88
CA PRO A 94 -6.44 -5.02 0.58
C PRO A 94 -6.77 -5.94 1.72
N ASN A 95 -6.35 -5.62 2.94
CA ASN A 95 -6.63 -6.47 4.11
C ASN A 95 -8.09 -6.55 4.43
N MET A 96 -8.76 -5.40 4.48
CA MET A 96 -10.17 -5.33 4.74
C MET A 96 -10.91 -6.42 3.96
N TYR A 97 -10.52 -6.69 2.73
CA TYR A 97 -11.18 -7.77 1.95
C TYR A 97 -10.91 -9.12 2.62
N LYS A 98 -9.70 -9.32 3.11
CA LYS A 98 -9.34 -10.55 3.75
C LYS A 98 -10.03 -10.65 5.10
N ILE A 99 -10.11 -9.52 5.78
CA ILE A 99 -10.70 -9.47 7.11
C ILE A 99 -12.19 -9.82 7.15
N SER A 100 -12.96 -9.35 6.19
CA SER A 100 -14.38 -9.69 6.15
C SER A 100 -14.52 -10.97 5.35
N GLY A 101 -13.54 -11.18 4.48
CA GLY A 101 -13.52 -12.36 3.65
C GLY A 101 -13.51 -13.57 4.54
N GLU A 102 -12.67 -13.54 5.59
CA GLU A 102 -12.54 -14.63 6.57
C GLU A 102 -13.47 -14.46 7.82
N LEU A 103 -14.49 -13.61 7.66
CA LEU A 103 -15.46 -13.33 8.71
C LEU A 103 -14.88 -13.13 10.09
N LEU A 104 -14.18 -12.02 10.29
CA LEU A 104 -13.57 -11.75 11.59
C LEU A 104 -14.22 -10.49 12.14
N PRO A 105 -14.41 -10.41 13.46
CA PRO A 105 -15.02 -9.26 14.13
C PRO A 105 -14.14 -8.00 14.28
N GLY A 106 -13.51 -7.58 13.19
CA GLY A 106 -12.66 -6.41 13.26
C GLY A 106 -13.57 -5.20 13.36
N VAL A 107 -13.01 -4.08 13.78
CA VAL A 107 -13.76 -2.84 13.90
C VAL A 107 -12.75 -1.74 13.62
N PHE A 108 -13.08 -0.91 12.65
CA PHE A 108 -12.26 0.19 12.23
C PHE A 108 -13.02 1.43 12.51
N HIS A 109 -12.40 2.36 13.22
CA HIS A 109 -13.01 3.62 13.55
C HIS A 109 -12.32 4.61 12.66
N VAL A 110 -13.04 5.25 11.76
CA VAL A 110 -12.39 6.20 10.88
C VAL A 110 -13.05 7.57 10.97
N THR A 111 -12.23 8.59 11.12
CA THR A 111 -12.70 9.94 11.14
C THR A 111 -12.65 10.32 9.67
N ALA A 112 -13.70 9.94 8.94
CA ALA A 112 -13.86 10.20 7.49
C ALA A 112 -13.17 11.46 7.08
N ARG A 113 -12.22 11.32 6.16
CA ARG A 113 -11.42 12.45 5.70
C ARG A 113 -11.24 12.41 4.20
N ALA A 114 -11.06 13.59 3.58
CA ALA A 114 -10.86 13.74 2.13
C ALA A 114 -9.62 13.10 1.59
N ILE A 115 -9.68 12.74 0.30
CA ILE A 115 -8.56 12.11 -0.40
C ILE A 115 -7.75 13.13 -1.20
N ALA A 116 -6.44 12.91 -1.26
CA ALA A 116 -5.56 13.81 -1.98
C ALA A 116 -5.61 13.57 -3.46
N ALA A 117 -6.19 14.53 -4.19
CA ALA A 117 -6.31 14.47 -5.65
C ALA A 117 -5.50 15.66 -6.19
N HIS A 118 -6.15 16.74 -6.60
CA HIS A 118 -5.40 17.89 -7.09
C HIS A 118 -4.58 18.49 -5.95
N ALA A 119 -5.08 18.29 -4.72
CA ALA A 119 -4.48 18.78 -3.49
C ALA A 119 -4.82 17.81 -2.36
N LEU A 120 -4.08 17.91 -1.27
CA LEU A 120 -4.30 17.06 -0.09
C LEU A 120 -5.24 17.75 0.89
N SER A 121 -5.80 17.00 1.83
CA SER A 121 -6.66 17.62 2.81
C SER A 121 -6.79 16.78 4.06
N ILE A 122 -6.64 17.44 5.20
CA ILE A 122 -6.77 16.77 6.50
C ILE A 122 -8.24 16.86 6.96
N PHE A 123 -9.03 17.66 6.25
CA PHE A 123 -10.40 17.88 6.60
C PHE A 123 -11.39 16.78 6.32
N GLY A 124 -12.64 17.00 6.75
CA GLY A 124 -13.61 15.92 6.64
C GLY A 124 -14.57 15.72 5.52
N ASP A 125 -14.64 14.49 5.04
CA ASP A 125 -15.59 14.14 4.03
C ASP A 125 -15.63 12.62 3.83
N HIS A 126 -16.54 12.12 3.01
CA HIS A 126 -16.67 10.67 2.88
C HIS A 126 -15.95 10.06 1.69
N GLN A 127 -14.92 10.71 1.15
CA GLN A 127 -14.23 10.12 0.02
C GLN A 127 -13.51 8.83 0.37
N ASP A 128 -13.05 8.69 1.60
CA ASP A 128 -12.33 7.50 2.00
C ASP A 128 -13.21 6.31 2.42
N ILE A 129 -14.37 6.57 3.03
CA ILE A 129 -15.22 5.47 3.42
C ILE A 129 -15.80 4.89 2.17
N TYR A 130 -16.26 5.76 1.28
CA TYR A 130 -16.85 5.30 0.06
C TYR A 130 -15.84 4.52 -0.76
N ALA A 131 -14.56 4.74 -0.49
CA ALA A 131 -13.52 4.01 -1.22
C ALA A 131 -13.47 2.54 -0.77
N ALA A 132 -13.88 2.29 0.47
CA ALA A 132 -13.89 0.96 1.06
C ALA A 132 -15.29 0.32 1.05
N ARG A 133 -16.17 0.94 0.28
CA ARG A 133 -17.56 0.54 0.06
C ARG A 133 -17.73 -0.92 -0.27
N GLN A 134 -16.78 -1.47 -1.04
CA GLN A 134 -16.87 -2.85 -1.51
C GLN A 134 -16.04 -3.89 -0.83
N THR A 135 -15.21 -3.48 0.11
CA THR A 135 -14.37 -4.43 0.81
C THR A 135 -15.15 -5.48 1.56
N GLY A 136 -16.43 -5.26 1.82
CA GLY A 136 -17.19 -6.26 2.55
C GLY A 136 -17.46 -5.91 4.00
N PHE A 137 -16.80 -4.85 4.49
CA PHE A 137 -16.97 -4.35 5.86
C PHE A 137 -18.36 -3.74 5.98
N ALA A 138 -18.98 -3.81 7.16
CA ALA A 138 -20.28 -3.18 7.38
C ALA A 138 -19.91 -1.71 7.68
N MET A 139 -20.81 -0.77 7.44
CA MET A 139 -20.49 0.62 7.68
C MET A 139 -21.64 1.19 8.45
N LEU A 140 -21.31 1.97 9.47
CA LEU A 140 -22.31 2.54 10.39
C LEU A 140 -21.84 3.94 10.65
N ALA A 141 -22.64 4.92 10.31
CA ALA A 141 -22.20 6.28 10.53
C ALA A 141 -22.78 7.05 11.70
N SER A 142 -21.94 7.76 12.43
CA SER A 142 -22.47 8.57 13.51
C SER A 142 -22.40 10.01 13.04
N SER A 143 -23.41 10.77 13.40
CA SER A 143 -23.50 12.17 12.98
C SER A 143 -23.46 13.20 14.10
N SER A 144 -22.76 12.90 15.18
CA SER A 144 -22.64 13.81 16.31
C SER A 144 -21.84 13.10 17.36
N VAL A 145 -21.12 13.86 18.17
CA VAL A 145 -20.30 13.29 19.24
C VAL A 145 -21.03 12.26 20.11
N GLN A 146 -22.28 12.54 20.44
CA GLN A 146 -23.04 11.58 21.25
C GLN A 146 -23.18 10.32 20.47
N GLU A 147 -23.45 10.46 19.18
CA GLU A 147 -23.64 9.31 18.33
C GLU A 147 -22.38 8.49 18.06
N ALA A 148 -21.20 9.08 18.24
CA ALA A 148 -19.94 8.40 18.03
C ALA A 148 -19.75 7.39 19.13
N HIS A 149 -20.16 7.74 20.35
CA HIS A 149 -20.04 6.83 21.47
C HIS A 149 -20.97 5.63 21.27
N ASP A 150 -22.26 5.89 21.09
CA ASP A 150 -23.26 4.84 20.92
C ASP A 150 -22.90 3.99 19.71
N MET A 151 -22.91 4.61 18.53
CA MET A 151 -22.59 3.89 17.30
C MET A 151 -21.30 3.09 17.35
N ALA A 152 -20.35 3.51 18.17
CA ALA A 152 -19.10 2.75 18.27
C ALA A 152 -19.41 1.51 19.07
N LEU A 153 -20.26 1.66 20.07
CA LEU A 153 -20.64 0.52 20.88
C LEU A 153 -21.39 -0.46 19.99
N VAL A 154 -22.41 0.02 19.28
CA VAL A 154 -23.18 -0.86 18.41
C VAL A 154 -22.32 -1.64 17.47
N ALA A 155 -21.37 -0.95 16.87
CA ALA A 155 -20.45 -1.54 15.91
C ALA A 155 -19.60 -2.66 16.48
N HIS A 156 -19.24 -2.56 17.76
CA HIS A 156 -18.42 -3.58 18.39
C HIS A 156 -19.21 -4.83 18.71
N LEU A 157 -20.34 -4.63 19.35
CA LEU A 157 -21.18 -5.75 19.71
C LEU A 157 -21.70 -6.50 18.49
N ALA A 158 -22.15 -5.76 17.49
CA ALA A 158 -22.70 -6.35 16.30
C ALA A 158 -21.69 -7.14 15.54
N ALA A 159 -20.42 -6.73 15.66
CA ALA A 159 -19.31 -7.38 14.95
C ALA A 159 -19.03 -8.71 15.56
N ILE A 160 -19.05 -8.72 16.89
CA ILE A 160 -18.79 -9.90 17.68
C ILE A 160 -19.81 -10.96 17.36
N GLU A 161 -21.06 -10.53 17.25
CA GLU A 161 -22.12 -11.47 17.00
C GLU A 161 -22.26 -11.89 15.56
N SER A 162 -22.12 -10.95 14.63
CA SER A 162 -22.30 -11.19 13.21
C SER A 162 -21.13 -11.80 12.43
N ASN A 163 -19.91 -11.56 12.89
CA ASN A 163 -18.64 -12.03 12.31
C ASN A 163 -18.30 -11.33 11.01
N VAL A 164 -18.97 -10.19 10.82
CA VAL A 164 -18.82 -9.31 9.67
C VAL A 164 -18.16 -8.07 10.29
N PRO A 165 -16.95 -7.71 9.85
CA PRO A 165 -16.27 -6.56 10.41
C PRO A 165 -17.08 -5.34 10.24
N PHE A 166 -16.76 -4.33 11.06
CA PHE A 166 -17.46 -3.07 11.02
C PHE A 166 -16.53 -1.88 10.90
N MET A 167 -16.93 -0.89 10.11
CA MET A 167 -16.16 0.33 9.99
C MET A 167 -17.15 1.36 10.52
N HIS A 168 -16.76 2.09 11.55
CA HIS A 168 -17.63 3.07 12.14
C HIS A 168 -16.96 4.37 11.81
N PHE A 169 -17.67 5.28 11.14
CA PHE A 169 -17.07 6.55 10.75
C PHE A 169 -17.89 7.74 11.16
N PHE A 170 -17.22 8.86 11.33
CA PHE A 170 -17.87 10.10 11.69
C PHE A 170 -17.07 11.16 10.93
N ASP A 171 -17.64 12.31 10.62
CA ASP A 171 -16.90 13.29 9.86
C ASP A 171 -15.65 13.77 10.53
N GLY A 172 -14.58 13.92 9.75
CA GLY A 172 -13.29 14.37 10.26
C GLY A 172 -13.34 15.81 10.65
N PHE A 173 -12.95 16.09 11.88
CA PHE A 173 -12.95 17.42 12.47
C PHE A 173 -14.33 17.91 12.95
N ARG A 174 -15.35 17.84 12.10
CA ARG A 174 -16.71 18.29 12.47
C ARG A 174 -17.39 17.40 13.50
N THR A 175 -16.76 16.31 13.85
CA THR A 175 -17.33 15.43 14.84
C THR A 175 -16.18 14.88 15.65
N SER A 176 -15.15 14.48 14.94
CA SER A 176 -13.98 13.95 15.57
C SER A 176 -13.45 15.01 16.49
N HIS A 177 -13.48 16.26 16.06
CA HIS A 177 -12.95 17.34 16.85
C HIS A 177 -13.94 18.31 17.44
N GLU A 178 -15.16 17.87 17.69
CA GLU A 178 -16.12 18.81 18.26
C GLU A 178 -16.38 18.48 19.71
N ILE A 179 -16.04 19.39 20.61
CA ILE A 179 -16.32 19.14 22.01
C ILE A 179 -17.86 19.30 22.20
N GLN A 180 -18.47 18.48 23.05
CA GLN A 180 -19.90 18.53 23.22
C GLN A 180 -20.21 17.76 24.51
N LYS A 181 -21.24 18.16 25.25
CA LYS A 181 -21.59 17.50 26.53
C LYS A 181 -22.40 16.24 26.25
N ILE A 182 -21.80 15.08 26.48
CA ILE A 182 -22.47 13.81 26.20
C ILE A 182 -22.58 12.90 27.40
N GLU A 183 -23.25 11.77 27.20
CA GLU A 183 -23.48 10.78 28.24
C GLU A 183 -22.77 9.54 27.79
N VAL A 184 -21.81 9.07 28.57
CA VAL A 184 -21.11 7.85 28.19
C VAL A 184 -21.59 6.63 28.97
N LEU A 185 -20.93 5.49 28.80
CA LEU A 185 -21.34 4.28 29.51
C LEU A 185 -20.14 3.65 30.18
N ASP A 186 -20.40 2.91 31.23
CA ASP A 186 -19.36 2.26 31.96
C ASP A 186 -19.04 1.02 31.24
N TYR A 187 -17.79 0.61 31.38
CA TYR A 187 -17.34 -0.58 30.71
C TYR A 187 -18.17 -1.78 31.08
N ALA A 188 -18.61 -1.85 32.33
CA ALA A 188 -19.42 -2.96 32.81
C ALA A 188 -20.69 -3.10 32.04
N ASP A 189 -21.23 -1.98 31.58
CA ASP A 189 -22.47 -1.99 30.82
C ASP A 189 -22.20 -2.48 29.40
N MET A 190 -21.08 -2.05 28.84
CA MET A 190 -20.71 -2.49 27.51
C MET A 190 -20.50 -3.98 27.62
N ALA A 191 -19.77 -4.39 28.64
CA ALA A 191 -19.48 -5.80 28.87
C ALA A 191 -20.73 -6.62 28.96
N SER A 192 -21.76 -6.03 29.54
CA SER A 192 -22.99 -6.75 29.71
C SER A 192 -23.80 -7.00 28.45
N LEU A 193 -23.46 -6.37 27.33
CA LEU A 193 -24.23 -6.56 26.09
C LEU A 193 -23.60 -7.59 25.16
N VAL A 194 -22.41 -8.06 25.51
CA VAL A 194 -21.65 -9.02 24.71
C VAL A 194 -22.16 -10.45 24.63
N ASN A 195 -22.42 -10.88 23.41
CA ASN A 195 -22.86 -12.24 23.16
C ASN A 195 -21.63 -13.11 23.49
N GLN A 196 -21.71 -13.83 24.60
CA GLN A 196 -20.62 -14.69 25.03
C GLN A 196 -20.51 -15.98 24.23
N LYS A 197 -21.64 -16.50 23.79
CA LYS A 197 -21.62 -17.73 23.02
C LYS A 197 -20.91 -17.42 21.73
N ALA A 198 -21.09 -16.20 21.25
CA ALA A 198 -20.50 -15.79 19.99
C ALA A 198 -19.05 -15.54 20.21
N LEU A 199 -18.74 -14.92 21.33
CA LEU A 199 -17.35 -14.61 21.65
C LEU A 199 -16.57 -15.84 21.94
N ALA A 200 -17.18 -16.84 22.55
CA ALA A 200 -16.43 -18.04 22.88
C ALA A 200 -16.15 -18.84 21.63
N GLU A 201 -16.97 -18.59 20.61
CA GLU A 201 -16.86 -19.27 19.34
C GLU A 201 -15.80 -18.63 18.44
N PHE A 202 -15.69 -17.31 18.56
CA PHE A 202 -14.68 -16.58 17.83
C PHE A 202 -13.36 -17.21 18.31
N ARG A 203 -13.28 -17.47 19.59
CA ARG A 203 -12.11 -18.08 20.17
C ARG A 203 -11.78 -19.44 19.59
N ALA A 204 -12.79 -20.27 19.38
CA ALA A 204 -12.53 -21.62 18.90
C ALA A 204 -12.30 -21.70 17.43
N LYS A 205 -12.91 -20.78 16.68
CA LYS A 205 -12.75 -20.74 15.23
C LYS A 205 -11.36 -20.28 14.85
N SER A 206 -10.66 -19.65 15.79
CA SER A 206 -9.33 -19.11 15.60
C SER A 206 -8.19 -20.06 15.34
N MET A 207 -7.06 -19.48 14.93
CA MET A 207 -5.87 -20.25 14.64
C MET A 207 -5.29 -20.74 15.95
N ASN A 208 -4.72 -21.93 15.97
CA ASN A 208 -4.07 -22.48 17.16
C ASN A 208 -3.45 -23.78 16.78
N PRO A 209 -2.16 -24.00 17.08
CA PRO A 209 -1.47 -25.22 16.72
C PRO A 209 -1.99 -26.45 17.41
N GLU A 210 -2.84 -26.25 18.40
CA GLU A 210 -3.41 -27.36 19.13
C GLU A 210 -4.56 -27.98 18.32
N HIS A 211 -5.19 -27.16 17.51
CA HIS A 211 -6.29 -27.58 16.65
C HIS A 211 -6.19 -26.65 15.45
N PRO A 212 -5.29 -26.95 14.51
CA PRO A 212 -5.03 -26.19 13.31
C PRO A 212 -5.98 -26.38 12.17
N HIS A 213 -5.90 -25.44 11.23
CA HIS A 213 -6.67 -25.39 9.99
C HIS A 213 -5.90 -24.43 9.10
N VAL A 214 -6.10 -24.53 7.79
CA VAL A 214 -5.42 -23.63 6.87
C VAL A 214 -6.41 -22.67 6.24
N ARG A 215 -6.04 -21.41 6.26
CA ARG A 215 -6.83 -20.31 5.69
C ARG A 215 -5.99 -19.51 4.69
N GLY A 216 -6.66 -18.83 3.76
CA GLY A 216 -5.94 -18.05 2.79
C GLY A 216 -5.74 -18.75 1.46
N THR A 217 -5.92 -20.07 1.44
CA THR A 217 -5.80 -20.90 0.23
C THR A 217 -6.04 -20.21 -1.12
N ALA A 218 -5.37 -20.71 -2.15
CA ALA A 218 -5.47 -20.20 -3.51
C ALA A 218 -6.49 -21.13 -4.15
N GLN A 219 -7.56 -20.59 -4.71
CA GLN A 219 -8.61 -21.40 -5.34
C GLN A 219 -8.72 -21.12 -6.81
N ASN A 220 -9.04 -22.18 -7.56
CA ASN A 220 -9.18 -22.11 -9.03
C ASN A 220 -10.56 -21.64 -9.49
N PRO A 221 -10.92 -21.86 -10.75
CA PRO A 221 -12.25 -21.35 -11.07
C PRO A 221 -13.40 -22.28 -10.67
N ASP A 222 -13.08 -23.57 -10.51
CA ASP A 222 -14.07 -24.55 -10.16
C ASP A 222 -14.77 -24.31 -8.83
N ILE A 223 -14.05 -23.77 -7.85
CA ILE A 223 -14.62 -23.51 -6.56
C ILE A 223 -14.56 -22.06 -6.04
N TYR A 224 -13.86 -21.14 -6.72
CA TYR A 224 -13.80 -19.78 -6.20
C TYR A 224 -15.18 -19.19 -6.13
N PHE A 225 -15.84 -19.04 -7.27
CA PHE A 225 -17.18 -18.44 -7.27
C PHE A 225 -18.11 -18.91 -6.16
N GLN A 226 -18.16 -20.21 -5.89
CA GLN A 226 -19.00 -20.75 -4.82
C GLN A 226 -18.58 -20.27 -3.43
N GLY A 227 -17.35 -20.60 -3.03
CA GLY A 227 -16.82 -20.21 -1.74
C GLY A 227 -16.98 -18.74 -1.43
N ARG A 228 -17.14 -17.92 -2.46
CA ARG A 228 -17.33 -16.47 -2.34
C ARG A 228 -18.77 -16.16 -1.91
N GLU A 229 -19.71 -16.93 -2.43
CA GLU A 229 -21.10 -16.71 -2.07
C GLU A 229 -21.43 -17.41 -0.76
N ALA A 230 -20.51 -18.25 -0.28
CA ALA A 230 -20.76 -18.97 0.96
C ALA A 230 -21.00 -18.15 2.21
N ALA A 231 -20.68 -16.86 2.17
CA ALA A 231 -20.88 -15.99 3.36
C ALA A 231 -22.21 -15.23 3.40
N ASN A 232 -23.03 -15.42 2.38
CA ASN A 232 -24.31 -14.74 2.30
C ASN A 232 -25.17 -14.71 3.57
N PRO A 233 -25.48 -15.88 4.13
CA PRO A 233 -26.32 -15.91 5.33
C PRO A 233 -25.88 -14.88 6.38
N TYR A 234 -24.58 -14.64 6.49
CA TYR A 234 -24.05 -13.66 7.44
C TYR A 234 -24.46 -12.25 7.09
N TYR A 235 -24.24 -11.85 5.86
CA TYR A 235 -24.60 -10.48 5.49
C TYR A 235 -26.09 -10.27 5.52
N LEU A 236 -26.82 -11.37 5.49
CA LEU A 236 -28.27 -11.30 5.57
C LEU A 236 -28.61 -10.97 7.01
N LYS A 237 -27.84 -11.52 7.96
CA LYS A 237 -28.10 -11.30 9.37
C LYS A 237 -27.41 -10.09 9.99
N VAL A 238 -26.45 -9.48 9.30
CA VAL A 238 -25.81 -8.34 9.95
C VAL A 238 -26.74 -7.12 10.23
N PRO A 239 -27.84 -6.93 9.46
CA PRO A 239 -28.74 -5.79 9.72
C PRO A 239 -29.59 -5.98 10.98
N GLY A 240 -30.22 -7.12 11.13
CA GLY A 240 -31.04 -7.38 12.30
C GLY A 240 -30.17 -7.31 13.52
N ILE A 241 -28.94 -7.82 13.40
CA ILE A 241 -27.98 -7.80 14.50
C ILE A 241 -27.66 -6.36 14.88
N VAL A 242 -27.59 -5.48 13.89
CA VAL A 242 -27.33 -4.06 14.19
C VAL A 242 -28.56 -3.49 14.85
N ALA A 243 -29.74 -3.82 14.34
CA ALA A 243 -30.98 -3.32 14.89
C ALA A 243 -31.15 -3.83 16.31
N GLU A 244 -30.76 -5.09 16.54
CA GLU A 244 -30.87 -5.71 17.87
C GLU A 244 -30.08 -4.93 18.89
N TYR A 245 -28.87 -4.53 18.50
CA TYR A 245 -28.00 -3.79 19.38
C TYR A 245 -28.32 -2.33 19.49
N MET A 246 -28.86 -1.71 18.45
CA MET A 246 -29.21 -0.31 18.57
C MET A 246 -30.31 -0.29 19.63
N GLN A 247 -31.06 -1.38 19.68
CA GLN A 247 -32.15 -1.55 20.64
C GLN A 247 -31.71 -1.83 22.06
N LYS A 248 -30.73 -2.73 22.23
CA LYS A 248 -30.20 -3.04 23.55
C LYS A 248 -29.55 -1.80 24.16
N VAL A 249 -28.65 -1.18 23.42
CA VAL A 249 -27.99 0.01 23.93
C VAL A 249 -29.01 1.08 24.30
N ALA A 250 -30.05 1.22 23.48
CA ALA A 250 -31.05 2.22 23.76
C ALA A 250 -31.72 1.87 25.07
N SER A 251 -31.84 0.58 25.35
CA SER A 251 -32.45 0.13 26.58
C SER A 251 -31.71 0.71 27.78
N LEU A 252 -30.38 0.72 27.72
CA LEU A 252 -29.58 1.28 28.80
C LEU A 252 -29.41 2.79 28.68
N THR A 253 -29.46 3.34 27.46
CA THR A 253 -29.20 4.77 27.30
C THR A 253 -30.37 5.72 27.16
N GLY A 254 -31.41 5.28 26.47
CA GLY A 254 -32.56 6.14 26.27
C GLY A 254 -32.44 6.76 24.88
N ARG A 255 -31.26 6.58 24.28
CA ARG A 255 -31.04 7.11 22.96
C ARG A 255 -31.28 5.95 22.00
N SER A 256 -32.38 6.01 21.25
CA SER A 256 -32.81 4.98 20.27
C SER A 256 -32.42 5.21 18.80
N TYR A 257 -32.08 4.14 18.10
CA TYR A 257 -31.65 4.26 16.70
C TYR A 257 -32.28 3.22 15.78
N LYS A 258 -32.31 3.55 14.50
CA LYS A 258 -32.83 2.67 13.48
C LYS A 258 -31.82 2.66 12.37
N LEU A 259 -31.85 1.63 11.52
CA LEU A 259 -30.93 1.53 10.39
C LEU A 259 -30.95 2.82 9.59
N PHE A 260 -32.14 3.36 9.34
CA PHE A 260 -32.35 4.65 8.64
C PHE A 260 -33.47 5.28 9.48
N ASP A 261 -33.36 6.56 9.79
CA ASP A 261 -34.32 7.24 10.63
C ASP A 261 -34.91 8.50 10.05
N TYR A 262 -36.22 8.65 10.17
CA TYR A 262 -36.89 9.85 9.66
C TYR A 262 -37.04 10.95 10.70
N VAL A 263 -36.91 12.19 10.26
CA VAL A 263 -37.06 13.32 11.13
C VAL A 263 -37.79 14.33 10.28
N GLY A 264 -38.69 15.09 10.89
CA GLY A 264 -39.46 16.06 10.15
C GLY A 264 -40.94 15.74 10.07
N ALA A 265 -41.64 16.44 9.18
CA ALA A 265 -43.08 16.30 8.99
C ALA A 265 -43.57 14.99 8.43
N PRO A 266 -44.64 14.44 9.02
CA PRO A 266 -45.21 13.16 8.56
C PRO A 266 -45.77 13.27 7.17
N ASP A 267 -46.20 14.46 6.78
CA ASP A 267 -46.74 14.70 5.44
C ASP A 267 -45.81 15.62 4.62
N ALA A 268 -44.51 15.49 4.87
CA ALA A 268 -43.53 16.28 4.15
C ALA A 268 -43.62 15.89 2.71
N GLU A 269 -43.45 16.85 1.81
CA GLU A 269 -43.48 16.57 0.39
C GLU A 269 -42.09 16.50 -0.18
N ARG A 270 -41.18 17.22 0.48
CA ARG A 270 -39.79 17.32 0.08
C ARG A 270 -38.96 16.69 1.17
N VAL A 271 -38.38 15.53 0.92
CA VAL A 271 -37.55 14.85 1.93
C VAL A 271 -36.09 14.86 1.48
N ILE A 272 -35.14 14.81 2.43
CA ILE A 272 -33.70 14.80 2.12
C ILE A 272 -33.10 13.54 2.74
N VAL A 273 -32.14 12.92 2.04
CA VAL A 273 -31.46 11.74 2.56
C VAL A 273 -30.05 12.18 2.79
N SER A 274 -29.59 12.17 4.03
CA SER A 274 -28.21 12.61 4.27
C SER A 274 -27.51 11.58 5.15
N MET A 275 -26.23 11.75 5.40
CA MET A 275 -25.46 10.82 6.22
C MET A 275 -24.25 11.54 6.76
N GLY A 276 -23.98 11.34 8.04
CA GLY A 276 -22.86 12.04 8.63
C GLY A 276 -23.43 13.24 9.36
N SER A 277 -22.60 14.20 9.74
CA SER A 277 -23.09 15.34 10.52
C SER A 277 -24.00 16.32 9.86
N SER A 278 -24.21 16.22 8.56
CA SER A 278 -25.07 17.19 7.92
C SER A 278 -26.43 17.06 8.56
N CYS A 279 -26.81 15.84 8.90
CA CYS A 279 -28.11 15.59 9.49
C CYS A 279 -28.46 16.51 10.67
N GLU A 280 -27.52 16.75 11.58
CA GLU A 280 -27.78 17.57 12.72
C GLU A 280 -28.22 18.94 12.27
N THR A 281 -27.41 19.57 11.44
CA THR A 281 -27.76 20.89 10.93
C THR A 281 -29.03 20.85 10.10
N ILE A 282 -29.23 19.80 9.32
CA ILE A 282 -30.44 19.72 8.53
C ILE A 282 -31.64 19.64 9.46
N GLU A 283 -31.51 18.86 10.54
CA GLU A 283 -32.58 18.65 11.50
C GLU A 283 -32.94 19.95 12.15
N GLU A 284 -31.91 20.69 12.49
CA GLU A 284 -32.09 21.97 13.11
C GLU A 284 -32.88 22.93 12.26
N VAL A 285 -32.71 22.84 10.94
CA VAL A 285 -33.43 23.74 10.03
C VAL A 285 -34.82 23.23 9.81
N ILE A 286 -34.92 21.92 9.81
CA ILE A 286 -36.18 21.30 9.63
C ILE A 286 -37.10 21.86 10.68
N ASN A 287 -36.68 21.86 11.95
CA ASN A 287 -37.52 22.39 13.02
C ASN A 287 -37.99 23.80 12.74
N HIS A 288 -37.04 24.67 12.43
CA HIS A 288 -37.32 26.06 12.16
C HIS A 288 -38.38 26.18 11.08
N LEU A 289 -38.04 25.72 9.88
CA LEU A 289 -38.94 25.74 8.73
C LEU A 289 -40.29 25.09 9.02
N ALA A 290 -40.28 23.96 9.68
CA ALA A 290 -41.51 23.24 9.97
C ALA A 290 -42.44 24.00 10.90
N ALA A 291 -41.85 24.71 11.86
CA ALA A 291 -42.62 25.51 12.80
C ALA A 291 -43.45 26.54 12.00
N LYS A 292 -42.99 26.80 10.78
CA LYS A 292 -43.60 27.74 9.86
C LYS A 292 -44.58 27.11 8.89
N GLY A 293 -44.88 25.82 9.05
CA GLY A 293 -45.81 25.16 8.14
C GLY A 293 -45.26 24.39 6.92
N GLU A 294 -43.93 24.33 6.78
CA GLU A 294 -43.35 23.63 5.66
C GLU A 294 -43.35 22.10 5.77
N LYS A 295 -43.66 21.46 4.65
CA LYS A 295 -43.71 20.02 4.58
C LYS A 295 -42.40 19.44 4.11
N ILE A 296 -41.41 19.47 4.99
CA ILE A 296 -40.09 18.95 4.66
C ILE A 296 -39.65 17.86 5.64
N GLY A 297 -38.79 16.95 5.20
CA GLY A 297 -38.33 15.90 6.09
C GLY A 297 -36.87 15.52 5.87
N LEU A 298 -36.40 14.47 6.56
CA LEU A 298 -35.02 13.98 6.46
C LEU A 298 -34.90 12.53 6.90
N ILE A 299 -34.14 11.74 6.15
CA ILE A 299 -33.88 10.35 6.53
C ILE A 299 -32.39 10.38 6.79
N LYS A 300 -32.01 10.16 8.04
CA LYS A 300 -30.60 10.16 8.38
C LYS A 300 -30.18 8.71 8.18
N VAL A 301 -29.14 8.43 7.41
CA VAL A 301 -28.76 7.04 7.27
C VAL A 301 -27.76 6.66 8.37
N ARG A 302 -27.98 5.48 8.95
CA ARG A 302 -27.12 4.95 10.00
C ARG A 302 -26.32 3.82 9.40
N LEU A 303 -27.00 2.75 9.03
CA LEU A 303 -26.33 1.61 8.46
C LEU A 303 -26.36 1.63 6.94
N TYR A 304 -25.25 2.16 6.40
CA TYR A 304 -24.98 2.32 4.97
C TYR A 304 -24.66 1.01 4.25
N ARG A 305 -24.15 0.04 4.99
CA ARG A 305 -23.81 -1.25 4.43
C ARG A 305 -23.88 -2.27 5.52
N PRO A 306 -24.69 -3.32 5.34
CA PRO A 306 -25.55 -3.54 4.17
C PRO A 306 -26.67 -2.50 4.03
N PHE A 307 -27.09 -2.27 2.80
CA PHE A 307 -28.13 -1.28 2.53
C PHE A 307 -29.48 -1.94 2.49
N VAL A 308 -30.20 -1.94 3.60
CA VAL A 308 -31.50 -2.57 3.65
C VAL A 308 -32.55 -1.66 3.07
N SER A 309 -33.00 -1.96 1.85
CA SER A 309 -34.02 -1.15 1.17
C SER A 309 -35.28 -1.12 1.99
N GLU A 310 -35.65 -2.30 2.51
CA GLU A 310 -36.83 -2.45 3.34
C GLU A 310 -36.90 -1.39 4.46
N ALA A 311 -35.76 -1.15 5.10
CA ALA A 311 -35.67 -0.17 6.16
C ALA A 311 -35.59 1.21 5.60
N PHE A 312 -35.07 1.36 4.38
CA PHE A 312 -34.97 2.68 3.79
C PHE A 312 -36.39 3.15 3.69
N PHE A 313 -37.19 2.35 3.02
CA PHE A 313 -38.55 2.74 2.83
C PHE A 313 -39.32 2.98 4.06
N ALA A 314 -39.14 2.13 5.07
CA ALA A 314 -39.86 2.32 6.33
C ALA A 314 -39.56 3.66 6.99
N ALA A 315 -38.74 4.50 6.36
CA ALA A 315 -38.43 5.80 6.94
C ALA A 315 -38.82 6.94 6.02
N LEU A 316 -39.21 6.62 4.80
CA LEU A 316 -39.59 7.64 3.84
C LEU A 316 -41.08 7.85 3.83
N PRO A 317 -41.57 9.05 4.21
CA PRO A 317 -43.01 9.35 4.23
C PRO A 317 -43.62 9.05 2.89
N ALA A 318 -44.87 8.61 2.87
CA ALA A 318 -45.56 8.27 1.63
C ALA A 318 -45.86 9.50 0.77
N SER A 319 -45.82 10.68 1.38
CA SER A 319 -46.11 11.91 0.66
C SER A 319 -44.88 12.55 0.02
N ALA A 320 -43.73 11.93 0.19
CA ALA A 320 -42.55 12.51 -0.42
C ALA A 320 -42.80 12.59 -1.92
N LYS A 321 -42.83 13.80 -2.43
CA LYS A 321 -43.03 13.99 -3.86
C LYS A 321 -41.75 14.29 -4.67
N VAL A 322 -40.68 14.65 -3.96
CA VAL A 322 -39.37 14.97 -4.55
C VAL A 322 -38.41 14.61 -3.42
N ILE A 323 -37.25 14.02 -3.73
CA ILE A 323 -36.31 13.69 -2.67
C ILE A 323 -34.89 13.86 -3.14
N THR A 324 -34.09 14.63 -2.42
CA THR A 324 -32.71 14.82 -2.84
C THR A 324 -31.76 14.17 -1.89
N VAL A 325 -30.86 13.38 -2.47
CA VAL A 325 -29.86 12.62 -1.73
C VAL A 325 -28.55 13.36 -1.65
N LEU A 326 -28.15 13.81 -0.47
CA LEU A 326 -26.89 14.54 -0.34
C LEU A 326 -25.68 13.61 -0.07
N ASP A 327 -24.64 13.79 -0.89
CA ASP A 327 -23.42 12.98 -0.82
C ASP A 327 -22.22 13.86 -0.48
N ARG A 328 -21.42 13.45 0.50
CA ARG A 328 -20.26 14.21 0.90
C ARG A 328 -19.04 13.67 0.18
N THR A 329 -19.07 13.68 -1.16
CA THR A 329 -17.96 13.13 -1.94
C THR A 329 -18.15 13.46 -3.42
N LYS A 330 -17.17 13.12 -4.24
CA LYS A 330 -17.26 13.36 -5.69
C LYS A 330 -16.54 12.27 -6.46
N GLU A 331 -17.29 11.39 -7.12
CA GLU A 331 -16.68 10.31 -7.90
C GLU A 331 -16.70 10.83 -9.30
N PRO A 332 -15.56 11.34 -9.77
CA PRO A 332 -15.39 11.91 -11.12
C PRO A 332 -15.83 10.94 -12.19
N GLY A 333 -16.78 11.31 -13.04
CA GLY A 333 -17.20 10.40 -14.11
C GLY A 333 -18.28 9.33 -13.88
N ALA A 334 -18.77 9.18 -12.65
CA ALA A 334 -19.82 8.21 -12.37
C ALA A 334 -21.09 8.94 -12.76
N PRO A 335 -22.21 8.25 -12.84
CA PRO A 335 -23.43 8.94 -13.22
C PRO A 335 -24.11 9.47 -11.99
N GLY A 336 -23.45 9.36 -10.85
CA GLY A 336 -24.03 9.84 -9.61
C GLY A 336 -23.19 9.33 -8.46
N ASP A 337 -23.33 9.91 -7.29
CA ASP A 337 -22.55 9.46 -6.16
C ASP A 337 -23.17 8.22 -5.51
N PRO A 338 -22.42 7.53 -4.62
CA PRO A 338 -22.90 6.30 -3.96
C PRO A 338 -24.23 6.33 -3.27
N LEU A 339 -24.42 7.24 -2.31
CA LEU A 339 -25.71 7.27 -1.63
C LEU A 339 -26.84 7.43 -2.64
N TYR A 340 -26.72 8.41 -3.53
CA TYR A 340 -27.73 8.66 -4.55
C TYR A 340 -27.92 7.43 -5.38
N LEU A 341 -26.83 6.78 -5.77
CA LEU A 341 -26.96 5.59 -6.59
C LEU A 341 -27.74 4.51 -5.87
N ASP A 342 -27.47 4.32 -4.57
CA ASP A 342 -28.14 3.30 -3.77
C ASP A 342 -29.65 3.58 -3.68
N VAL A 343 -30.03 4.75 -3.19
CA VAL A 343 -31.43 5.10 -3.07
C VAL A 343 -32.20 4.79 -4.36
N CYS A 344 -31.63 5.15 -5.51
CA CYS A 344 -32.26 4.93 -6.81
C CYS A 344 -32.63 3.47 -7.04
N SER A 345 -31.65 2.60 -6.85
CA SER A 345 -31.84 1.18 -7.06
C SER A 345 -32.98 0.65 -6.21
N ALA A 346 -33.23 1.31 -5.08
CA ALA A 346 -34.30 0.94 -4.16
C ALA A 346 -35.63 1.34 -4.80
N PHE A 347 -35.70 2.58 -5.25
CA PHE A 347 -36.88 3.09 -5.90
C PHE A 347 -37.30 2.32 -7.15
N VAL A 348 -36.33 1.90 -7.96
CA VAL A 348 -36.67 1.16 -9.18
C VAL A 348 -37.02 -0.26 -8.80
N GLU A 349 -36.16 -0.82 -7.97
CA GLU A 349 -36.34 -2.17 -7.50
C GLU A 349 -37.66 -2.29 -6.75
N ARG A 350 -38.21 -1.16 -6.28
CA ARG A 350 -39.49 -1.18 -5.57
C ARG A 350 -40.69 -1.33 -6.52
N GLY A 351 -40.56 -0.72 -7.70
CA GLY A 351 -41.60 -0.80 -8.73
C GLY A 351 -42.96 -0.24 -8.38
N GLU A 352 -43.03 0.99 -7.91
CA GLU A 352 -44.29 1.64 -7.54
C GLU A 352 -44.09 3.13 -7.76
N ALA A 353 -44.20 3.92 -6.70
CA ALA A 353 -44.01 5.35 -6.78
C ALA A 353 -42.59 5.63 -7.18
N MET A 354 -42.37 6.84 -7.70
CA MET A 354 -41.06 7.30 -8.12
C MET A 354 -40.96 8.83 -7.93
N PRO A 355 -40.81 9.29 -6.67
CA PRO A 355 -40.68 10.68 -6.21
C PRO A 355 -39.77 11.67 -6.94
N LYS A 356 -39.03 11.25 -7.95
CA LYS A 356 -38.12 12.16 -8.63
C LYS A 356 -37.03 12.40 -7.61
N ILE A 357 -35.94 11.68 -7.81
CA ILE A 357 -34.81 11.76 -6.95
C ILE A 357 -33.81 12.73 -7.56
N LEU A 358 -33.36 13.69 -6.77
CA LEU A 358 -32.39 14.67 -7.20
C LEU A 358 -31.14 14.35 -6.43
N ALA A 359 -29.97 14.60 -7.00
CA ALA A 359 -28.73 14.27 -6.33
C ALA A 359 -27.96 15.52 -6.07
N GLY A 360 -27.37 15.64 -4.88
CA GLY A 360 -26.61 16.85 -4.54
C GLY A 360 -25.35 16.61 -3.73
N ARG A 361 -24.39 17.51 -3.86
CA ARG A 361 -23.14 17.34 -3.15
C ARG A 361 -22.75 18.53 -2.28
N TYR A 362 -22.24 18.22 -1.11
CA TYR A 362 -21.88 19.23 -0.14
C TYR A 362 -20.65 18.86 0.66
N GLY A 363 -20.19 19.82 1.46
CA GLY A 363 -19.08 19.62 2.37
C GLY A 363 -17.73 19.03 2.04
N LEU A 364 -17.43 18.73 0.80
CA LEU A 364 -16.10 18.20 0.47
C LEU A 364 -15.02 19.00 1.19
N GLY A 365 -14.03 18.30 1.71
CA GLY A 365 -12.91 18.97 2.35
C GLY A 365 -13.21 19.84 3.53
N SER A 366 -14.33 19.56 4.19
CA SER A 366 -14.82 20.29 5.36
C SER A 366 -15.43 21.60 5.02
N LYS A 367 -15.94 21.73 3.80
CA LYS A 367 -16.62 22.95 3.40
C LYS A 367 -17.84 23.02 4.29
N GLU A 368 -18.28 24.23 4.56
CA GLU A 368 -19.44 24.41 5.43
C GLU A 368 -20.77 23.92 4.85
N PHE A 369 -21.60 23.39 5.76
CA PHE A 369 -22.94 22.95 5.43
C PHE A 369 -23.79 23.65 6.49
N SER A 370 -23.87 24.96 6.35
CA SER A 370 -24.63 25.80 7.23
C SER A 370 -26.12 25.67 6.92
N PRO A 371 -26.97 26.41 7.64
CA PRO A 371 -28.41 26.34 7.41
C PRO A 371 -28.89 26.95 6.11
N ALA A 372 -28.34 28.10 5.76
CA ALA A 372 -28.72 28.77 4.53
C ALA A 372 -28.62 27.78 3.36
N MET A 373 -27.53 27.01 3.34
CA MET A 373 -27.27 26.02 2.29
C MET A 373 -28.37 24.95 2.26
N VAL A 374 -28.84 24.55 3.44
CA VAL A 374 -29.89 23.53 3.53
C VAL A 374 -31.18 24.10 3.05
N LYS A 375 -31.38 25.37 3.39
CA LYS A 375 -32.56 26.11 2.96
C LYS A 375 -32.54 26.02 1.45
N SER A 376 -31.35 26.19 0.91
CA SER A 376 -31.12 26.16 -0.52
C SER A 376 -31.39 24.78 -1.15
N VAL A 377 -31.00 23.72 -0.45
CA VAL A 377 -31.22 22.37 -0.96
C VAL A 377 -32.72 22.22 -1.09
N TYR A 378 -33.42 22.66 -0.05
CA TYR A 378 -34.87 22.58 0.02
C TYR A 378 -35.59 23.39 -1.04
N ASP A 379 -35.24 24.67 -1.11
CA ASP A 379 -35.86 25.60 -2.05
C ASP A 379 -35.76 25.08 -3.47
N ASN A 380 -34.71 24.29 -3.69
CA ASN A 380 -34.46 23.73 -4.98
C ASN A 380 -35.48 22.67 -5.22
N MET A 381 -35.77 21.88 -4.21
CA MET A 381 -36.73 20.81 -4.40
C MET A 381 -38.07 21.37 -4.84
N SER A 382 -38.39 22.55 -4.36
CA SER A 382 -39.65 23.14 -4.75
C SER A 382 -39.53 24.09 -5.93
N GLY A 383 -38.35 24.62 -6.22
CA GLY A 383 -38.22 25.51 -7.36
C GLY A 383 -37.69 24.87 -8.63
N ALA A 384 -36.46 25.23 -8.97
CA ALA A 384 -35.77 24.74 -10.15
C ALA A 384 -35.62 23.24 -10.30
N LYS A 385 -35.39 22.52 -9.20
CA LYS A 385 -35.17 21.07 -9.25
C LYS A 385 -33.91 20.72 -10.04
N LYS A 386 -32.87 21.53 -9.84
CA LYS A 386 -31.58 21.33 -10.49
C LYS A 386 -31.08 19.99 -9.99
N ASN A 387 -30.71 19.12 -10.88
CA ASN A 387 -30.22 17.84 -10.43
C ASN A 387 -28.71 17.94 -10.42
N HIS A 388 -28.07 17.01 -9.74
CA HIS A 388 -26.61 16.96 -9.64
C HIS A 388 -25.98 18.33 -9.43
N PHE A 389 -26.33 18.95 -8.32
CA PHE A 389 -25.80 20.27 -8.02
C PHE A 389 -24.70 20.18 -6.95
N THR A 390 -24.17 21.34 -6.58
CA THR A 390 -23.17 21.42 -5.51
C THR A 390 -23.72 22.53 -4.62
N VAL A 391 -23.40 22.52 -3.33
CA VAL A 391 -23.87 23.57 -2.43
C VAL A 391 -22.71 23.96 -1.59
N GLY A 392 -22.37 25.22 -1.60
CA GLY A 392 -21.28 25.64 -0.76
C GLY A 392 -20.21 26.29 -1.57
N ILE A 393 -20.29 26.11 -2.88
CA ILE A 393 -19.33 26.72 -3.77
C ILE A 393 -20.01 27.52 -4.88
N GLU A 394 -19.29 28.44 -5.49
CA GLU A 394 -19.86 29.11 -6.63
C GLU A 394 -19.20 28.42 -7.80
N ASP A 395 -19.96 27.56 -8.45
CA ASP A 395 -19.39 26.89 -9.56
C ASP A 395 -19.70 27.65 -10.79
N ASP A 396 -18.79 28.51 -11.16
CA ASP A 396 -18.98 29.29 -12.37
C ASP A 396 -18.42 28.64 -13.61
N VAL A 397 -17.74 27.49 -13.52
CA VAL A 397 -17.26 26.91 -14.77
C VAL A 397 -18.26 25.89 -15.32
N THR A 398 -18.69 24.94 -14.50
CA THR A 398 -19.63 23.94 -14.97
C THR A 398 -21.06 24.42 -14.70
N GLY A 399 -21.24 25.23 -13.67
CA GLY A 399 -22.55 25.77 -13.34
C GLY A 399 -23.47 24.76 -12.73
N THR A 400 -22.99 24.11 -11.69
CA THR A 400 -23.74 23.08 -10.98
C THR A 400 -24.12 23.47 -9.58
N SER A 401 -23.60 24.58 -9.08
CA SER A 401 -23.89 25.01 -7.71
C SER A 401 -25.21 25.71 -7.54
N LEU A 402 -25.78 25.51 -6.36
CA LEU A 402 -27.04 26.09 -5.94
C LEU A 402 -26.74 27.48 -5.39
N PRO A 403 -27.65 28.43 -5.58
CA PRO A 403 -27.37 29.75 -5.04
C PRO A 403 -27.60 29.66 -3.54
N VAL A 404 -26.93 30.52 -2.78
CA VAL A 404 -27.13 30.50 -1.35
C VAL A 404 -27.39 31.92 -0.90
N ASP A 405 -28.36 32.02 -0.01
CA ASP A 405 -28.83 33.27 0.54
C ASP A 405 -28.50 33.32 2.02
N ASN A 406 -27.50 34.13 2.37
CA ASN A 406 -27.08 34.29 3.74
C ASN A 406 -28.02 35.11 4.59
N ALA A 407 -28.98 35.78 3.97
CA ALA A 407 -29.92 36.54 4.76
C ALA A 407 -30.78 35.56 5.58
N PHE A 408 -30.68 34.26 5.30
CA PHE A 408 -31.44 33.25 6.02
C PHE A 408 -31.27 33.50 7.51
N ALA A 409 -32.36 33.38 8.24
CA ALA A 409 -32.38 33.60 9.67
C ALA A 409 -31.48 32.63 10.45
N ASP A 410 -31.35 32.87 11.76
CA ASP A 410 -30.56 32.03 12.67
C ASP A 410 -31.54 30.94 13.04
N THR A 411 -31.08 29.71 13.12
CA THR A 411 -32.00 28.63 13.41
C THR A 411 -31.67 27.84 14.66
N THR A 412 -30.74 28.34 15.48
CA THR A 412 -30.39 27.61 16.70
C THR A 412 -31.60 27.68 17.65
N PRO A 413 -31.71 26.72 18.57
CA PRO A 413 -32.86 26.79 19.46
C PRO A 413 -32.99 28.09 20.24
N LYS A 414 -34.17 28.32 20.77
CA LYS A 414 -34.38 29.49 21.57
C LYS A 414 -33.55 29.37 22.83
N GLY A 415 -32.91 30.46 23.23
CA GLY A 415 -32.11 30.48 24.44
C GLY A 415 -30.75 29.83 24.23
N THR A 416 -29.99 30.36 23.27
CA THR A 416 -28.70 29.80 22.97
C THR A 416 -27.72 30.93 22.73
N ILE A 417 -26.67 30.95 23.55
CA ILE A 417 -25.62 31.93 23.41
C ILE A 417 -24.62 31.33 22.41
N GLN A 418 -24.20 32.13 21.44
CA GLN A 418 -23.23 31.69 20.47
C GLN A 418 -22.04 32.62 20.66
N CYS A 419 -20.84 32.05 20.79
CA CYS A 419 -19.64 32.85 21.00
C CYS A 419 -18.57 32.56 19.98
N GLN A 420 -17.66 33.51 19.79
CA GLN A 420 -16.51 33.39 18.88
C GLN A 420 -15.38 34.16 19.49
N PHE A 421 -14.19 33.58 19.42
CA PHE A 421 -13.00 34.18 19.98
C PHE A 421 -11.89 34.19 18.95
N TRP A 422 -11.25 35.32 18.81
CA TRP A 422 -10.18 35.44 17.86
C TRP A 422 -8.87 35.54 18.65
N GLY A 423 -7.93 34.65 18.43
CA GLY A 423 -6.69 34.73 19.18
C GLY A 423 -5.43 34.40 18.41
N LEU A 424 -4.30 34.63 19.04
CA LEU A 424 -2.99 34.36 18.46
C LEU A 424 -2.56 33.00 18.97
N GLY A 425 -1.75 32.27 18.20
CA GLY A 425 -1.35 30.96 18.66
C GLY A 425 -0.60 31.04 19.98
N ALA A 426 -0.87 30.12 20.89
CA ALA A 426 -0.19 30.05 22.18
C ALA A 426 -0.38 31.21 23.19
N ASP A 427 -1.59 31.77 23.17
CA ASP A 427 -1.98 32.80 24.13
C ASP A 427 -2.97 32.13 25.10
N GLY A 428 -3.15 30.82 24.92
CA GLY A 428 -4.05 30.09 25.79
C GLY A 428 -5.53 30.27 25.52
N THR A 429 -5.90 30.99 24.47
CA THR A 429 -7.31 31.18 24.18
C THR A 429 -8.07 29.87 24.10
N VAL A 430 -7.65 29.00 23.17
CA VAL A 430 -8.29 27.71 22.98
C VAL A 430 -8.35 26.94 24.30
N GLY A 431 -7.24 26.91 25.02
CA GLY A 431 -7.24 26.21 26.29
C GLY A 431 -8.37 26.76 27.13
N ALA A 432 -8.35 28.06 27.40
CA ALA A 432 -9.38 28.71 28.21
C ALA A 432 -10.76 28.30 27.72
N ASN A 433 -10.95 28.29 26.40
CA ASN A 433 -12.23 27.92 25.83
C ASN A 433 -12.61 26.54 26.26
N LYS A 434 -11.71 25.57 26.11
CA LYS A 434 -12.01 24.19 26.51
C LYS A 434 -12.31 24.11 28.00
N GLN A 435 -11.70 25.00 28.76
CA GLN A 435 -11.90 25.03 30.19
C GLN A 435 -13.30 25.56 30.49
N ALA A 436 -13.66 26.70 29.93
CA ALA A 436 -14.97 27.28 30.15
C ALA A 436 -16.07 26.33 29.79
N ILE A 437 -15.75 25.31 29.02
CA ILE A 437 -16.78 24.36 28.63
C ILE A 437 -16.93 23.32 29.70
N LYS A 438 -15.81 22.82 30.23
CA LYS A 438 -15.86 21.84 31.32
C LYS A 438 -16.58 22.51 32.49
N ILE A 439 -16.15 23.72 32.83
CA ILE A 439 -16.72 24.49 33.92
C ILE A 439 -18.22 24.72 33.78
N ILE A 440 -18.65 25.26 32.64
CA ILE A 440 -20.05 25.53 32.41
C ILE A 440 -20.76 24.18 32.39
N GLY A 441 -20.47 23.35 31.40
CA GLY A 441 -21.10 22.04 31.34
C GLY A 441 -21.18 21.20 32.61
N ASP A 442 -20.20 21.32 33.52
CA ASP A 442 -20.17 20.51 34.75
C ASP A 442 -20.89 21.14 35.95
N ASN A 443 -21.17 22.44 35.88
CA ASN A 443 -21.78 23.15 37.01
C ASN A 443 -23.10 23.83 36.68
N THR A 444 -23.61 23.50 35.50
CA THR A 444 -24.87 24.00 35.02
C THR A 444 -25.39 22.82 34.24
N ASP A 445 -26.66 22.80 33.84
CA ASP A 445 -27.11 21.68 33.03
C ASP A 445 -27.57 22.12 31.62
N LEU A 446 -26.75 23.00 31.06
CA LEU A 446 -26.88 23.57 29.74
C LEU A 446 -25.98 22.76 28.83
N PHE A 447 -26.31 22.69 27.54
CA PHE A 447 -25.48 21.95 26.59
C PHE A 447 -24.37 22.87 26.13
N ALA A 448 -23.16 22.35 26.00
CA ALA A 448 -22.03 23.15 25.60
C ALA A 448 -21.45 22.56 24.34
N GLN A 449 -21.01 23.40 23.43
CA GLN A 449 -20.44 22.87 22.21
C GLN A 449 -19.27 23.74 21.92
N GLY A 450 -18.23 23.16 21.35
CA GLY A 450 -17.06 23.93 21.04
C GLY A 450 -16.37 23.40 19.80
N TYR A 451 -16.00 24.30 18.89
CA TYR A 451 -15.35 23.95 17.66
C TYR A 451 -14.28 24.99 17.47
N PHE A 452 -13.09 24.57 17.06
CA PHE A 452 -11.97 25.49 16.92
C PHE A 452 -11.30 25.56 15.52
N SER A 453 -11.39 26.71 14.87
CA SER A 453 -10.76 26.91 13.57
C SER A 453 -9.32 27.21 13.87
N TYR A 454 -8.42 26.64 13.09
CA TYR A 454 -7.02 26.85 13.36
C TYR A 454 -6.32 27.66 12.30
N ASP A 455 -5.01 27.44 12.18
CA ASP A 455 -4.18 28.18 11.24
C ASP A 455 -3.14 27.22 10.65
N SER A 456 -2.85 27.36 9.36
CA SER A 456 -1.85 26.50 8.74
C SER A 456 -0.43 26.96 9.13
N LYS A 457 -0.31 28.24 9.52
CA LYS A 457 0.96 28.81 9.97
C LYS A 457 1.23 28.29 11.35
N LYS A 458 2.39 27.65 11.46
CA LYS A 458 2.84 27.04 12.71
C LYS A 458 3.25 28.04 13.79
N SER A 459 3.84 29.16 13.40
CA SER A 459 4.20 30.12 14.40
C SER A 459 3.37 31.37 14.18
N GLY A 460 2.79 31.87 15.28
CA GLY A 460 1.97 33.08 15.29
C GLY A 460 0.70 33.05 14.47
N GLY A 461 0.26 31.86 14.11
CA GLY A 461 -0.95 31.72 13.31
C GLY A 461 -2.19 32.13 14.10
N ILE A 462 -3.22 32.58 13.39
CA ILE A 462 -4.46 33.00 14.04
C ILE A 462 -5.23 31.77 14.48
N THR A 463 -6.31 31.97 15.19
CA THR A 463 -7.12 30.87 15.68
C THR A 463 -8.42 31.46 16.12
N ILE A 464 -9.51 30.94 15.55
CA ILE A 464 -10.83 31.44 15.89
C ILE A 464 -11.62 30.28 16.44
N SER A 465 -12.26 30.51 17.59
CA SER A 465 -13.04 29.50 18.29
C SER A 465 -14.55 29.74 18.19
N HIS A 466 -15.35 28.68 18.22
CA HIS A 466 -16.78 28.88 18.21
C HIS A 466 -17.33 28.09 19.34
N LEU A 467 -17.90 28.77 20.33
CA LEU A 467 -18.50 28.08 21.47
C LEU A 467 -20.00 28.29 21.47
N ARG A 468 -20.75 27.41 22.10
CA ARG A 468 -22.20 27.56 22.15
C ARG A 468 -22.76 26.91 23.37
N PHE A 469 -23.68 27.61 24.01
CA PHE A 469 -24.31 27.12 25.21
C PHE A 469 -25.79 27.34 25.00
N GLY A 470 -26.60 26.48 25.59
CA GLY A 470 -28.03 26.61 25.45
C GLY A 470 -28.76 25.57 26.28
N GLU A 471 -30.01 25.86 26.61
CA GLU A 471 -30.81 24.94 27.38
C GLU A 471 -31.21 23.70 26.58
N LYS A 472 -31.19 23.82 25.26
CA LYS A 472 -31.54 22.71 24.36
C LYS A 472 -30.32 22.06 23.72
N PRO A 473 -30.41 20.76 23.35
CA PRO A 473 -29.26 20.11 22.73
C PRO A 473 -28.94 20.83 21.46
N ILE A 474 -27.63 21.04 21.29
CA ILE A 474 -27.05 21.78 20.18
C ILE A 474 -26.72 20.94 18.95
N GLN A 475 -27.57 21.06 17.94
CA GLN A 475 -27.41 20.33 16.69
C GLN A 475 -26.76 21.16 15.62
N SER A 476 -26.14 22.26 16.01
CA SER A 476 -25.52 23.12 15.03
C SER A 476 -24.12 22.69 14.68
N THR A 477 -24.02 21.80 13.70
CA THR A 477 -22.71 21.34 13.28
C THR A 477 -22.26 22.24 12.13
N TYR A 478 -22.03 23.50 12.48
CA TYR A 478 -21.58 24.54 11.55
C TYR A 478 -20.97 25.67 12.39
N LEU A 479 -20.20 26.55 11.76
CA LEU A 479 -19.54 27.63 12.46
C LEU A 479 -20.55 28.64 12.94
N VAL A 480 -20.17 29.48 13.91
CA VAL A 480 -21.09 30.47 14.43
C VAL A 480 -21.13 31.68 13.51
N ASN A 481 -22.32 32.14 13.09
CA ASN A 481 -22.42 33.35 12.26
C ASN A 481 -23.07 34.53 12.96
N ARG A 482 -24.11 34.28 13.72
CA ARG A 482 -24.76 35.36 14.43
C ARG A 482 -24.23 35.29 15.85
N ALA A 483 -23.06 35.89 16.10
CA ALA A 483 -22.47 35.88 17.44
C ALA A 483 -23.12 36.81 18.44
N ASP A 484 -23.25 36.31 19.66
CA ASP A 484 -23.81 37.08 20.77
C ASP A 484 -22.64 37.83 21.41
N TYR A 485 -21.50 37.14 21.57
CA TYR A 485 -20.30 37.70 22.17
C TYR A 485 -19.09 37.37 21.29
N VAL A 486 -18.39 38.38 20.78
CA VAL A 486 -17.20 38.13 19.94
C VAL A 486 -16.07 38.74 20.71
N ALA A 487 -14.97 38.01 20.90
CA ALA A 487 -13.83 38.55 21.63
C ALA A 487 -12.59 38.52 20.77
N CYS A 488 -11.76 39.56 20.84
CA CYS A 488 -10.55 39.65 20.03
C CYS A 488 -9.28 39.77 20.89
N HIS A 489 -8.58 38.66 21.09
CA HIS A 489 -7.39 38.62 21.95
C HIS A 489 -6.03 39.07 21.40
N ASN A 490 -6.03 39.61 20.18
CA ASN A 490 -4.82 40.11 19.56
C ASN A 490 -5.27 41.34 18.85
N PRO A 491 -4.92 42.50 19.39
CA PRO A 491 -5.27 43.80 18.82
C PRO A 491 -4.97 43.92 17.33
N ALA A 492 -3.90 43.30 16.84
CA ALA A 492 -3.58 43.37 15.42
C ALA A 492 -4.70 42.93 14.47
N TYR A 493 -5.63 42.12 14.95
CA TYR A 493 -6.71 41.64 14.10
C TYR A 493 -7.68 42.71 13.63
N VAL A 494 -8.12 43.56 14.56
CA VAL A 494 -9.07 44.64 14.30
C VAL A 494 -8.90 45.25 12.91
N GLY A 495 -7.68 45.70 12.63
CA GLY A 495 -7.41 46.30 11.35
C GLY A 495 -7.60 45.37 10.16
N ILE A 496 -6.92 44.23 10.19
CA ILE A 496 -6.92 43.24 9.09
C ILE A 496 -8.06 42.26 8.78
N TYR A 497 -8.64 41.64 9.81
CA TYR A 497 -9.72 40.67 9.62
C TYR A 497 -11.12 41.19 9.90
N ASP A 498 -12.12 40.47 9.41
CA ASP A 498 -13.53 40.87 9.61
C ASP A 498 -14.06 40.38 10.97
N ILE A 499 -13.50 40.91 12.05
CA ILE A 499 -13.90 40.52 13.40
C ILE A 499 -15.40 40.52 13.74
N LEU A 500 -16.15 41.53 13.29
CA LEU A 500 -17.56 41.63 13.65
C LEU A 500 -18.61 41.08 12.70
N GLU A 501 -18.20 40.22 11.76
CA GLU A 501 -19.16 39.68 10.79
C GLU A 501 -20.29 38.99 11.47
N GLY A 502 -21.51 39.42 11.16
CA GLY A 502 -22.68 38.81 11.74
C GLY A 502 -23.07 39.02 13.19
N ILE A 503 -22.25 39.72 13.99
CA ILE A 503 -22.59 39.93 15.39
C ILE A 503 -24.00 40.47 15.54
N LYS A 504 -24.72 39.94 16.51
CA LYS A 504 -26.10 40.31 16.75
C LYS A 504 -26.21 41.72 17.30
N ASP A 505 -27.37 42.33 17.12
CA ASP A 505 -27.59 43.67 17.62
C ASP A 505 -27.38 43.71 19.12
N GLY A 506 -26.68 44.73 19.59
CA GLY A 506 -26.42 44.85 21.01
C GLY A 506 -25.60 43.66 21.49
N GLY A 507 -24.83 43.05 20.60
CA GLY A 507 -24.02 41.91 21.01
C GLY A 507 -22.76 42.46 21.64
N THR A 508 -22.43 42.01 22.84
CA THR A 508 -21.22 42.52 23.50
C THR A 508 -20.03 42.16 22.63
N PHE A 509 -18.93 42.88 22.78
CA PHE A 509 -17.71 42.66 21.97
C PHE A 509 -16.58 43.19 22.81
N VAL A 510 -15.62 42.33 23.10
CA VAL A 510 -14.48 42.76 23.89
C VAL A 510 -13.25 42.71 23.01
N LEU A 511 -12.31 43.58 23.32
CA LEU A 511 -11.10 43.70 22.56
C LEU A 511 -9.94 43.82 23.49
N ASN A 512 -8.92 43.06 23.23
CA ASN A 512 -7.74 43.18 24.03
C ASN A 512 -6.96 44.23 23.25
N SER A 513 -6.67 45.37 23.90
CA SER A 513 -5.94 46.49 23.28
C SER A 513 -5.65 47.59 24.30
N PRO A 514 -4.50 48.26 24.18
CA PRO A 514 -4.10 49.34 25.10
C PRO A 514 -4.67 50.73 24.77
N TRP A 515 -5.49 50.80 23.72
CA TRP A 515 -6.11 52.06 23.29
C TRP A 515 -7.26 52.31 24.25
N SER A 516 -6.94 52.59 25.51
CA SER A 516 -7.93 52.83 26.58
C SER A 516 -8.79 54.10 26.44
N SER A 517 -8.20 55.10 25.77
CA SER A 517 -8.83 56.39 25.55
C SER A 517 -9.46 56.48 24.19
N LEU A 518 -10.51 57.30 24.13
CA LEU A 518 -11.25 57.51 22.91
C LEU A 518 -10.30 57.99 21.84
N GLU A 519 -9.23 58.65 22.29
CA GLU A 519 -8.22 59.18 21.37
C GLU A 519 -7.50 58.09 20.63
N ASP A 520 -6.80 57.24 21.38
CA ASP A 520 -6.06 56.14 20.81
C ASP A 520 -7.04 55.22 20.13
N MET A 521 -8.12 54.91 20.83
CA MET A 521 -9.11 54.04 20.24
C MET A 521 -9.47 54.58 18.88
N ASP A 522 -9.76 55.87 18.80
CA ASP A 522 -10.11 56.47 17.52
C ASP A 522 -8.97 56.39 16.51
N LYS A 523 -7.73 56.47 16.98
CA LYS A 523 -6.60 56.45 16.07
C LYS A 523 -6.10 55.03 15.68
N HIS A 524 -6.93 54.01 15.87
CA HIS A 524 -6.59 52.61 15.54
C HIS A 524 -7.71 51.81 14.85
N LEU A 525 -8.88 51.72 15.51
CA LEU A 525 -10.02 51.01 14.95
C LEU A 525 -10.38 51.55 13.57
N PRO A 526 -10.64 50.67 12.58
CA PRO A 526 -11.00 51.18 11.25
C PRO A 526 -12.42 51.75 11.17
N SER A 527 -12.70 52.49 10.10
CA SER A 527 -14.02 53.08 9.95
C SER A 527 -15.11 52.04 10.11
N GLY A 528 -15.03 51.00 9.28
CA GLY A 528 -16.02 49.93 9.27
C GLY A 528 -16.40 49.40 10.62
N ILE A 529 -15.42 49.27 11.51
CA ILE A 529 -15.65 48.76 12.85
C ILE A 529 -16.36 49.74 13.76
N LYS A 530 -15.91 50.98 13.80
CA LYS A 530 -16.55 51.98 14.66
C LYS A 530 -18.02 52.05 14.29
N ARG A 531 -18.24 52.08 12.98
CA ARG A 531 -19.56 52.11 12.41
C ARG A 531 -20.35 50.88 12.85
N THR A 532 -19.77 49.70 12.62
CA THR A 532 -20.38 48.43 12.97
C THR A 532 -20.76 48.47 14.42
N ILE A 533 -19.80 48.84 15.26
CA ILE A 533 -20.01 48.92 16.69
C ILE A 533 -21.20 49.85 16.98
N ALA A 534 -21.33 50.89 16.17
CA ALA A 534 -22.38 51.88 16.32
C ALA A 534 -23.80 51.54 15.87
N ASN A 535 -24.03 51.35 14.57
CA ASN A 535 -25.39 51.07 14.08
C ASN A 535 -25.99 49.81 14.67
N LYS A 536 -25.15 48.82 14.96
CA LYS A 536 -25.62 47.58 15.55
C LYS A 536 -25.82 47.72 17.07
N LYS A 537 -25.50 48.90 17.59
CA LYS A 537 -25.65 49.21 19.01
C LYS A 537 -24.92 48.29 19.98
N LEU A 538 -23.75 47.81 19.57
CA LEU A 538 -22.93 46.91 20.40
C LEU A 538 -22.59 47.38 21.82
N LYS A 539 -22.12 46.45 22.63
CA LYS A 539 -21.69 46.76 23.96
C LYS A 539 -20.20 46.56 23.83
N PHE A 540 -19.50 47.58 23.44
CA PHE A 540 -18.08 47.48 23.25
C PHE A 540 -17.37 47.58 24.59
N TYR A 541 -16.51 46.61 24.91
CA TYR A 541 -15.69 46.64 26.13
C TYR A 541 -14.25 46.53 25.71
N ASN A 542 -13.41 47.51 26.01
CA ASN A 542 -12.01 47.37 25.65
C ASN A 542 -11.27 47.00 26.92
N ILE A 543 -10.26 46.13 26.81
CA ILE A 543 -9.47 45.74 27.96
C ILE A 543 -8.01 45.54 27.55
N ASP A 544 -7.12 46.13 28.35
CA ASP A 544 -5.69 46.07 28.15
C ASP A 544 -5.18 44.89 28.97
N ALA A 545 -5.61 43.70 28.58
CA ALA A 545 -5.22 42.46 29.24
C ALA A 545 -3.70 42.35 29.50
N VAL A 546 -2.89 42.76 28.53
CA VAL A 546 -1.44 42.65 28.66
C VAL A 546 -0.93 43.26 29.95
N LYS A 547 -1.27 44.52 30.14
CA LYS A 547 -0.90 45.30 31.32
C LYS A 547 -1.49 44.75 32.63
N ILE A 548 -2.79 44.49 32.66
CA ILE A 548 -3.36 43.94 33.88
C ILE A 548 -2.65 42.63 34.24
N ALA A 549 -2.25 41.88 33.22
CA ALA A 549 -1.56 40.62 33.46
C ALA A 549 -0.18 40.90 34.01
N THR A 550 0.47 41.92 33.46
CA THR A 550 1.81 42.25 33.93
C THR A 550 1.70 42.79 35.34
N ASP A 551 0.74 43.68 35.52
CA ASP A 551 0.46 44.31 36.79
C ASP A 551 0.26 43.27 37.88
N VAL A 552 -0.76 42.43 37.70
CA VAL A 552 -1.05 41.41 38.69
C VAL A 552 0.05 40.35 38.80
N GLY A 553 1.13 40.58 38.06
CA GLY A 553 2.27 39.68 38.14
C GLY A 553 2.37 38.57 37.14
N LEU A 554 1.30 38.31 36.40
CA LEU A 554 1.29 37.22 35.44
C LEU A 554 2.11 37.46 34.18
N GLY A 555 3.14 38.31 34.28
CA GLY A 555 3.98 38.59 33.14
C GLY A 555 3.28 38.73 31.79
N GLY A 556 2.44 39.73 31.65
CA GLY A 556 1.74 39.94 30.40
C GLY A 556 1.09 38.74 29.73
N ARG A 557 0.55 37.80 30.50
CA ARG A 557 -0.12 36.66 29.89
C ARG A 557 -1.63 36.83 30.03
N ILE A 558 -2.22 37.32 28.95
CA ILE A 558 -3.64 37.63 28.86
C ILE A 558 -4.70 36.55 28.99
N ASN A 559 -4.34 35.28 28.99
CA ASN A 559 -5.37 34.27 29.05
C ASN A 559 -6.42 34.33 30.15
N MET A 560 -5.98 34.37 31.40
CA MET A 560 -6.90 34.38 32.53
C MET A 560 -7.81 35.61 32.57
N ILE A 561 -7.34 36.73 32.03
CA ILE A 561 -8.12 37.96 31.99
C ILE A 561 -9.19 37.85 30.92
N MET A 562 -8.81 37.48 29.69
CA MET A 562 -9.77 37.34 28.60
C MET A 562 -10.74 36.21 28.90
N GLN A 563 -10.40 35.41 29.90
CA GLN A 563 -11.24 34.29 30.35
C GLN A 563 -12.29 34.91 31.28
N THR A 564 -11.86 35.90 32.06
CA THR A 564 -12.73 36.58 32.98
C THR A 564 -13.81 37.27 32.17
N ALA A 565 -13.41 38.07 31.18
CA ALA A 565 -14.37 38.78 30.33
C ALA A 565 -15.48 37.86 29.79
N PHE A 566 -15.11 36.65 29.37
CA PHE A 566 -16.10 35.74 28.87
C PHE A 566 -17.11 35.51 29.99
N PHE A 567 -16.69 34.84 31.07
CA PHE A 567 -17.58 34.52 32.19
C PHE A 567 -18.47 35.64 32.63
N LYS A 568 -17.89 36.83 32.68
CA LYS A 568 -18.59 38.01 33.12
C LYS A 568 -19.61 38.58 32.11
N LEU A 569 -19.14 38.90 30.90
CA LEU A 569 -19.94 39.49 29.82
C LEU A 569 -20.61 38.55 28.81
N ALA A 570 -20.27 37.26 28.84
CA ALA A 570 -20.79 36.26 27.88
C ALA A 570 -22.27 36.01 27.84
N GLY A 571 -22.90 36.19 28.98
CA GLY A 571 -24.33 35.99 29.08
C GLY A 571 -24.79 34.55 29.27
N VAL A 572 -23.89 33.63 29.65
CA VAL A 572 -24.27 32.22 29.85
C VAL A 572 -24.60 31.93 31.29
N LEU A 573 -24.03 32.74 32.17
CA LEU A 573 -24.19 32.56 33.60
C LEU A 573 -24.42 33.85 34.37
N PRO A 574 -25.18 33.78 35.48
CA PRO A 574 -25.45 34.95 36.30
C PRO A 574 -24.16 35.30 37.06
N PHE A 575 -23.82 36.59 36.99
CA PHE A 575 -22.62 37.16 37.59
C PHE A 575 -21.98 36.47 38.78
N GLU A 576 -22.74 36.25 39.85
CA GLU A 576 -22.16 35.63 41.03
C GLU A 576 -21.67 34.19 40.86
N LYS A 577 -22.38 33.40 40.06
CA LYS A 577 -22.02 32.01 39.79
C LYS A 577 -20.83 32.00 38.81
N ALA A 578 -20.87 32.89 37.84
CA ALA A 578 -19.81 33.01 36.84
C ALA A 578 -18.47 33.23 37.54
N VAL A 579 -18.34 34.34 38.23
CA VAL A 579 -17.12 34.65 38.95
C VAL A 579 -16.85 33.62 40.06
N ASP A 580 -17.90 32.92 40.49
CA ASP A 580 -17.74 31.86 41.51
C ASP A 580 -17.00 30.72 40.83
N LEU A 581 -17.71 30.08 39.90
CA LEU A 581 -17.21 28.95 39.14
C LEU A 581 -15.80 29.13 38.62
N LEU A 582 -15.47 30.35 38.24
CA LEU A 582 -14.16 30.62 37.72
C LEU A 582 -13.08 30.45 38.77
N LYS A 583 -13.31 31.01 39.95
CA LYS A 583 -12.32 30.90 41.00
C LYS A 583 -12.12 29.47 41.47
N LYS A 584 -13.20 28.71 41.55
CA LYS A 584 -13.11 27.32 42.02
C LYS A 584 -12.14 26.54 41.14
N SER A 585 -12.14 26.85 39.84
CA SER A 585 -11.27 26.18 38.89
C SER A 585 -9.82 26.68 38.97
N ILE A 586 -9.64 27.94 39.35
CA ILE A 586 -8.32 28.50 39.47
C ILE A 586 -7.55 27.66 40.47
N HIS A 587 -8.24 27.09 41.44
CA HIS A 587 -7.57 26.26 42.44
C HIS A 587 -7.35 24.80 42.01
N LYS A 588 -8.38 24.18 41.41
CA LYS A 588 -8.27 22.79 40.95
C LYS A 588 -7.05 22.73 40.02
N ALA A 589 -7.14 23.41 38.87
CA ALA A 589 -6.00 23.52 37.95
C ALA A 589 -5.14 24.45 38.81
N TYR A 590 -3.83 24.54 38.59
CA TYR A 590 -2.98 25.36 39.49
C TYR A 590 -3.00 24.57 40.84
N GLY A 591 -2.30 25.04 41.87
CA GLY A 591 -2.23 24.23 43.07
C GLY A 591 -1.02 23.37 42.71
N LYS A 592 -0.28 23.94 41.75
CA LYS A 592 0.96 23.44 41.15
C LYS A 592 2.04 23.93 42.12
N LYS A 593 2.78 24.98 41.70
CA LYS A 593 3.76 25.58 42.58
C LYS A 593 2.85 26.45 43.44
N GLY A 594 2.62 25.94 44.65
CA GLY A 594 1.79 26.57 45.68
C GLY A 594 0.75 27.66 45.44
N GLU A 595 0.58 28.48 46.47
CA GLU A 595 -0.38 29.58 46.49
C GLU A 595 -0.07 30.76 45.61
N LYS A 596 1.15 31.29 45.71
CA LYS A 596 1.54 32.46 44.94
C LYS A 596 0.91 32.48 43.54
N ILE A 597 1.25 31.51 42.70
CA ILE A 597 0.70 31.43 41.35
C ILE A 597 -0.81 31.57 41.45
N VAL A 598 -1.43 30.65 42.19
CA VAL A 598 -2.88 30.67 42.40
C VAL A 598 -3.44 32.07 42.63
N LYS A 599 -3.10 32.64 43.79
CA LYS A 599 -3.55 33.97 44.16
C LYS A 599 -3.31 35.02 43.07
N MET A 600 -2.13 34.98 42.46
CA MET A 600 -1.76 35.91 41.40
C MET A 600 -2.70 35.77 40.19
N ASN A 601 -3.43 34.67 40.16
CA ASN A 601 -4.37 34.38 39.08
C ASN A 601 -5.72 34.88 39.52
N THR A 602 -6.02 34.67 40.79
CA THR A 602 -7.27 35.10 41.40
C THR A 602 -7.39 36.64 41.23
N ASP A 603 -6.33 37.36 41.63
CA ASP A 603 -6.25 38.81 41.49
C ASP A 603 -6.50 39.25 40.05
N ALA A 604 -6.10 38.43 39.08
CA ALA A 604 -6.29 38.77 37.69
C ALA A 604 -7.77 38.76 37.40
N VAL A 605 -8.46 37.76 37.95
CA VAL A 605 -9.89 37.63 37.76
C VAL A 605 -10.53 38.87 38.31
N ASP A 606 -10.09 39.27 39.50
CA ASP A 606 -10.62 40.46 40.20
C ASP A 606 -10.50 41.72 39.36
N GLN A 607 -9.27 42.17 39.12
CA GLN A 607 -9.07 43.36 38.35
C GLN A 607 -9.64 43.20 36.96
N ALA A 608 -9.69 41.98 36.47
CA ALA A 608 -10.25 41.74 35.16
C ALA A 608 -11.70 42.19 35.22
N VAL A 609 -12.41 41.75 36.24
CA VAL A 609 -13.81 42.12 36.41
C VAL A 609 -14.00 43.60 36.66
N THR A 610 -13.04 44.20 37.36
CA THR A 610 -13.05 45.63 37.74
C THR A 610 -12.78 46.62 36.61
N SER A 611 -11.79 46.29 35.79
CA SER A 611 -11.39 47.10 34.67
C SER A 611 -12.27 46.85 33.45
N LEU A 612 -13.19 45.90 33.58
CA LEU A 612 -14.08 45.49 32.49
C LEU A 612 -15.38 46.28 32.41
N GLN A 613 -15.29 47.51 31.92
CA GLN A 613 -16.48 48.36 31.81
C GLN A 613 -16.68 48.81 30.35
N GLU A 614 -17.92 49.12 30.02
CA GLU A 614 -18.25 49.55 28.67
C GLU A 614 -17.49 50.74 28.17
N PHE A 615 -16.91 50.61 26.99
CA PHE A 615 -16.21 51.71 26.35
C PHE A 615 -17.36 52.50 25.73
N LYS A 616 -17.56 53.74 26.19
CA LYS A 616 -18.65 54.56 25.67
C LYS A 616 -18.17 55.33 24.46
N TYR A 617 -19.02 55.39 23.45
CA TYR A 617 -18.60 56.02 22.22
C TYR A 617 -19.55 56.96 21.53
N PRO A 618 -18.96 57.92 20.81
CA PRO A 618 -19.60 58.97 20.02
C PRO A 618 -20.52 58.45 18.93
N ASP A 619 -21.68 59.09 18.78
CA ASP A 619 -22.63 58.69 17.74
C ASP A 619 -21.91 58.80 16.42
N SER A 620 -20.92 59.69 16.37
CA SER A 620 -20.07 59.90 15.19
C SER A 620 -19.65 58.59 14.51
N TRP A 621 -19.40 57.58 15.34
CA TRP A 621 -18.99 56.29 14.86
C TRP A 621 -19.95 55.82 13.77
N LYS A 622 -21.23 56.17 13.94
CA LYS A 622 -22.27 55.79 12.97
C LYS A 622 -21.90 56.10 11.54
N ASP A 623 -21.04 57.09 11.37
CA ASP A 623 -20.55 57.44 10.05
C ASP A 623 -19.10 57.89 10.06
N ALA A 624 -18.29 57.06 10.70
CA ALA A 624 -16.85 57.28 10.73
C ALA A 624 -16.51 56.96 9.28
N PRO A 625 -15.59 57.70 8.67
CA PRO A 625 -15.40 57.28 7.27
C PRO A 625 -14.02 56.95 6.70
N ALA A 626 -14.02 55.85 5.93
CA ALA A 626 -12.90 55.22 5.18
C ALA A 626 -11.40 55.61 5.29
N GLU A 627 -10.51 54.64 5.05
CA GLU A 627 -9.05 54.89 5.10
C GLU A 627 -8.31 54.74 3.74
N THR A 628 -7.01 55.04 3.77
CA THR A 628 -6.16 54.97 2.60
C THR A 628 -5.25 53.74 2.60
N LYS A 629 -5.07 53.16 1.41
CA LYS A 629 -4.24 51.98 1.24
C LYS A 629 -2.73 52.17 1.06
N ALA A 630 -1.99 52.02 2.16
CA ALA A 630 -0.51 52.09 2.12
C ALA A 630 -0.18 50.64 1.73
N GLU A 631 -0.57 50.33 0.49
CA GLU A 631 -0.40 49.01 -0.09
C GLU A 631 0.80 48.96 -1.01
N PRO A 632 1.55 47.84 -0.96
CA PRO A 632 2.76 47.64 -1.80
C PRO A 632 2.40 46.97 -3.12
N MET A 633 3.39 46.77 -3.99
CA MET A 633 3.08 46.03 -5.20
C MET A 633 3.08 44.60 -4.72
N THR A 634 2.07 43.90 -5.20
CA THR A 634 1.85 42.53 -4.86
C THR A 634 1.36 42.05 -6.23
N ASN A 635 1.52 40.76 -6.54
CA ASN A 635 1.10 40.26 -7.87
C ASN A 635 -0.34 40.33 -8.32
N GLU A 636 -0.52 40.05 -9.59
CA GLU A 636 -1.83 39.98 -10.16
C GLU A 636 -2.52 38.83 -9.43
N PHE A 637 -1.74 37.85 -8.99
CA PHE A 637 -2.26 36.67 -8.30
C PHE A 637 -2.44 36.82 -6.80
N PHE A 638 -1.48 37.49 -6.16
CA PHE A 638 -1.56 37.70 -4.73
C PHE A 638 -2.79 38.54 -4.49
N LYS A 639 -2.90 39.60 -5.27
CA LYS A 639 -4.03 40.52 -5.23
C LYS A 639 -5.32 39.73 -5.36
N ASN A 640 -5.36 38.85 -6.36
CA ASN A 640 -6.56 38.11 -6.64
C ASN A 640 -6.87 36.79 -5.99
N VAL A 641 -5.88 36.13 -5.39
CA VAL A 641 -6.15 34.84 -4.78
C VAL A 641 -5.51 34.62 -3.43
N VAL A 642 -4.20 34.84 -3.33
CA VAL A 642 -3.54 34.60 -2.07
C VAL A 642 -3.87 35.58 -0.96
N LYS A 643 -4.22 36.82 -1.29
CA LYS A 643 -4.58 37.73 -0.21
C LYS A 643 -5.98 37.39 0.30
N PRO A 644 -6.94 37.18 -0.61
CA PRO A 644 -8.32 36.85 -0.22
C PRO A 644 -8.37 35.64 0.70
N ILE A 645 -7.55 34.63 0.42
CA ILE A 645 -7.55 33.45 1.28
C ILE A 645 -6.95 33.76 2.65
N LEU A 646 -5.80 34.42 2.65
CA LEU A 646 -5.14 34.79 3.88
C LEU A 646 -6.00 35.71 4.77
N THR A 647 -6.96 36.41 4.18
CA THR A 647 -7.79 37.29 5.00
C THR A 647 -9.12 36.66 5.26
N GLN A 648 -9.13 35.33 5.24
CA GLN A 648 -10.30 34.50 5.52
C GLN A 648 -11.51 34.67 4.58
N GLN A 649 -11.22 34.83 3.29
CA GLN A 649 -12.24 35.00 2.28
C GLN A 649 -11.89 34.08 1.10
N GLY A 650 -11.56 32.83 1.37
CA GLY A 650 -11.23 31.90 0.30
C GLY A 650 -12.46 31.15 -0.16
N ASP A 651 -13.44 31.06 0.72
CA ASP A 651 -14.67 30.37 0.39
C ASP A 651 -15.30 31.18 -0.69
N LYS A 652 -15.04 32.48 -0.68
CA LYS A 652 -15.62 33.34 -1.69
C LYS A 652 -15.16 33.19 -3.12
N LEU A 653 -13.96 32.65 -3.31
CA LEU A 653 -13.38 32.38 -4.64
C LEU A 653 -14.20 31.27 -5.35
N PRO A 654 -14.68 31.53 -6.57
CA PRO A 654 -15.47 30.57 -7.35
C PRO A 654 -14.54 29.50 -7.93
N VAL A 655 -15.04 28.50 -8.63
CA VAL A 655 -14.12 27.46 -9.13
C VAL A 655 -13.17 27.96 -10.23
N SER A 656 -13.58 29.00 -10.94
CA SER A 656 -12.75 29.55 -12.01
C SER A 656 -11.46 30.19 -11.49
N ALA A 657 -11.34 30.39 -10.20
CA ALA A 657 -10.14 31.00 -9.68
C ALA A 657 -9.03 29.99 -9.56
N PHE A 658 -9.40 28.71 -9.60
CA PHE A 658 -8.42 27.67 -9.42
C PHE A 658 -8.20 26.88 -10.67
N GLU A 659 -6.96 26.42 -10.81
CA GLU A 659 -6.46 25.64 -11.91
C GLU A 659 -6.98 24.21 -11.89
N ALA A 660 -7.47 23.73 -13.01
CA ALA A 660 -8.01 22.39 -13.06
C ALA A 660 -7.17 21.35 -12.34
N ASP A 661 -5.85 21.36 -12.55
CA ASP A 661 -5.01 20.36 -11.91
C ASP A 661 -4.46 20.75 -10.55
N GLY A 662 -5.04 21.81 -9.99
CA GLY A 662 -4.65 22.30 -8.67
C GLY A 662 -3.25 22.85 -8.45
N ARG A 663 -2.54 23.24 -9.49
CA ARG A 663 -1.17 23.74 -9.29
C ARG A 663 -1.18 25.12 -8.71
N PHE A 664 -0.02 25.56 -8.24
CA PHE A 664 0.14 26.88 -7.67
C PHE A 664 1.47 27.40 -8.14
N PRO A 665 1.59 28.73 -8.29
CA PRO A 665 2.82 29.36 -8.74
C PRO A 665 3.70 29.51 -7.52
N LEU A 666 5.01 29.63 -7.72
CA LEU A 666 5.91 29.81 -6.58
C LEU A 666 5.92 31.25 -6.04
N GLY A 667 6.80 31.47 -5.06
CA GLY A 667 6.99 32.78 -4.45
C GLY A 667 5.84 33.65 -3.97
N THR A 668 4.73 33.05 -3.56
CA THR A 668 3.64 33.88 -3.07
C THR A 668 3.96 34.35 -1.63
N SER A 669 4.98 33.71 -1.05
CA SER A 669 5.46 34.00 0.30
C SER A 669 6.06 35.39 0.40
N GLN A 670 6.71 35.81 -0.68
CA GLN A 670 7.36 37.11 -0.75
C GLN A 670 6.45 38.26 -0.26
N PHE A 671 5.21 38.29 -0.73
CA PHE A 671 4.26 39.34 -0.36
C PHE A 671 3.53 39.17 0.94
N GLU A 672 3.88 38.19 1.75
CA GLU A 672 3.15 38.01 3.01
C GLU A 672 3.46 38.93 4.16
N LYS A 673 4.76 39.13 4.40
CA LYS A 673 5.30 39.99 5.46
C LYS A 673 4.41 40.01 6.71
N ARG A 674 4.17 38.84 7.30
CA ARG A 674 3.31 38.73 8.48
C ARG A 674 3.75 39.66 9.58
N GLY A 675 5.06 39.67 9.80
CA GLY A 675 5.68 40.49 10.82
C GLY A 675 5.17 40.16 12.20
N VAL A 676 5.43 38.92 12.67
CA VAL A 676 5.00 38.50 14.01
C VAL A 676 6.09 38.20 15.04
N ALA A 677 7.36 38.42 14.69
CA ALA A 677 8.43 38.18 15.65
C ALA A 677 8.18 39.16 16.80
N ILE A 678 8.57 38.79 18.00
CA ILE A 678 8.39 39.72 19.09
C ILE A 678 9.64 40.58 19.03
N ASN A 679 10.77 39.93 19.11
CA ASN A 679 12.03 40.63 19.05
C ASN A 679 12.66 40.19 17.73
N VAL A 680 13.30 41.13 17.03
CA VAL A 680 14.00 40.91 15.75
C VAL A 680 15.49 41.29 15.92
N PRO A 681 16.42 40.44 15.45
CA PRO A 681 17.84 40.80 15.62
C PRO A 681 18.14 42.09 14.88
N GLN A 682 18.89 42.98 15.51
CA GLN A 682 19.24 44.28 14.94
C GLN A 682 20.75 44.30 14.70
N TRP A 683 21.18 44.82 13.53
CA TRP A 683 22.62 44.85 13.22
C TRP A 683 23.45 45.90 13.96
N VAL A 684 24.72 45.56 14.10
CA VAL A 684 25.72 46.33 14.79
C VAL A 684 26.97 46.18 13.90
N PRO A 685 27.11 47.05 12.86
CA PRO A 685 28.20 47.09 11.87
C PRO A 685 29.61 47.04 12.46
N GLU A 686 29.82 47.80 13.54
CA GLU A 686 31.12 47.87 14.23
C GLU A 686 31.57 46.55 14.90
N ASN A 687 30.78 45.50 14.81
CA ASN A 687 31.13 44.20 15.43
C ASN A 687 31.11 43.06 14.45
N CYS A 688 30.48 43.29 13.32
CA CYS A 688 30.39 42.26 12.30
C CYS A 688 31.77 41.93 11.75
N ILE A 689 32.14 40.66 11.80
CA ILE A 689 33.41 40.19 11.24
C ILE A 689 33.21 39.72 9.80
N GLN A 690 32.07 40.09 9.21
CA GLN A 690 31.71 39.68 7.85
C GLN A 690 31.93 38.20 7.57
N CYS A 691 30.94 37.40 8.00
CA CYS A 691 31.05 35.98 7.85
C CYS A 691 29.93 35.19 7.21
N ASN A 692 28.71 35.72 7.20
CA ASN A 692 27.55 35.05 6.58
C ASN A 692 27.03 33.74 7.20
N GLN A 693 27.25 33.64 8.50
CA GLN A 693 26.79 32.50 9.28
C GLN A 693 25.36 32.80 9.72
N CYS A 694 25.07 34.08 9.92
CA CYS A 694 23.72 34.49 10.31
C CYS A 694 22.62 34.16 9.30
N ALA A 695 22.85 34.50 8.04
CA ALA A 695 21.86 34.22 7.00
C ALA A 695 21.80 32.69 6.79
N PHE A 696 22.99 32.10 6.72
CA PHE A 696 23.19 30.68 6.52
C PHE A 696 22.44 29.88 7.55
N VAL A 697 22.12 30.53 8.65
CA VAL A 697 21.43 29.94 9.79
C VAL A 697 19.94 30.28 9.94
N CYS A 698 19.52 31.42 9.41
CA CYS A 698 18.15 31.87 9.52
C CYS A 698 17.16 30.91 8.91
N PRO A 699 16.34 30.22 9.75
CA PRO A 699 15.37 29.29 9.18
C PRO A 699 14.20 29.90 8.36
N HIS A 700 14.31 31.18 7.99
CA HIS A 700 13.25 31.83 7.18
C HIS A 700 13.71 32.81 6.11
N SER A 701 15.04 33.01 6.03
CA SER A 701 15.69 33.93 5.09
C SER A 701 15.44 35.40 5.52
N ALA A 702 15.47 35.62 6.82
CA ALA A 702 15.25 36.91 7.45
C ALA A 702 16.44 37.85 7.37
N ILE A 703 17.63 37.27 7.23
CA ILE A 703 18.87 38.04 7.13
C ILE A 703 19.35 38.00 5.68
N LEU A 704 19.70 39.17 5.16
CA LEU A 704 20.12 39.34 3.75
C LEU A 704 21.44 40.09 3.58
N PRO A 705 22.53 39.34 3.30
CA PRO A 705 23.88 39.91 3.11
C PRO A 705 24.01 40.65 1.79
N VAL A 706 24.24 41.95 1.92
CA VAL A 706 24.42 42.88 0.80
C VAL A 706 25.89 43.11 0.56
N LEU A 707 26.27 43.08 -0.71
CA LEU A 707 27.63 43.35 -1.12
C LEU A 707 27.31 44.17 -2.34
N ALA A 708 27.51 45.46 -2.23
CA ALA A 708 27.21 46.34 -3.33
C ALA A 708 28.35 47.25 -3.58
N LYS A 709 28.72 47.38 -4.85
CA LYS A 709 29.77 48.33 -5.19
C LYS A 709 29.08 49.67 -5.01
N GLU A 710 29.84 50.64 -4.47
CA GLU A 710 29.40 52.00 -4.14
C GLU A 710 28.43 52.84 -4.97
N GLU A 711 28.29 52.60 -6.27
CA GLU A 711 27.37 53.44 -7.04
C GLU A 711 25.96 52.88 -7.14
N GLU A 712 25.75 51.75 -6.47
CA GLU A 712 24.44 51.11 -6.42
C GLU A 712 23.78 51.62 -5.15
N LEU A 713 24.64 52.00 -4.18
CA LEU A 713 24.22 52.52 -2.87
C LEU A 713 24.00 54.03 -2.88
N VAL A 714 23.54 54.55 -4.01
CA VAL A 714 23.30 55.97 -4.14
C VAL A 714 22.00 56.47 -3.46
N GLY A 715 20.82 56.26 -4.05
CA GLY A 715 19.61 56.73 -3.40
C GLY A 715 19.31 55.98 -2.09
N ALA A 716 20.32 55.26 -1.61
CA ALA A 716 20.23 54.47 -0.39
C ALA A 716 19.80 55.31 0.82
N PRO A 717 19.06 54.70 1.77
CA PRO A 717 18.63 55.45 2.95
C PRO A 717 19.84 56.01 3.75
N ALA A 718 19.58 57.10 4.48
CA ALA A 718 20.60 57.80 5.28
C ALA A 718 21.31 56.81 6.18
N ASN A 719 20.46 55.99 6.81
CA ASN A 719 20.82 54.93 7.75
C ASN A 719 21.21 53.55 7.14
N PHE A 720 21.31 53.45 5.82
CA PHE A 720 21.70 52.19 5.16
C PHE A 720 23.21 52.08 5.35
N THR A 721 23.67 51.75 6.57
CA THR A 721 25.10 51.63 6.88
C THR A 721 25.77 50.36 6.32
N ALA A 722 26.98 50.52 5.79
CA ALA A 722 27.72 49.38 5.24
C ALA A 722 29.23 49.51 5.51
N LEU A 723 29.85 48.36 5.84
CA LEU A 723 31.28 48.27 6.10
C LEU A 723 32.07 48.17 4.78
N GLU A 724 33.39 48.13 4.89
CA GLU A 724 34.22 47.99 3.72
C GLU A 724 34.35 46.49 3.60
N ALA A 725 34.43 45.96 2.38
CA ALA A 725 34.51 44.50 2.24
C ALA A 725 35.87 43.86 2.48
N LYS A 726 35.87 42.98 3.47
CA LYS A 726 37.05 42.24 3.83
C LYS A 726 37.19 41.20 2.73
N GLY A 727 38.40 41.05 2.21
CA GLY A 727 38.63 40.09 1.15
C GLY A 727 39.39 40.60 -0.06
N LYS A 728 40.11 39.68 -0.71
CA LYS A 728 40.87 40.01 -1.89
C LYS A 728 39.85 40.32 -2.99
N GLU A 729 39.13 39.27 -3.40
CA GLU A 729 38.10 39.37 -4.43
C GLU A 729 37.10 40.44 -4.05
N LEU A 730 36.94 40.64 -2.74
CA LEU A 730 36.01 41.64 -2.21
C LEU A 730 36.69 42.98 -1.83
N LYS A 731 36.83 43.89 -2.79
CA LYS A 731 37.46 45.18 -2.48
C LYS A 731 36.67 46.41 -2.89
N GLY A 732 36.10 46.41 -4.09
CA GLY A 732 35.33 47.56 -4.53
C GLY A 732 33.90 47.67 -3.99
N TYR A 733 33.53 46.71 -3.14
CA TYR A 733 32.19 46.64 -2.57
C TYR A 733 32.11 46.95 -1.09
N LYS A 734 30.91 47.27 -0.62
CA LYS A 734 30.63 47.55 0.79
C LYS A 734 29.61 46.46 1.16
N PHE A 735 29.87 45.76 2.25
CA PHE A 735 29.05 44.67 2.76
C PHE A 735 28.12 45.07 3.90
N ARG A 736 26.82 44.76 3.81
CA ARG A 736 25.88 45.08 4.88
C ARG A 736 24.94 43.90 5.22
N ILE A 737 24.66 43.71 6.52
CA ILE A 737 23.76 42.66 6.98
C ILE A 737 22.37 43.33 7.04
N GLN A 738 21.49 42.99 6.11
CA GLN A 738 20.16 43.58 6.11
C GLN A 738 19.09 42.72 6.81
N ILE A 739 18.56 43.20 7.92
CA ILE A 739 17.54 42.43 8.62
C ILE A 739 16.15 42.75 8.07
N ASN A 740 15.47 41.69 7.64
CA ASN A 740 14.10 41.74 7.14
C ASN A 740 13.34 41.55 8.45
N THR A 741 13.03 42.64 9.14
CA THR A 741 12.33 42.59 10.41
C THR A 741 10.81 42.20 10.28
N LEU A 742 10.36 41.96 9.04
CA LEU A 742 8.96 41.58 8.81
C LEU A 742 8.76 40.15 8.32
N ASP A 743 9.87 39.46 8.12
CA ASP A 743 9.85 38.07 7.72
C ASP A 743 10.73 37.30 8.69
N CYS A 744 10.79 37.78 9.92
CA CYS A 744 11.60 37.16 10.95
C CYS A 744 10.62 36.58 11.97
N MET A 745 11.03 35.49 12.60
CA MET A 745 10.17 34.87 13.60
C MET A 745 10.76 35.17 14.96
N GLY A 746 11.89 35.88 14.95
CA GLY A 746 12.54 36.26 16.19
C GLY A 746 12.90 35.03 16.98
N CYS A 747 13.48 34.07 16.28
CA CYS A 747 13.85 32.83 16.91
C CYS A 747 15.09 33.05 17.74
N GLY A 748 15.93 33.97 17.27
CA GLY A 748 17.14 34.32 18.00
C GLY A 748 18.40 33.57 17.60
N ASN A 749 18.25 32.66 16.65
CA ASN A 749 19.33 31.82 16.13
C ASN A 749 20.58 32.51 15.61
N CYS A 750 20.39 33.53 14.76
CA CYS A 750 21.48 34.29 14.15
C CYS A 750 22.38 35.02 15.14
N ALA A 751 21.77 35.83 16.00
CA ALA A 751 22.52 36.55 17.00
C ALA A 751 23.24 35.54 17.87
N ASP A 752 22.52 34.53 18.33
CA ASP A 752 23.09 33.49 19.18
C ASP A 752 24.35 32.80 18.62
N ILE A 753 24.40 32.62 17.29
CA ILE A 753 25.55 31.99 16.65
C ILE A 753 26.58 33.05 16.13
N CYS A 754 26.12 34.30 15.95
CA CYS A 754 26.99 35.39 15.52
C CYS A 754 28.24 35.26 16.39
N PRO A 755 29.39 35.00 15.77
CA PRO A 755 30.76 34.80 16.29
C PRO A 755 31.46 35.76 17.27
N PRO A 756 31.49 37.09 16.99
CA PRO A 756 32.16 38.02 17.92
C PRO A 756 31.59 38.12 19.34
N LYS A 757 32.46 38.46 20.31
CA LYS A 757 32.08 38.62 21.74
C LYS A 757 31.08 39.77 21.89
N GLU A 758 31.40 40.86 21.22
CA GLU A 758 30.53 42.04 21.19
C GLU A 758 29.72 41.62 19.99
N LYS A 759 28.53 41.06 20.24
CA LYS A 759 27.70 40.59 19.16
C LYS A 759 27.50 41.57 18.02
N ALA A 760 27.27 41.01 16.84
CA ALA A 760 27.03 41.80 15.64
C ALA A 760 25.54 41.96 15.51
N LEU A 761 24.80 40.93 15.95
CA LEU A 761 23.34 40.94 15.92
C LEU A 761 22.77 40.90 17.34
N VAL A 762 21.78 41.75 17.61
CA VAL A 762 21.20 41.82 18.94
C VAL A 762 19.69 41.88 18.84
N MET A 763 19.03 41.07 19.68
CA MET A 763 17.57 41.02 19.69
C MET A 763 16.95 42.31 20.21
N GLN A 764 16.00 42.88 19.47
CA GLN A 764 15.30 44.10 19.87
C GLN A 764 13.83 43.94 19.47
N PRO A 765 12.90 44.44 20.30
CA PRO A 765 11.48 44.33 19.95
C PRO A 765 11.24 44.81 18.54
N LEU A 766 10.32 44.16 17.86
CA LEU A 766 10.02 44.49 16.47
C LEU A 766 9.74 45.96 16.24
N ASP A 767 9.06 46.62 17.18
CA ASP A 767 8.73 48.05 17.02
C ASP A 767 9.88 49.07 17.10
N THR A 768 11.05 48.65 17.57
CA THR A 768 12.19 49.55 17.61
C THR A 768 12.91 49.44 16.28
N GLN A 769 12.54 48.43 15.51
CA GLN A 769 13.17 48.14 14.24
C GLN A 769 12.38 48.47 12.99
N ARG A 770 11.19 47.91 12.89
CA ARG A 770 10.37 48.06 11.71
C ARG A 770 10.27 49.39 10.93
N ASP A 771 10.15 50.51 11.64
CA ASP A 771 10.03 51.77 10.93
C ASP A 771 11.25 52.06 10.08
N ALA A 772 12.43 51.91 10.68
CA ALA A 772 13.68 52.14 10.00
C ALA A 772 14.14 51.00 9.09
N GLN A 773 14.04 49.75 9.55
CA GLN A 773 14.46 48.55 8.79
C GLN A 773 13.55 48.00 7.68
N VAL A 774 12.33 48.55 7.55
CA VAL A 774 11.41 48.13 6.50
C VAL A 774 11.95 48.71 5.20
N PRO A 775 11.91 50.05 5.03
CA PRO A 775 12.40 50.67 3.79
C PRO A 775 13.82 50.26 3.35
N ASN A 776 14.68 50.01 4.34
CA ASN A 776 16.04 49.59 4.06
C ASN A 776 16.03 48.24 3.41
N LEU A 777 15.23 47.34 3.96
CA LEU A 777 15.13 46.01 3.42
C LEU A 777 14.81 46.12 1.91
N GLU A 778 13.69 46.78 1.59
CA GLU A 778 13.27 47.00 0.20
C GLU A 778 14.43 47.44 -0.62
N TYR A 779 15.11 48.47 -0.14
CA TYR A 779 16.25 49.02 -0.84
C TYR A 779 17.26 47.92 -1.09
N ALA A 780 17.66 47.27 -0.03
CA ALA A 780 18.60 46.18 -0.12
C ALA A 780 18.05 45.08 -1.02
N ALA A 781 16.72 44.99 -1.13
CA ALA A 781 16.06 43.97 -1.96
C ALA A 781 16.19 44.21 -3.47
N ARG A 782 16.16 45.48 -3.89
CA ARG A 782 16.32 45.77 -5.30
C ARG A 782 17.75 46.22 -5.64
N ILE A 783 18.68 45.44 -5.12
CA ILE A 783 20.12 45.59 -5.33
C ILE A 783 20.53 44.18 -5.81
N PRO A 784 21.47 44.10 -6.74
CA PRO A 784 21.92 42.79 -7.24
C PRO A 784 22.65 41.87 -6.26
N VAL A 785 22.25 40.59 -6.27
CA VAL A 785 22.88 39.54 -5.45
C VAL A 785 24.15 39.16 -6.20
N LYS A 786 25.28 39.11 -5.51
CA LYS A 786 26.53 38.78 -6.15
C LYS A 786 26.82 37.30 -6.20
N SER A 787 26.11 36.63 -7.10
CA SER A 787 26.28 35.19 -7.24
C SER A 787 27.66 34.71 -7.72
N GLU A 788 28.28 35.48 -8.62
CA GLU A 788 29.58 35.12 -9.17
C GLU A 788 30.86 35.56 -8.44
N VAL A 789 30.81 36.64 -7.65
CA VAL A 789 32.00 37.12 -6.95
C VAL A 789 32.71 36.06 -6.10
N LEU A 790 31.97 35.26 -5.34
CA LEU A 790 32.58 34.21 -4.51
C LEU A 790 32.16 32.79 -4.87
N PRO A 791 33.02 31.80 -4.56
CA PRO A 791 32.72 30.40 -4.88
C PRO A 791 31.35 30.06 -4.35
N ARG A 792 30.43 29.85 -5.29
CA ARG A 792 29.08 29.49 -4.95
C ARG A 792 28.93 28.68 -3.65
N ASP A 793 29.54 27.49 -3.62
CA ASP A 793 29.45 26.59 -2.48
C ASP A 793 30.47 26.78 -1.35
N SER A 794 30.79 28.03 -1.05
CA SER A 794 31.69 28.33 0.05
C SER A 794 30.74 29.02 1.02
N LEU A 795 30.77 28.64 2.30
CA LEU A 795 29.90 29.27 3.31
C LEU A 795 29.57 30.75 2.97
N LYS A 796 30.60 31.60 2.96
CA LYS A 796 30.39 33.00 2.64
C LYS A 796 29.81 33.20 1.24
N GLY A 797 30.42 32.60 0.22
CA GLY A 797 29.88 32.71 -1.12
C GLY A 797 28.46 32.16 -1.27
N SER A 798 28.07 31.19 -0.44
CA SER A 798 26.73 30.62 -0.54
C SER A 798 25.73 31.63 -0.10
N GLN A 799 26.06 32.39 0.93
CA GLN A 799 25.14 33.41 1.39
C GLN A 799 25.07 34.60 0.45
N PHE A 800 25.84 34.55 -0.63
CA PHE A 800 25.78 35.63 -1.59
C PHE A 800 25.05 35.13 -2.85
N GLN A 801 24.18 34.13 -2.63
CA GLN A 801 23.36 33.50 -3.69
C GLN A 801 21.86 33.82 -3.48
N GLU A 802 21.04 33.54 -4.49
CA GLU A 802 19.60 33.78 -4.37
C GLU A 802 19.03 32.57 -3.63
N PRO A 803 18.45 32.79 -2.43
CA PRO A 803 17.87 31.70 -1.64
C PRO A 803 16.56 31.43 -2.35
N LEU A 804 16.40 30.24 -2.89
CA LEU A 804 15.17 29.90 -3.60
C LEU A 804 14.00 29.33 -2.77
N MET A 805 14.08 29.49 -1.44
CA MET A 805 13.03 29.03 -0.51
C MET A 805 12.94 30.03 0.69
N GLU A 806 12.00 30.96 0.64
CA GLU A 806 11.94 31.95 1.71
C GLU A 806 10.62 32.10 2.41
N PHE A 807 10.71 32.51 3.68
CA PHE A 807 9.56 32.78 4.56
C PHE A 807 8.48 31.69 4.65
N SER A 808 8.90 30.46 4.95
CA SER A 808 7.99 29.34 5.07
C SER A 808 7.12 29.45 6.32
N GLY A 809 5.91 28.92 6.24
CA GLY A 809 5.02 28.94 7.39
C GLY A 809 5.45 27.88 8.40
N ALA A 810 6.74 27.85 8.69
CA ALA A 810 7.25 26.86 9.62
C ALA A 810 7.58 27.53 10.91
N CYS A 811 7.67 26.74 11.97
CA CYS A 811 7.98 27.25 13.29
C CYS A 811 9.21 28.15 13.36
N SER A 812 9.20 29.03 14.36
CA SER A 812 10.33 29.92 14.59
C SER A 812 11.51 29.04 15.01
N GLY A 813 12.65 29.25 14.35
CA GLY A 813 13.82 28.46 14.64
C GLY A 813 13.61 27.00 14.31
N CYS A 814 12.89 26.73 13.24
CA CYS A 814 12.69 25.33 12.81
C CYS A 814 14.04 24.78 12.40
N GLY A 815 14.24 23.48 12.58
CA GLY A 815 15.53 22.88 12.22
C GLY A 815 15.64 22.32 10.80
N GLU A 816 14.55 22.38 10.05
CA GLU A 816 14.54 21.86 8.68
C GLU A 816 14.96 22.90 7.62
N THR A 817 14.36 24.08 7.67
CA THR A 817 14.62 25.16 6.74
C THR A 817 16.09 25.66 6.53
N PRO A 818 16.92 25.73 7.59
CA PRO A 818 18.27 26.19 7.23
C PRO A 818 18.90 25.27 6.13
N TYR A 819 18.76 23.95 6.28
CA TYR A 819 19.30 23.00 5.30
C TYR A 819 18.73 23.25 3.93
N VAL A 820 17.44 22.99 3.78
CA VAL A 820 16.83 23.15 2.48
C VAL A 820 17.01 24.50 1.81
N ARG A 821 17.33 25.56 2.57
CA ARG A 821 17.54 26.84 1.89
C ARG A 821 18.86 26.83 1.15
N VAL A 822 19.94 26.41 1.83
CA VAL A 822 21.22 26.37 1.16
C VAL A 822 21.27 25.31 0.08
N ILE A 823 20.43 24.29 0.17
CA ILE A 823 20.42 23.26 -0.85
C ILE A 823 19.97 23.97 -2.07
N THR A 824 19.03 24.88 -1.93
CA THR A 824 18.59 25.59 -3.13
C THR A 824 19.58 26.69 -3.47
N GLN A 825 20.34 27.19 -2.50
CA GLN A 825 21.31 28.24 -2.84
C GLN A 825 22.45 27.69 -3.67
N LEU A 826 22.45 26.36 -3.86
CA LEU A 826 23.48 25.68 -4.65
C LEU A 826 23.03 24.97 -5.92
N PHE A 827 21.78 24.50 -5.94
CA PHE A 827 21.26 23.75 -7.07
C PHE A 827 19.89 24.24 -7.50
N GLY A 828 19.36 25.22 -6.79
CA GLY A 828 18.04 25.74 -7.09
C GLY A 828 17.56 25.78 -8.52
N GLU A 829 18.36 26.40 -9.39
CA GLU A 829 18.03 26.60 -10.80
C GLU A 829 17.74 25.38 -11.64
N ARG A 830 18.18 24.23 -11.17
CA ARG A 830 17.93 23.05 -11.94
C ARG A 830 17.48 21.88 -11.11
N MET A 831 16.64 22.05 -10.10
CA MET A 831 16.24 20.89 -9.32
C MET A 831 14.80 20.48 -9.29
N PHE A 832 14.61 19.18 -9.10
CA PHE A 832 13.30 18.59 -9.01
C PHE A 832 13.21 18.23 -7.55
N ILE A 833 12.08 18.54 -6.93
CA ILE A 833 11.93 18.18 -5.54
C ILE A 833 10.67 17.34 -5.40
N ALA A 834 10.86 16.09 -4.99
CA ALA A 834 9.75 15.17 -4.70
C ALA A 834 9.69 15.10 -3.15
N ASN A 835 8.79 15.90 -2.61
CA ASN A 835 8.62 16.02 -1.18
C ASN A 835 7.62 15.07 -0.51
N ALA A 836 8.16 14.20 0.36
CA ALA A 836 7.36 13.25 1.12
C ALA A 836 6.52 14.10 2.02
N THR A 837 5.37 13.59 2.40
CA THR A 837 4.51 14.38 3.26
C THR A 837 5.19 14.48 4.62
N GLY A 838 4.82 15.53 5.34
CA GLY A 838 5.40 15.83 6.64
C GLY A 838 5.61 17.34 6.70
N CYS A 839 6.28 17.80 7.75
CA CYS A 839 6.52 19.24 7.89
C CYS A 839 7.09 19.84 6.63
N SER A 840 7.82 19.04 5.85
CA SER A 840 8.44 19.49 4.60
C SER A 840 7.37 20.02 3.69
N SER A 841 6.36 19.18 3.44
CA SER A 841 5.31 19.59 2.54
C SER A 841 4.37 20.60 3.19
N ILE A 842 4.18 20.49 4.51
CA ILE A 842 3.29 21.40 5.21
C ILE A 842 3.88 22.78 5.22
N TRP A 843 5.16 22.91 5.54
CA TRP A 843 5.74 24.25 5.52
C TRP A 843 6.11 24.65 4.10
N GLY A 844 6.44 23.67 3.28
CA GLY A 844 6.84 23.94 1.92
C GLY A 844 5.74 24.15 0.91
N ALA A 845 4.48 23.84 1.24
CA ALA A 845 3.42 23.99 0.24
C ALA A 845 1.96 24.12 0.71
N SER A 846 1.73 24.89 1.76
CA SER A 846 0.39 25.06 2.27
C SER A 846 -0.33 26.20 1.52
N ALA A 847 -1.20 25.86 0.56
CA ALA A 847 -1.93 26.88 -0.22
C ALA A 847 -2.54 27.81 0.79
N PRO A 848 -2.56 29.13 0.51
CA PRO A 848 -2.04 29.77 -0.70
C PRO A 848 -0.54 30.13 -0.67
N SER A 849 0.03 30.19 0.52
CA SER A 849 1.43 30.58 0.71
C SER A 849 2.48 29.52 0.37
N MET A 850 3.36 29.84 -0.59
CA MET A 850 4.44 28.91 -1.06
C MET A 850 5.83 29.54 -0.89
N PRO A 851 6.68 28.97 0.00
CA PRO A 851 8.03 29.52 0.22
C PRO A 851 8.94 29.59 -1.00
N TYR A 852 9.11 28.44 -1.69
CA TYR A 852 10.00 28.30 -2.85
C TYR A 852 9.78 29.31 -3.94
N LYS A 853 10.84 29.99 -4.35
CA LYS A 853 10.72 30.93 -5.45
C LYS A 853 11.74 30.70 -6.56
N THR A 854 11.52 31.40 -7.67
CA THR A 854 12.36 31.35 -8.84
C THR A 854 13.51 32.34 -8.67
N ASN A 855 14.49 32.35 -9.57
CA ASN A 855 15.58 33.30 -9.39
C ASN A 855 15.36 34.47 -10.28
N ARG A 856 16.33 35.38 -10.33
CA ARG A 856 16.20 36.56 -11.19
C ARG A 856 15.77 36.14 -12.59
N LEU A 857 16.17 34.93 -13.00
CA LEU A 857 15.90 34.39 -14.33
C LEU A 857 14.64 33.57 -14.52
N GLY A 858 13.78 33.48 -13.51
CA GLY A 858 12.53 32.74 -13.68
C GLY A 858 12.56 31.24 -13.52
N GLN A 859 13.68 30.75 -13.02
CA GLN A 859 13.84 29.34 -12.81
C GLN A 859 14.04 29.07 -11.35
N GLY A 860 13.58 27.91 -10.90
CA GLY A 860 13.72 27.55 -9.50
C GLY A 860 13.26 26.11 -9.37
N PRO A 861 13.23 25.56 -8.14
CA PRO A 861 12.82 24.18 -7.81
C PRO A 861 11.41 23.78 -8.29
N ALA A 862 11.31 22.74 -9.13
CA ALA A 862 10.01 22.24 -9.60
C ALA A 862 9.54 21.43 -8.40
N TRP A 863 8.50 21.89 -7.74
CA TRP A 863 8.08 21.25 -6.52
C TRP A 863 6.79 20.45 -6.54
N GLY A 864 6.82 19.29 -5.90
CA GLY A 864 5.63 18.46 -5.87
C GLY A 864 5.63 17.39 -4.81
N ASN A 865 4.52 17.31 -4.08
CA ASN A 865 4.28 16.33 -3.03
C ASN A 865 3.41 15.24 -3.69
N SER A 866 3.92 14.00 -3.75
CA SER A 866 3.10 12.94 -4.32
C SER A 866 2.24 12.52 -3.16
N LEU A 867 2.80 11.68 -2.30
CA LEU A 867 2.11 11.22 -1.10
C LEU A 867 3.14 11.09 0.01
N PHE A 868 2.76 10.42 1.08
CA PHE A 868 3.69 10.25 2.18
C PHE A 868 4.44 8.98 1.99
N GLU A 869 3.70 7.95 1.59
CA GLU A 869 4.29 6.66 1.43
C GLU A 869 5.29 6.49 0.28
N ASP A 870 5.29 7.41 -0.68
CA ASP A 870 6.15 7.24 -1.87
C ASP A 870 7.00 8.37 -2.40
N ALA A 871 7.59 9.18 -1.53
CA ALA A 871 8.38 10.28 -2.03
C ALA A 871 9.52 9.91 -2.93
N ALA A 872 10.25 8.88 -2.55
CA ALA A 872 11.41 8.43 -3.31
C ALA A 872 11.04 7.83 -4.63
N GLU A 873 10.13 6.88 -4.61
CA GLU A 873 9.74 6.25 -5.85
C GLU A 873 9.10 7.28 -6.78
N TYR A 874 8.66 8.41 -6.22
CA TYR A 874 8.06 9.47 -7.02
C TYR A 874 9.19 10.19 -7.68
N GLY A 875 10.21 10.53 -6.90
CA GLY A 875 11.36 11.24 -7.43
C GLY A 875 12.18 10.36 -8.35
N PHE A 876 11.86 9.08 -8.37
CA PHE A 876 12.56 8.14 -9.22
C PHE A 876 11.80 8.19 -10.54
N GLY A 877 10.54 8.61 -10.48
CA GLY A 877 9.73 8.68 -11.66
C GLY A 877 10.23 9.80 -12.52
N MET A 878 10.47 10.93 -11.88
CA MET A 878 10.95 12.11 -12.57
C MET A 878 12.28 11.79 -13.19
N ASN A 879 13.12 11.10 -12.43
CA ASN A 879 14.45 10.74 -12.89
C ASN A 879 14.37 9.95 -14.18
N MET A 880 13.49 8.95 -14.20
CA MET A 880 13.26 8.15 -15.38
C MET A 880 12.79 9.03 -16.54
N SER A 881 11.83 9.93 -16.31
CA SER A 881 11.35 10.81 -17.37
C SER A 881 12.46 11.63 -17.97
N MET A 882 13.36 12.14 -17.12
CA MET A 882 14.51 12.92 -17.58
C MET A 882 15.41 12.02 -18.42
N PHE A 883 15.60 10.78 -18.01
CA PHE A 883 16.44 9.90 -18.81
C PHE A 883 15.87 9.84 -20.23
N ALA A 884 14.65 9.32 -20.36
CA ALA A 884 13.98 9.19 -21.65
C ALA A 884 13.88 10.51 -22.45
N ARG A 885 13.37 11.56 -21.83
CA ARG A 885 13.28 12.81 -22.55
C ARG A 885 14.69 13.33 -22.91
N ARG A 886 15.65 13.16 -22.01
CA ARG A 886 17.02 13.64 -22.28
C ARG A 886 17.76 12.75 -23.25
N THR A 887 17.33 11.50 -23.32
CA THR A 887 17.91 10.56 -24.26
C THR A 887 17.40 10.89 -25.65
N HIS A 888 16.13 11.24 -25.74
CA HIS A 888 15.51 11.61 -27.00
C HIS A 888 16.33 12.76 -27.53
N LEU A 889 16.59 13.75 -26.67
CA LEU A 889 17.33 14.92 -27.13
C LEU A 889 18.67 14.56 -27.73
N ALA A 890 19.36 13.62 -27.09
CA ALA A 890 20.67 13.17 -27.51
C ALA A 890 20.69 12.36 -28.81
N ASP A 891 19.66 11.56 -29.06
CA ASP A 891 19.62 10.80 -30.31
C ASP A 891 19.27 11.78 -31.40
N LEU A 892 18.52 12.81 -31.06
CA LEU A 892 18.13 13.82 -32.00
C LEU A 892 19.32 14.71 -32.33
N ALA A 893 20.12 15.02 -31.31
CA ALA A 893 21.28 15.87 -31.51
C ALA A 893 22.28 15.06 -32.27
N ALA A 894 22.44 13.81 -31.87
CA ALA A 894 23.38 12.93 -32.55
C ALA A 894 23.02 12.84 -34.02
N LYS A 895 21.73 12.93 -34.32
CA LYS A 895 21.26 12.88 -35.70
C LYS A 895 21.52 14.20 -36.42
N ALA A 896 21.27 15.32 -35.77
CA ALA A 896 21.50 16.60 -36.42
C ALA A 896 22.93 16.75 -36.95
N LEU A 897 23.92 16.19 -36.25
CA LEU A 897 25.32 16.24 -36.70
C LEU A 897 25.51 15.65 -38.12
N GLU A 898 24.63 14.73 -38.51
CA GLU A 898 24.62 14.10 -39.82
C GLU A 898 23.78 14.95 -40.75
N SER A 899 23.62 16.23 -40.46
CA SER A 899 22.79 17.05 -41.35
C SER A 899 23.55 18.21 -41.95
N ASP A 900 22.87 19.00 -42.76
CA ASP A 900 23.49 20.17 -43.36
C ASP A 900 23.33 21.37 -42.42
N ALA A 901 23.32 21.09 -41.11
CA ALA A 901 23.18 22.11 -40.08
C ALA A 901 24.46 22.90 -40.00
N SER A 902 24.33 24.15 -39.59
CA SER A 902 25.45 25.07 -39.45
C SER A 902 26.65 24.39 -38.81
N GLY A 903 27.83 24.98 -39.00
CA GLY A 903 29.02 24.42 -38.38
C GLY A 903 28.97 24.72 -36.89
N ASP A 904 28.59 25.95 -36.58
CA ASP A 904 28.45 26.38 -35.21
C ASP A 904 27.42 25.50 -34.53
N VAL A 905 26.28 25.30 -35.19
CA VAL A 905 25.25 24.46 -34.62
C VAL A 905 25.83 23.09 -34.27
N LYS A 906 26.52 22.48 -35.20
CA LYS A 906 27.12 21.18 -34.97
C LYS A 906 28.15 21.20 -33.86
N GLU A 907 28.80 22.35 -33.69
CA GLU A 907 29.85 22.52 -32.69
C GLU A 907 29.29 22.58 -31.29
N ALA A 908 28.09 23.16 -31.18
CA ALA A 908 27.38 23.29 -29.91
C ALA A 908 26.88 21.89 -29.66
N LEU A 909 26.16 21.38 -30.64
CA LEU A 909 25.61 20.04 -30.57
C LEU A 909 26.58 18.94 -30.09
N GLN A 910 27.79 18.77 -30.65
CA GLN A 910 28.63 17.70 -30.11
C GLN A 910 29.16 18.07 -28.75
N GLY A 911 29.40 19.37 -28.53
CA GLY A 911 29.87 19.79 -27.22
C GLY A 911 28.83 19.41 -26.16
N TRP A 912 27.57 19.63 -26.49
CA TRP A 912 26.47 19.29 -25.60
C TRP A 912 26.44 17.81 -25.44
N LEU A 913 26.39 17.10 -26.57
CA LEU A 913 26.36 15.65 -26.53
C LEU A 913 27.47 15.15 -25.65
N ALA A 914 28.61 15.82 -25.71
CA ALA A 914 29.76 15.42 -24.95
C ALA A 914 29.65 15.83 -23.50
N GLY A 915 28.89 16.91 -23.23
CA GLY A 915 28.73 17.38 -21.87
C GLY A 915 27.31 17.33 -21.36
N LYS A 916 26.52 16.39 -21.87
CA LYS A 916 25.12 16.29 -21.47
C LYS A 916 24.89 16.21 -19.98
N ASN A 917 25.75 15.45 -19.32
CA ASN A 917 25.60 15.26 -17.92
C ASN A 917 26.45 16.09 -17.03
N ASP A 918 26.90 17.22 -17.54
CA ASP A 918 27.74 18.12 -16.79
C ASP A 918 26.87 19.30 -16.54
N PRO A 919 26.59 19.62 -15.28
CA PRO A 919 25.72 20.78 -15.08
C PRO A 919 26.35 22.14 -15.44
N ILE A 920 27.54 22.11 -16.04
CA ILE A 920 28.29 23.31 -16.44
C ILE A 920 28.36 23.35 -17.95
N LYS A 921 28.88 22.26 -18.53
CA LYS A 921 29.02 22.14 -19.96
C LYS A 921 27.66 21.96 -20.60
N SER A 922 26.78 21.18 -19.98
CA SER A 922 25.45 20.97 -20.54
C SER A 922 24.76 22.30 -20.68
N LYS A 923 25.00 23.20 -19.74
CA LYS A 923 24.38 24.54 -19.80
C LYS A 923 25.18 25.47 -20.69
N GLU A 924 26.49 25.42 -20.55
CA GLU A 924 27.36 26.26 -21.36
C GLU A 924 27.01 26.07 -22.82
N TYR A 925 26.84 24.81 -23.22
CA TYR A 925 26.49 24.43 -24.56
C TYR A 925 25.02 24.55 -24.90
N GLY A 926 24.15 24.23 -23.95
CA GLY A 926 22.73 24.34 -24.23
C GLY A 926 22.33 25.78 -24.50
N ASP A 927 23.03 26.72 -23.88
CA ASP A 927 22.71 28.13 -24.07
C ASP A 927 23.16 28.58 -25.44
N LYS A 928 24.32 28.12 -25.87
CA LYS A 928 24.84 28.47 -27.19
C LYS A 928 23.83 27.95 -28.20
N LEU A 929 23.31 26.79 -27.89
CA LEU A 929 22.35 26.11 -28.72
C LEU A 929 20.99 26.79 -28.63
N LYS A 930 20.68 27.32 -27.47
CA LYS A 930 19.39 27.96 -27.28
C LYS A 930 19.33 29.22 -28.12
N LYS A 931 20.49 29.83 -28.33
CA LYS A 931 20.59 31.05 -29.14
C LYS A 931 20.72 30.65 -30.61
N LEU A 932 21.54 29.63 -30.86
CA LEU A 932 21.81 29.13 -32.19
C LEU A 932 20.58 28.60 -32.94
N LEU A 933 19.66 27.95 -32.24
CA LEU A 933 18.44 27.41 -32.84
C LEU A 933 17.25 28.32 -32.58
N ALA A 934 17.52 29.58 -32.24
CA ALA A 934 16.41 30.46 -31.98
C ALA A 934 15.60 30.66 -33.27
N GLY A 935 14.28 30.47 -33.16
CA GLY A 935 13.42 30.65 -34.32
C GLY A 935 13.18 29.37 -35.10
N GLN A 936 14.19 28.50 -35.11
CA GLN A 936 14.15 27.21 -35.79
C GLN A 936 12.83 26.50 -35.49
N LYS A 937 12.11 26.06 -36.53
CA LYS A 937 10.84 25.37 -36.34
C LYS A 937 10.62 24.19 -37.25
N ASP A 938 11.48 24.02 -38.24
CA ASP A 938 11.28 22.89 -39.13
C ASP A 938 12.18 21.70 -38.81
N GLY A 939 11.60 20.51 -38.87
CA GLY A 939 12.32 19.27 -38.66
C GLY A 939 13.38 19.24 -37.60
N LEU A 940 14.15 18.16 -37.60
CA LEU A 940 15.23 17.92 -36.65
C LEU A 940 15.69 19.12 -35.83
N LEU A 941 16.30 20.08 -36.50
CA LEU A 941 16.80 21.26 -35.86
C LEU A 941 15.73 21.98 -35.06
N GLY A 942 14.52 22.01 -35.58
CA GLY A 942 13.45 22.65 -34.87
C GLY A 942 13.10 21.83 -33.64
N GLN A 943 13.05 20.50 -33.79
CA GLN A 943 12.70 19.64 -32.67
C GLN A 943 13.63 20.00 -31.51
N ILE A 944 14.93 19.88 -31.74
CA ILE A 944 15.93 20.16 -30.72
C ILE A 944 15.77 21.55 -30.16
N ALA A 945 15.29 22.48 -30.99
CA ALA A 945 15.11 23.85 -30.53
C ALA A 945 14.01 23.87 -29.49
N ALA A 946 13.00 23.03 -29.65
CA ALA A 946 11.91 22.98 -28.68
C ALA A 946 12.20 22.20 -27.40
N MET A 947 13.26 21.40 -27.36
CA MET A 947 13.56 20.65 -26.17
C MET A 947 14.56 21.36 -25.29
N SER A 948 14.51 22.68 -25.37
CA SER A 948 15.43 23.53 -24.63
C SER A 948 15.36 23.45 -23.12
N ASP A 949 14.29 22.90 -22.56
CA ASP A 949 14.18 22.76 -21.10
C ASP A 949 14.70 21.42 -20.63
N LEU A 950 15.48 20.79 -21.53
CA LEU A 950 16.12 19.50 -21.30
C LEU A 950 17.64 19.58 -21.55
N TYR A 951 18.10 20.70 -22.10
CA TYR A 951 19.53 20.92 -22.41
C TYR A 951 20.47 20.80 -21.22
N THR A 952 20.15 21.45 -20.11
CA THR A 952 21.05 21.42 -18.92
C THR A 952 20.71 20.38 -17.86
N LYS A 953 21.71 19.60 -17.44
CA LYS A 953 21.48 18.58 -16.43
C LYS A 953 20.75 19.11 -15.21
N LYS A 954 19.72 18.38 -14.80
CA LYS A 954 18.88 18.77 -13.67
C LYS A 954 19.25 17.94 -12.46
N SER A 955 18.92 18.43 -11.27
CA SER A 955 19.24 17.76 -10.02
C SER A 955 17.97 17.24 -9.36
N VAL A 956 17.81 15.92 -9.34
CA VAL A 956 16.60 15.33 -8.78
C VAL A 956 16.70 15.04 -7.30
N TRP A 957 16.01 15.83 -6.51
CA TRP A 957 16.02 15.64 -5.10
C TRP A 957 14.77 14.97 -4.54
N ILE A 958 14.94 14.19 -3.46
CA ILE A 958 13.81 13.54 -2.79
C ILE A 958 13.87 14.02 -1.34
N PHE A 959 12.91 14.86 -0.93
CA PHE A 959 12.87 15.43 0.42
C PHE A 959 11.88 14.72 1.34
N GLY A 960 12.27 14.49 2.58
CA GLY A 960 11.38 13.86 3.54
C GLY A 960 12.12 13.77 4.85
N GLY A 961 11.37 13.55 5.95
CA GLY A 961 11.95 13.44 7.28
C GLY A 961 12.18 12.00 7.70
N ASP A 962 12.36 11.78 9.00
CA ASP A 962 12.63 10.43 9.53
C ASP A 962 11.48 9.46 9.49
N GLY A 963 10.25 9.97 9.65
CA GLY A 963 9.08 9.11 9.62
C GLY A 963 8.90 8.47 8.26
N TRP A 964 9.21 9.22 7.20
CA TRP A 964 9.10 8.74 5.83
C TRP A 964 10.24 7.81 5.50
N ALA A 965 11.46 8.33 5.61
CA ALA A 965 12.66 7.56 5.28
C ALA A 965 12.91 6.30 6.07
N TYR A 966 12.65 6.35 7.39
CA TYR A 966 12.85 5.21 8.28
C TYR A 966 11.65 4.33 8.41
N ASP A 967 10.46 4.86 8.17
CA ASP A 967 9.28 4.04 8.32
C ASP A 967 8.48 3.75 7.10
N ILE A 968 7.40 4.49 6.95
CA ILE A 968 6.48 4.31 5.86
C ILE A 968 7.14 4.26 4.50
N GLY A 969 8.08 5.14 4.24
CA GLY A 969 8.71 5.17 2.92
C GLY A 969 10.02 4.46 2.71
N TYR A 970 10.57 3.89 3.78
CA TYR A 970 11.85 3.18 3.77
C TYR A 970 11.95 2.16 2.67
N GLY A 971 11.08 1.17 2.67
CA GLY A 971 11.07 0.13 1.65
C GLY A 971 11.30 0.68 0.27
N GLY A 972 10.72 1.84 0.00
CA GLY A 972 10.89 2.50 -1.28
C GLY A 972 12.20 3.24 -1.32
N LEU A 973 12.54 3.92 -0.24
CA LEU A 973 13.78 4.67 -0.17
C LEU A 973 14.89 3.71 -0.51
N ASP A 974 14.79 2.53 0.07
CA ASP A 974 15.78 1.49 -0.13
C ASP A 974 15.86 1.04 -1.57
N HIS A 975 14.71 0.82 -2.20
CA HIS A 975 14.69 0.36 -3.58
C HIS A 975 15.27 1.35 -4.56
N VAL A 976 14.79 2.59 -4.48
CA VAL A 976 15.28 3.62 -5.32
C VAL A 976 16.78 3.70 -5.10
N LEU A 977 17.20 3.70 -3.85
CA LEU A 977 18.64 3.80 -3.59
C LEU A 977 19.41 2.62 -4.15
N ALA A 978 18.80 1.44 -4.13
CA ALA A 978 19.45 0.26 -4.65
C ALA A 978 19.43 0.28 -6.15
N SER A 979 18.55 1.09 -6.72
CA SER A 979 18.44 1.14 -8.17
C SER A 979 19.71 1.67 -8.77
N GLY A 980 20.54 2.33 -7.96
CA GLY A 980 21.78 2.88 -8.49
C GLY A 980 21.71 4.05 -9.46
N GLU A 981 20.50 4.56 -9.78
CA GLU A 981 20.38 5.69 -10.69
C GLU A 981 20.71 7.00 -9.94
N ASP A 982 20.92 8.10 -10.66
CA ASP A 982 21.30 9.40 -10.08
C ASP A 982 20.18 10.28 -9.49
N VAL A 983 19.89 10.05 -8.22
CA VAL A 983 18.91 10.87 -7.52
C VAL A 983 19.57 11.20 -6.19
N ASN A 984 19.08 12.24 -5.53
CA ASN A 984 19.63 12.65 -4.26
C ASN A 984 18.55 12.69 -3.15
N VAL A 985 18.64 11.84 -2.12
CA VAL A 985 17.64 11.91 -1.06
C VAL A 985 18.17 12.67 0.15
N PHE A 986 17.38 13.61 0.65
CA PHE A 986 17.80 14.40 1.79
C PHE A 986 16.76 14.18 2.86
N VAL A 987 17.18 13.60 3.98
CA VAL A 987 16.30 13.29 5.09
C VAL A 987 16.51 14.29 6.23
N MET A 988 15.46 14.99 6.66
CA MET A 988 15.62 15.90 7.79
C MET A 988 15.25 15.06 9.00
N ASP A 989 16.22 14.78 9.85
CA ASP A 989 15.95 13.96 11.02
C ASP A 989 15.53 14.73 12.27
N THR A 990 14.27 14.57 12.65
CA THR A 990 13.72 15.20 13.85
C THR A 990 13.59 14.13 14.96
N GLU A 991 13.83 12.87 14.60
CA GLU A 991 13.79 11.75 15.50
C GLU A 991 12.39 11.49 16.08
N VAL A 992 11.41 11.68 15.21
CA VAL A 992 10.02 11.47 15.57
C VAL A 992 9.15 11.96 14.41
N TYR A 993 7.86 11.63 14.47
CA TYR A 993 6.87 12.05 13.47
C TYR A 993 6.48 13.45 14.01
N SER A 994 7.01 14.51 13.42
CA SER A 994 6.72 15.86 13.89
C SER A 994 5.34 16.32 13.50
N ASN A 995 5.20 16.70 12.23
CA ASN A 995 3.97 17.23 11.67
C ASN A 995 2.60 16.86 12.28
N THR A 996 2.47 15.61 12.75
CA THR A 996 1.21 15.10 13.28
C THR A 996 1.03 14.95 14.79
N GLY A 997 2.08 15.11 15.57
CA GLY A 997 1.89 14.96 17.01
C GLY A 997 3.09 14.44 17.78
N GLY A 998 4.25 14.44 17.14
CA GLY A 998 5.43 13.98 17.81
C GLY A 998 5.33 12.53 18.19
N GLN A 999 4.79 11.69 17.29
CA GLN A 999 4.67 10.22 17.50
C GLN A 999 6.04 9.62 17.32
N SER A 1000 6.38 8.59 18.09
CA SER A 1000 7.70 7.98 17.99
C SER A 1000 7.91 7.25 16.67
N SER A 1001 9.04 7.52 16.01
CA SER A 1001 9.39 6.89 14.73
C SER A 1001 10.48 5.84 14.93
N LYS A 1002 10.84 5.10 13.88
CA LYS A 1002 11.88 4.09 14.04
C LYS A 1002 13.25 4.75 14.15
N ALA A 1003 13.28 6.08 13.99
CA ALA A 1003 14.49 6.90 14.08
C ALA A 1003 14.66 7.51 15.46
N THR A 1004 13.59 7.50 16.26
CA THR A 1004 13.61 8.00 17.64
C THR A 1004 14.63 7.17 18.46
N PRO A 1005 15.48 7.85 19.25
CA PRO A 1005 16.55 7.32 20.12
C PRO A 1005 16.13 6.50 21.36
N THR A 1006 17.09 5.77 21.93
CA THR A 1006 16.80 5.01 23.14
C THR A 1006 16.45 5.99 24.26
N GLY A 1007 15.30 5.77 24.87
CA GLY A 1007 14.91 6.63 25.97
C GLY A 1007 14.32 7.99 25.68
N ALA A 1008 14.08 8.32 24.40
CA ALA A 1008 13.46 9.61 24.07
C ALA A 1008 11.96 9.45 24.30
N VAL A 1009 11.30 10.45 24.90
CA VAL A 1009 9.86 10.40 25.18
C VAL A 1009 8.98 10.96 24.03
N ALA A 1010 8.34 10.08 23.27
CA ALA A 1010 7.48 10.50 22.15
C ALA A 1010 6.16 9.77 22.30
N LYS A 1011 5.25 9.94 21.34
CA LYS A 1011 3.98 9.22 21.40
C LYS A 1011 4.19 7.74 21.04
N PHE A 1012 3.69 6.86 21.90
CA PHE A 1012 3.85 5.42 21.74
C PHE A 1012 5.26 4.99 22.22
N ALA A 1013 5.98 5.95 22.83
CA ALA A 1013 7.30 5.72 23.44
C ALA A 1013 7.23 6.57 24.71
N ALA A 1014 6.01 6.61 25.27
CA ALA A 1014 5.62 7.36 26.48
C ALA A 1014 6.46 7.11 27.74
N ALA A 1015 7.22 6.02 27.77
CA ALA A 1015 8.09 5.77 28.91
C ALA A 1015 9.54 5.90 28.40
N GLY A 1016 9.68 6.59 27.26
CA GLY A 1016 10.97 6.75 26.64
C GLY A 1016 11.15 5.50 25.80
N LYS A 1017 11.44 5.67 24.52
CA LYS A 1017 11.62 4.56 23.61
C LYS A 1017 12.53 3.48 24.18
N ARG A 1018 12.08 2.24 24.20
CA ARG A 1018 12.90 1.16 24.75
C ARG A 1018 13.56 0.30 23.66
N THR A 1019 14.10 0.98 22.67
CA THR A 1019 14.80 0.33 21.55
C THR A 1019 15.71 1.37 20.88
N GLY A 1020 16.80 0.89 20.31
CA GLY A 1020 17.72 1.80 19.66
C GLY A 1020 17.22 2.43 18.38
N LYS A 1021 17.94 3.46 17.95
CA LYS A 1021 17.62 4.15 16.70
C LYS A 1021 17.90 3.18 15.53
N LYS A 1022 17.09 3.29 14.49
CA LYS A 1022 17.30 2.45 13.34
C LYS A 1022 18.51 3.11 12.70
N ASP A 1023 19.51 2.29 12.39
CA ASP A 1023 20.73 2.79 11.76
C ASP A 1023 20.54 2.75 10.24
N LEU A 1024 19.91 3.78 9.67
CA LEU A 1024 19.66 3.82 8.21
C LEU A 1024 20.95 3.96 7.42
N ALA A 1025 21.84 4.81 7.92
CA ALA A 1025 23.13 5.06 7.31
C ALA A 1025 23.95 3.80 7.19
N ARG A 1026 24.14 3.09 8.29
CA ARG A 1026 24.93 1.91 8.16
C ARG A 1026 24.12 0.92 7.36
N MET A 1027 22.80 1.01 7.44
CA MET A 1027 21.98 0.10 6.69
C MET A 1027 22.11 0.28 5.18
N VAL A 1028 22.14 1.51 4.68
CA VAL A 1028 22.27 1.61 3.24
C VAL A 1028 23.70 1.58 2.80
N MET A 1029 24.62 1.80 3.73
CA MET A 1029 26.02 1.75 3.38
C MET A 1029 26.46 0.36 2.96
N THR A 1030 25.62 -0.66 3.19
CA THR A 1030 25.97 -2.06 2.83
C THR A 1030 25.95 -2.35 1.31
N TYR A 1031 25.19 -1.52 0.59
CA TYR A 1031 25.11 -1.61 -0.87
C TYR A 1031 26.49 -1.43 -1.47
N GLY A 1032 27.15 -0.32 -1.11
CA GLY A 1032 28.50 -0.06 -1.59
C GLY A 1032 28.60 0.91 -2.73
N TYR A 1033 27.47 1.07 -3.45
CA TYR A 1033 27.39 1.97 -4.56
C TYR A 1033 26.50 3.16 -4.30
N VAL A 1034 26.17 3.40 -3.03
CA VAL A 1034 25.36 4.55 -2.68
C VAL A 1034 26.13 5.53 -1.78
N TYR A 1035 26.27 6.76 -2.24
CA TYR A 1035 26.97 7.80 -1.49
C TYR A 1035 26.12 8.04 -0.28
N VAL A 1036 26.70 7.91 0.91
CA VAL A 1036 26.00 8.08 2.18
C VAL A 1036 26.74 9.02 3.12
N ALA A 1037 26.05 10.03 3.61
CA ALA A 1037 26.68 10.96 4.52
C ALA A 1037 25.67 11.49 5.50
N THR A 1038 26.16 11.95 6.64
CA THR A 1038 25.32 12.55 7.66
C THR A 1038 25.86 13.94 7.94
N VAL A 1039 25.03 14.83 8.45
CA VAL A 1039 25.50 16.19 8.67
C VAL A 1039 24.79 16.83 9.84
N SER A 1040 25.26 18.01 10.24
CA SER A 1040 24.71 18.79 11.34
C SER A 1040 25.19 20.18 11.05
N MET A 1041 24.27 21.10 10.89
CA MET A 1041 24.62 22.47 10.57
C MET A 1041 25.37 23.15 11.68
N GLY A 1042 24.83 23.09 12.89
CA GLY A 1042 25.49 23.73 14.02
C GLY A 1042 26.94 23.35 14.22
N TYR A 1043 27.31 22.17 13.78
CA TYR A 1043 28.68 21.71 13.95
C TYR A 1043 29.59 22.15 12.83
N SER A 1044 29.31 21.73 11.61
CA SER A 1044 30.12 22.18 10.49
C SER A 1044 29.24 22.53 9.30
N LYS A 1045 29.30 23.79 8.90
CA LYS A 1045 28.55 24.31 7.76
C LYS A 1045 29.42 24.04 6.53
N GLN A 1046 30.71 23.87 6.78
CA GLN A 1046 31.71 23.63 5.74
C GLN A 1046 31.50 22.21 5.27
N GLN A 1047 31.32 21.32 6.24
CA GLN A 1047 31.15 19.91 5.96
C GLN A 1047 29.80 19.63 5.34
N PHE A 1048 28.82 20.51 5.62
CA PHE A 1048 27.48 20.36 5.07
C PHE A 1048 27.65 20.68 3.60
N LEU A 1049 28.27 21.81 3.28
CA LEU A 1049 28.48 22.18 1.89
C LEU A 1049 29.32 21.15 1.13
N LYS A 1050 30.24 20.51 1.83
CA LYS A 1050 31.10 19.49 1.21
C LYS A 1050 30.29 18.27 0.92
N VAL A 1051 29.22 18.07 1.67
CA VAL A 1051 28.38 16.90 1.45
C VAL A 1051 27.39 17.23 0.34
N LEU A 1052 26.84 18.45 0.34
CA LEU A 1052 25.93 18.82 -0.71
C LEU A 1052 26.64 18.68 -2.05
N LYS A 1053 27.84 19.28 -2.15
CA LYS A 1053 28.62 19.22 -3.38
C LYS A 1053 28.95 17.77 -3.79
N GLU A 1054 29.38 16.94 -2.83
CA GLU A 1054 29.73 15.55 -3.10
C GLU A 1054 28.57 14.61 -3.42
N ALA A 1055 27.44 14.79 -2.73
CA ALA A 1055 26.28 13.94 -2.89
C ALA A 1055 25.64 14.17 -4.23
N GLU A 1056 25.43 15.44 -4.57
CA GLU A 1056 24.79 15.79 -5.83
C GLU A 1056 25.59 15.34 -7.06
N SER A 1057 26.91 15.32 -6.91
CA SER A 1057 27.84 14.98 -8.00
C SER A 1057 28.19 13.52 -8.17
N PHE A 1058 27.94 12.69 -7.17
CA PHE A 1058 28.25 11.28 -7.28
C PHE A 1058 27.23 10.77 -8.30
N PRO A 1059 27.74 10.23 -9.42
CA PRO A 1059 26.93 9.69 -10.51
C PRO A 1059 26.25 8.42 -9.98
N GLY A 1060 25.20 8.65 -9.20
CA GLY A 1060 24.46 7.59 -8.56
C GLY A 1060 23.71 8.14 -7.36
N PRO A 1061 23.09 7.25 -6.55
CA PRO A 1061 22.31 7.53 -5.35
C PRO A 1061 23.15 8.18 -4.29
N SER A 1062 22.51 9.00 -3.47
CA SER A 1062 23.18 9.71 -2.38
C SER A 1062 22.18 9.83 -1.27
N LEU A 1063 22.60 9.52 -0.04
CA LEU A 1063 21.72 9.63 1.10
C LEU A 1063 22.30 10.72 1.97
N VAL A 1064 21.47 11.65 2.42
CA VAL A 1064 21.97 12.71 3.28
C VAL A 1064 21.00 12.89 4.44
N ILE A 1065 21.45 12.49 5.62
CA ILE A 1065 20.64 12.57 6.82
C ILE A 1065 21.20 13.74 7.64
N ALA A 1066 20.33 14.68 8.00
CA ALA A 1066 20.75 15.85 8.76
C ALA A 1066 20.03 15.95 10.09
N TYR A 1067 20.75 16.32 11.17
CA TYR A 1067 20.12 16.47 12.49
C TYR A 1067 19.26 17.72 12.38
N ALA A 1068 17.97 17.57 12.65
CA ALA A 1068 17.05 18.70 12.54
C ALA A 1068 16.35 18.92 13.86
N THR A 1069 16.33 20.16 14.33
CA THR A 1069 15.70 20.42 15.61
C THR A 1069 14.21 20.56 15.40
N CYS A 1070 13.45 20.58 16.49
CA CYS A 1070 12.02 20.64 16.38
C CYS A 1070 11.39 21.11 17.67
N ILE A 1071 10.16 21.62 17.56
CA ILE A 1071 9.47 22.06 18.76
C ILE A 1071 9.28 20.80 19.57
N ASN A 1072 9.03 19.68 18.87
CA ASN A 1072 8.83 18.41 19.55
C ASN A 1072 10.01 17.89 20.37
N GLN A 1073 11.26 18.19 20.00
CA GLN A 1073 12.36 17.70 20.85
C GLN A 1073 12.41 18.45 22.18
N GLY A 1074 11.80 19.63 22.19
CA GLY A 1074 11.71 20.46 23.38
C GLY A 1074 13.00 21.02 23.92
N LEU A 1075 13.65 21.89 23.15
CA LEU A 1075 14.91 22.52 23.56
C LEU A 1075 14.64 23.55 24.69
N ARG A 1076 15.05 23.16 25.90
CA ARG A 1076 14.88 23.92 27.13
C ARG A 1076 15.15 25.40 27.04
N LYS A 1077 16.26 25.78 26.44
CA LYS A 1077 16.61 27.19 26.36
C LYS A 1077 16.05 27.95 25.14
N GLY A 1078 15.32 27.26 24.28
CA GLY A 1078 14.75 27.92 23.12
C GLY A 1078 15.27 27.37 21.80
N MET A 1079 14.58 27.72 20.70
CA MET A 1079 14.98 27.27 19.37
C MET A 1079 16.13 28.13 18.86
N GLY A 1080 16.41 29.20 19.60
CA GLY A 1080 17.53 30.06 19.28
C GLY A 1080 18.78 29.26 19.60
N LYS A 1081 18.66 28.35 20.57
CA LYS A 1081 19.76 27.48 20.99
C LYS A 1081 19.93 26.26 20.09
N SER A 1082 19.16 26.27 19.00
CA SER A 1082 19.13 25.22 18.00
C SER A 1082 20.50 24.91 17.40
N GLN A 1083 21.14 25.89 16.78
CA GLN A 1083 22.46 25.70 16.19
C GLN A 1083 23.42 25.15 17.25
N ASP A 1084 23.44 25.81 18.40
CA ASP A 1084 24.30 25.37 19.48
C ASP A 1084 23.99 23.89 19.78
N VAL A 1085 22.72 23.50 19.66
CA VAL A 1085 22.34 22.13 19.93
C VAL A 1085 22.79 21.09 18.90
N MET A 1086 22.68 21.42 17.60
CA MET A 1086 23.10 20.53 16.52
C MET A 1086 24.58 20.28 16.75
N ASN A 1087 25.25 21.38 17.10
CA ASN A 1087 26.66 21.40 17.38
C ASN A 1087 27.02 20.51 18.57
N THR A 1088 26.20 20.52 19.63
CA THR A 1088 26.46 19.67 20.78
C THR A 1088 26.17 18.21 20.44
N ALA A 1089 25.27 18.01 19.48
CA ALA A 1089 24.89 16.67 19.08
C ALA A 1089 26.07 15.94 18.46
N VAL A 1090 26.97 16.69 17.84
CA VAL A 1090 28.12 16.08 17.19
C VAL A 1090 29.28 15.95 18.14
N LYS A 1091 29.45 16.96 18.97
CA LYS A 1091 30.54 16.92 19.91
C LYS A 1091 30.33 15.74 20.87
N SER A 1092 29.15 15.67 21.48
CA SER A 1092 28.77 14.63 22.44
C SER A 1092 28.98 13.22 21.97
N GLY A 1093 29.09 13.04 20.66
CA GLY A 1093 29.24 11.73 20.04
C GLY A 1093 27.88 11.17 19.66
N TYR A 1094 26.83 11.90 20.06
CA TYR A 1094 25.45 11.52 19.83
C TYR A 1094 25.12 11.34 18.37
N TRP A 1095 25.66 12.23 17.56
CA TRP A 1095 25.40 12.27 16.13
C TRP A 1095 26.72 12.47 15.42
N PRO A 1096 27.38 11.37 15.01
CA PRO A 1096 28.65 11.56 14.33
C PRO A 1096 28.48 11.80 12.85
N LEU A 1097 29.36 12.63 12.33
CA LEU A 1097 29.36 12.99 10.96
C LEU A 1097 30.34 12.15 10.20
N PHE A 1098 29.87 11.48 9.16
CA PHE A 1098 30.72 10.68 8.29
C PHE A 1098 30.32 10.82 6.81
N ARG A 1099 31.06 10.15 5.94
CA ARG A 1099 30.80 10.18 4.52
C ARG A 1099 31.33 8.91 3.94
N TYR A 1100 30.52 8.28 3.10
CA TYR A 1100 30.89 7.04 2.45
C TYR A 1100 30.70 7.36 1.00
N ASP A 1101 31.80 7.55 0.29
CA ASP A 1101 31.75 7.92 -1.13
C ASP A 1101 32.47 6.86 -1.98
N PRO A 1102 31.70 6.00 -2.67
CA PRO A 1102 32.25 4.95 -3.51
C PRO A 1102 33.30 5.32 -4.53
N ARG A 1103 33.39 6.58 -4.97
CA ARG A 1103 34.44 6.88 -5.95
C ARG A 1103 35.83 6.76 -5.36
N LEU A 1104 35.93 6.86 -4.03
CA LEU A 1104 37.21 6.68 -3.35
C LEU A 1104 37.56 5.21 -3.48
N ALA A 1105 36.57 4.34 -3.32
CA ALA A 1105 36.83 2.92 -3.47
C ALA A 1105 37.31 2.71 -4.89
N ALA A 1106 36.83 3.53 -5.82
CA ALA A 1106 37.22 3.40 -7.23
C ALA A 1106 38.71 3.63 -7.38
N GLN A 1107 39.27 4.58 -6.63
CA GLN A 1107 40.71 4.83 -6.69
C GLN A 1107 41.52 4.02 -5.71
N GLY A 1108 40.94 2.95 -5.16
CA GLY A 1108 41.68 2.14 -4.21
C GLY A 1108 41.73 2.73 -2.80
N LYS A 1109 41.07 3.88 -2.59
CA LYS A 1109 41.04 4.49 -1.26
C LYS A 1109 39.76 4.06 -0.57
N ASN A 1110 39.80 4.01 0.77
CA ASN A 1110 38.66 3.64 1.60
C ASN A 1110 37.59 4.73 1.43
N PRO A 1111 36.35 4.34 1.08
CA PRO A 1111 35.32 5.35 0.90
C PRO A 1111 34.76 5.92 2.20
N PHE A 1112 35.02 5.26 3.32
CA PHE A 1112 34.48 5.74 4.60
C PHE A 1112 35.34 6.78 5.34
N GLN A 1113 34.79 7.97 5.54
CA GLN A 1113 35.52 8.99 6.25
C GLN A 1113 34.73 9.51 7.44
N LEU A 1114 35.32 9.52 8.63
CA LEU A 1114 34.66 10.10 9.80
C LEU A 1114 34.98 11.59 9.70
N ASP A 1115 34.11 12.46 10.20
CA ASP A 1115 34.33 13.91 10.13
C ASP A 1115 34.16 14.56 11.49
N SER A 1116 33.65 13.79 12.44
CA SER A 1116 33.39 14.25 13.79
C SER A 1116 34.40 13.56 14.71
N LYS A 1117 34.77 14.18 15.83
CA LYS A 1117 35.72 13.50 16.70
C LYS A 1117 34.99 12.74 17.77
N ALA A 1118 35.74 11.85 18.40
CA ALA A 1118 35.26 10.99 19.47
C ALA A 1118 34.39 11.74 20.47
N PRO A 1119 33.53 11.00 21.20
CA PRO A 1119 32.63 11.59 22.22
C PRO A 1119 33.40 12.24 23.34
N ASP A 1120 32.84 13.33 23.86
CA ASP A 1120 33.48 14.11 24.91
C ASP A 1120 32.63 14.27 26.19
N GLY A 1121 31.98 13.20 26.62
CA GLY A 1121 31.15 13.24 27.83
C GLY A 1121 30.04 14.27 27.93
N SER A 1122 29.75 14.98 26.84
CA SER A 1122 28.71 16.00 26.84
C SER A 1122 27.34 15.35 26.92
N VAL A 1123 27.28 14.12 26.43
CA VAL A 1123 26.06 13.32 26.37
C VAL A 1123 24.97 13.74 27.34
N GLU A 1124 25.10 13.37 28.61
CA GLU A 1124 24.09 13.73 29.60
C GLU A 1124 23.70 15.20 29.64
N GLU A 1125 24.66 16.12 29.59
CA GLU A 1125 24.30 17.53 29.62
C GLU A 1125 23.55 17.93 28.35
N PHE A 1126 23.63 17.05 27.34
CA PHE A 1126 22.97 17.23 26.06
C PHE A 1126 21.53 16.73 26.13
N LEU A 1127 21.35 15.52 26.66
CA LEU A 1127 20.05 14.88 26.80
C LEU A 1127 19.19 15.61 27.80
N MET A 1128 19.78 15.84 28.96
CA MET A 1128 19.06 16.51 30.01
C MET A 1128 18.64 17.93 29.63
N ALA A 1129 19.01 18.36 28.44
CA ALA A 1129 18.62 19.69 27.98
C ALA A 1129 17.33 19.68 27.14
N GLN A 1130 16.90 18.49 26.69
CA GLN A 1130 15.68 18.39 25.90
C GLN A 1130 14.60 17.75 26.70
N ASN A 1131 13.46 18.42 26.72
CA ASN A 1131 12.31 17.95 27.46
C ASN A 1131 11.98 16.54 27.09
N ARG A 1132 12.18 16.18 25.82
CA ARG A 1132 11.88 14.83 25.40
C ARG A 1132 12.58 13.82 26.30
N PHE A 1133 13.77 14.17 26.77
CA PHE A 1133 14.55 13.29 27.62
C PHE A 1133 14.41 13.56 29.12
N ALA A 1134 14.23 14.84 29.45
CA ALA A 1134 14.10 15.30 30.83
C ALA A 1134 12.75 14.99 31.49
N VAL A 1135 11.66 14.90 30.72
CA VAL A 1135 10.39 14.56 31.34
C VAL A 1135 10.52 13.17 31.97
N LEU A 1136 11.03 12.21 31.21
CA LEU A 1136 11.19 10.86 31.76
C LEU A 1136 11.94 10.89 33.09
N ASP A 1137 12.86 11.84 33.22
CA ASP A 1137 13.65 11.97 34.43
C ASP A 1137 12.74 12.43 35.55
N ARG A 1138 12.07 13.56 35.34
CA ARG A 1138 11.14 14.10 36.32
C ARG A 1138 10.16 13.04 36.82
N SER A 1139 9.54 12.34 35.88
CA SER A 1139 8.52 11.32 36.15
C SER A 1139 8.91 9.82 36.25
N PHE A 1140 10.16 9.45 35.95
CA PHE A 1140 10.58 8.03 36.01
C PHE A 1140 12.09 7.98 36.16
N PRO A 1141 12.64 8.66 37.18
CA PRO A 1141 14.07 8.71 37.46
C PRO A 1141 14.75 7.37 37.46
N GLU A 1142 14.18 6.40 38.18
CA GLU A 1142 14.85 5.12 38.20
C GLU A 1142 15.04 4.56 36.81
N ASP A 1143 14.02 4.67 35.94
CA ASP A 1143 14.14 4.17 34.56
C ASP A 1143 14.97 5.07 33.64
N ALA A 1144 14.83 6.39 33.81
CA ALA A 1144 15.52 7.39 32.99
C ALA A 1144 17.04 7.43 33.13
N LYS A 1145 17.55 7.30 34.34
CA LYS A 1145 19.00 7.30 34.58
C LYS A 1145 19.61 6.11 33.86
N ARG A 1146 18.81 5.05 33.72
CA ARG A 1146 19.26 3.85 33.07
C ARG A 1146 19.42 4.02 31.57
N LEU A 1147 18.41 4.63 30.95
CA LEU A 1147 18.39 4.80 29.52
C LEU A 1147 19.39 5.83 28.99
N ARG A 1148 19.63 6.91 29.71
CA ARG A 1148 20.59 7.91 29.24
C ARG A 1148 21.99 7.30 29.27
N ALA A 1149 22.11 6.19 30.01
CA ALA A 1149 23.36 5.47 30.11
C ALA A 1149 23.42 4.55 28.92
N GLN A 1150 22.25 4.05 28.51
CA GLN A 1150 22.14 3.17 27.35
C GLN A 1150 22.60 3.99 26.16
N VAL A 1151 21.98 5.17 26.00
CA VAL A 1151 22.33 6.07 24.89
C VAL A 1151 23.79 6.49 24.98
N ALA A 1152 24.32 6.63 26.18
CA ALA A 1152 25.72 7.03 26.31
C ALA A 1152 26.64 5.89 25.97
N HIS A 1153 26.12 4.68 26.04
CA HIS A 1153 26.91 3.48 25.76
C HIS A 1153 26.84 3.21 24.27
N GLU A 1154 25.65 3.41 23.71
CA GLU A 1154 25.41 3.19 22.30
C GLU A 1154 26.26 4.08 21.43
N LEU A 1155 26.22 5.38 21.68
CA LEU A 1155 27.01 6.30 20.88
C LEU A 1155 28.49 5.98 21.08
N ASP A 1156 28.82 5.40 22.23
CA ASP A 1156 30.19 5.03 22.45
C ASP A 1156 30.58 3.85 21.57
N VAL A 1157 29.66 2.92 21.34
CA VAL A 1157 29.93 1.73 20.51
C VAL A 1157 29.94 2.07 19.05
N ARG A 1158 28.88 2.71 18.60
CA ARG A 1158 28.77 3.09 17.22
C ARG A 1158 29.98 3.90 16.83
N PHE A 1159 30.45 4.81 17.67
CA PHE A 1159 31.62 5.58 17.27
C PHE A 1159 32.90 4.75 17.29
N LYS A 1160 32.95 3.68 18.04
CA LYS A 1160 34.16 2.89 18.03
C LYS A 1160 34.15 2.03 16.80
N GLU A 1161 32.95 1.77 16.27
CA GLU A 1161 32.78 0.96 15.05
C GLU A 1161 32.97 1.88 13.86
N LEU A 1162 32.68 3.17 14.05
CA LEU A 1162 32.85 4.14 12.99
C LEU A 1162 34.35 4.35 12.83
N GLU A 1163 35.10 4.07 13.89
CA GLU A 1163 36.54 4.24 13.84
C GLU A 1163 37.25 3.20 12.98
N HIS A 1164 37.00 1.90 13.17
CA HIS A 1164 37.68 0.94 12.29
C HIS A 1164 36.77 0.53 11.17
N MET A 1165 36.71 1.45 10.22
CA MET A 1165 35.94 1.39 8.99
C MET A 1165 36.76 2.42 8.26
N ALA A 1166 37.04 3.51 8.98
CA ALA A 1166 37.88 4.55 8.48
C ALA A 1166 39.25 3.90 8.23
N ALA A 1167 39.62 3.00 9.12
CA ALA A 1167 40.90 2.32 8.99
C ALA A 1167 40.89 0.95 8.30
N THR A 1168 39.74 0.51 7.79
CA THR A 1168 39.71 -0.78 7.09
C THR A 1168 40.30 -0.86 5.68
N ASN A 1169 41.14 -1.87 5.51
CA ASN A 1169 41.80 -2.15 4.24
C ASN A 1169 40.78 -2.87 3.37
N ILE A 1170 39.91 -3.66 4.02
CA ILE A 1170 38.84 -4.37 3.30
C ILE A 1170 37.80 -3.30 2.97
N PHE A 1171 37.14 -3.43 1.83
CA PHE A 1171 36.07 -2.51 1.38
C PHE A 1171 35.48 -2.75 -0.01
N GLU A 1172 34.27 -2.23 -0.16
CA GLU A 1172 33.46 -2.41 -1.37
C GLU A 1172 33.71 -1.44 -2.53
N SER A 1173 34.37 -1.99 -3.54
CA SER A 1173 34.79 -1.33 -4.79
C SER A 1173 33.68 -0.56 -5.54
N PHE A 1174 34.02 0.11 -6.66
CA PHE A 1174 32.99 0.83 -7.42
C PHE A 1174 33.16 1.05 -8.93
N ALA A 1175 32.03 0.94 -9.62
CA ALA A 1175 31.87 1.14 -11.07
C ALA A 1175 30.52 1.89 -11.21
N PRO A 1176 30.49 3.03 -11.92
CA PRO A 1176 29.23 3.77 -12.08
C PRO A 1176 28.18 2.94 -12.83
N ALA A 1177 28.69 2.15 -13.77
CA ALA A 1177 27.95 1.25 -14.68
C ALA A 1177 28.70 1.33 -16.03
N GLY A 1178 28.40 0.40 -16.94
CA GLY A 1178 29.05 0.41 -18.25
C GLY A 1178 29.18 -0.94 -18.96
N GLY A 1179 28.18 -1.28 -19.76
CA GLY A 1179 28.24 -2.54 -20.48
C GLY A 1179 27.01 -2.84 -21.31
N LYS A 1180 26.18 -3.77 -20.82
CA LYS A 1180 24.95 -4.24 -21.47
C LYS A 1180 24.99 -4.30 -22.98
N ALA A 1181 24.53 -3.23 -23.63
CA ALA A 1181 24.46 -3.16 -25.09
C ALA A 1181 23.40 -4.14 -25.59
N ASP A 1182 22.67 -3.70 -26.62
CA ASP A 1182 21.58 -4.46 -27.20
C ASP A 1182 21.72 -5.97 -27.19
N GLY A 1183 20.79 -6.58 -26.45
CA GLY A 1183 20.77 -8.02 -26.32
C GLY A 1183 19.91 -8.47 -25.16
N SER A 1184 19.02 -9.40 -25.47
CA SER A 1184 18.07 -9.97 -24.53
C SER A 1184 18.22 -11.48 -24.60
N VAL A 1185 18.08 -12.13 -23.44
CA VAL A 1185 18.21 -13.58 -23.34
C VAL A 1185 17.36 -14.05 -22.13
N ASP A 1186 16.48 -15.02 -22.37
CA ASP A 1186 15.63 -15.54 -21.29
C ASP A 1186 16.44 -16.50 -20.45
N PHE A 1187 16.19 -16.57 -19.15
CA PHE A 1187 16.94 -17.49 -18.30
C PHE A 1187 16.73 -18.95 -18.74
N GLY A 1188 15.75 -19.15 -19.61
CA GLY A 1188 15.41 -20.48 -20.09
C GLY A 1188 16.10 -21.07 -21.31
N GLU A 1189 16.94 -20.30 -22.01
CA GLU A 1189 17.64 -20.77 -23.20
C GLU A 1189 18.71 -21.83 -22.92
N GLY A 1190 18.79 -22.80 -23.82
CA GLY A 1190 19.79 -23.84 -23.71
C GLY A 1190 19.93 -24.52 -22.38
N ALA A 1191 18.84 -24.49 -21.61
CA ALA A 1191 18.82 -25.15 -20.30
C ALA A 1191 18.49 -26.60 -20.63
N GLU A 1192 18.93 -27.51 -19.77
CA GLU A 1192 18.74 -28.93 -20.00
C GLU A 1192 17.42 -29.43 -19.42
N PHE A 1193 17.17 -29.07 -18.17
CA PHE A 1193 15.92 -29.47 -17.54
C PHE A 1193 14.87 -28.35 -17.68
N CYS A 1194 13.63 -28.66 -17.32
CA CYS A 1194 12.57 -27.66 -17.40
C CYS A 1194 12.98 -26.58 -16.46
N THR A 1195 12.62 -25.35 -16.83
CA THR A 1195 12.92 -24.14 -16.10
C THR A 1195 11.63 -23.39 -15.70
N ARG A 1196 10.50 -24.03 -15.97
CA ARG A 1196 9.20 -23.50 -15.66
C ARG A 1196 8.23 -24.62 -15.28
N ASP A 1197 7.14 -24.25 -14.61
CA ASP A 1197 6.18 -25.25 -14.18
C ASP A 1197 4.85 -25.23 -14.92
N ASP A 1198 4.03 -26.23 -14.62
CA ASP A 1198 2.69 -26.43 -15.20
C ASP A 1198 1.65 -25.41 -14.68
N THR A 1199 2.09 -24.55 -13.76
CA THR A 1199 1.26 -23.53 -13.17
C THR A 1199 0.91 -22.47 -14.24
N PRO A 1200 -0.32 -21.92 -14.20
CA PRO A 1200 -0.86 -20.90 -15.11
C PRO A 1200 -0.19 -19.55 -14.93
N MET A 1201 0.55 -19.45 -13.84
CA MET A 1201 1.26 -18.23 -13.50
C MET A 1201 2.55 -18.11 -14.30
N MET A 1202 3.18 -19.25 -14.58
CA MET A 1202 4.41 -19.28 -15.36
C MET A 1202 4.19 -19.34 -16.87
N ALA A 1203 3.01 -19.77 -17.29
CA ALA A 1203 2.71 -19.85 -18.72
C ALA A 1203 2.96 -18.51 -19.41
N ARG A 1204 3.72 -18.58 -20.49
CA ARG A 1204 4.05 -17.39 -21.26
C ARG A 1204 3.61 -17.58 -22.70
N PRO A 1205 3.68 -16.51 -23.50
CA PRO A 1205 3.27 -16.61 -24.90
C PRO A 1205 4.05 -17.64 -25.69
N ASP A 1206 5.37 -17.66 -25.52
CA ASP A 1206 6.17 -18.60 -26.28
C ASP A 1206 6.62 -19.84 -25.52
N SER A 1207 5.90 -20.15 -24.44
CA SER A 1207 6.20 -21.34 -23.62
C SER A 1207 5.38 -22.57 -24.05
N GLY A 1208 5.78 -23.75 -23.58
CA GLY A 1208 5.08 -24.96 -23.98
C GLY A 1208 5.92 -26.04 -24.66
N GLU A 1209 7.18 -25.73 -25.00
CA GLU A 1209 8.11 -26.69 -25.62
C GLU A 1209 8.50 -27.70 -24.55
N ALA A 1210 8.62 -28.97 -24.93
CA ALA A 1210 8.95 -30.02 -23.97
C ALA A 1210 10.35 -29.95 -23.34
N CYS A 1211 10.48 -30.61 -22.18
CA CYS A 1211 11.72 -30.66 -21.42
C CYS A 1211 11.64 -31.68 -20.28
N ASP A 1212 12.76 -31.85 -19.58
CA ASP A 1212 12.89 -32.78 -18.44
C ASP A 1212 12.42 -32.07 -17.16
N GLN A 1213 11.24 -32.47 -16.68
CA GLN A 1213 10.59 -31.94 -15.48
C GLN A 1213 11.23 -32.48 -14.19
N ASN A 1214 12.42 -33.07 -14.29
CA ASN A 1214 13.15 -33.65 -13.15
C ASN A 1214 12.49 -34.83 -12.43
N ARG A 1215 11.37 -35.32 -12.95
CA ARG A 1215 10.71 -36.45 -12.32
C ARG A 1215 11.50 -37.76 -12.45
N ALA A 1216 12.41 -37.80 -13.41
CA ALA A 1216 13.20 -39.00 -13.65
C ALA A 1216 14.61 -38.98 -13.11
N GLY A 1217 14.90 -38.04 -12.21
CA GLY A 1217 16.22 -38.02 -11.62
C GLY A 1217 17.29 -37.21 -12.30
N THR A 1218 18.45 -37.25 -11.65
CA THR A 1218 19.65 -36.58 -12.07
C THR A 1218 20.18 -37.15 -13.38
N SER A 1219 21.00 -36.36 -14.06
CA SER A 1219 21.58 -36.79 -15.32
C SER A 1219 22.26 -38.09 -15.05
N GLU A 1220 23.30 -38.07 -14.22
CA GLU A 1220 24.00 -39.31 -13.93
C GLU A 1220 23.10 -40.45 -13.45
N GLN A 1221 21.98 -40.16 -12.81
CA GLN A 1221 21.10 -41.25 -12.36
C GLN A 1221 20.36 -41.79 -13.58
N GLN A 1222 20.04 -40.90 -14.50
CA GLN A 1222 19.36 -41.27 -15.73
C GLN A 1222 20.28 -42.19 -16.55
N GLY A 1223 21.56 -41.80 -16.64
CA GLY A 1223 22.56 -42.55 -17.39
C GLY A 1223 23.00 -43.86 -16.75
N ASP A 1224 23.31 -43.82 -15.46
CA ASP A 1224 23.71 -45.05 -14.80
C ASP A 1224 22.55 -46.01 -15.00
N LEU A 1225 21.34 -45.50 -15.15
CA LEU A 1225 20.17 -46.33 -15.37
C LEU A 1225 20.13 -46.89 -16.80
N SER A 1226 20.43 -46.04 -17.78
CA SER A 1226 20.43 -46.43 -19.19
C SER A 1226 21.54 -47.43 -19.40
N LYS A 1227 22.62 -47.18 -18.67
CA LYS A 1227 23.81 -47.99 -18.70
C LYS A 1227 23.56 -49.14 -17.72
N ARG A 1228 22.30 -49.58 -17.61
CA ARG A 1228 21.94 -50.64 -16.68
C ARG A 1228 20.72 -51.44 -17.13
N THR A 1229 20.31 -51.23 -18.37
CA THR A 1229 19.15 -51.93 -18.92
C THR A 1229 19.40 -52.16 -20.40
N LYS A 1230 19.81 -51.09 -21.08
CA LYS A 1230 20.15 -51.00 -22.51
C LYS A 1230 19.45 -51.93 -23.49
N LYS A 1231 19.56 -53.24 -23.26
CA LYS A 1231 18.89 -54.23 -24.10
C LYS A 1231 19.37 -54.27 -25.55
N GLY B 1 0.55 0.11 -42.42
CA GLY B 1 -0.77 -0.35 -42.03
C GLY B 1 -0.95 -1.62 -41.22
N LYS B 2 -2.06 -2.29 -41.52
CA LYS B 2 -2.50 -3.53 -40.87
C LYS B 2 -1.54 -4.68 -40.98
N LYS B 3 -1.61 -5.57 -39.99
CA LYS B 3 -0.76 -6.72 -39.96
C LYS B 3 -1.48 -7.88 -39.27
N MET B 4 -1.55 -9.04 -39.92
CA MET B 4 -2.21 -10.19 -39.30
C MET B 4 -1.26 -10.72 -38.25
N MET B 5 -1.79 -11.29 -37.20
CA MET B 5 -0.96 -11.78 -36.13
C MET B 5 -1.85 -12.67 -35.31
N THR B 6 -1.29 -13.76 -34.84
CA THR B 6 -2.07 -14.65 -34.03
C THR B 6 -1.44 -14.72 -32.63
N THR B 7 -2.02 -13.96 -31.70
CA THR B 7 -1.54 -13.92 -30.32
C THR B 7 -2.64 -13.71 -29.31
N ASP B 8 -2.23 -13.59 -28.06
CA ASP B 8 -3.15 -13.40 -26.98
C ASP B 8 -3.49 -11.93 -26.78
N GLY B 9 -4.36 -11.67 -25.80
CA GLY B 9 -4.82 -10.33 -25.51
C GLY B 9 -3.75 -9.52 -24.87
N ASN B 10 -2.88 -10.15 -24.10
CA ASN B 10 -1.78 -9.45 -23.43
C ASN B 10 -0.82 -8.79 -24.41
N THR B 11 -0.20 -9.60 -25.24
CA THR B 11 0.74 -9.09 -26.20
C THR B 11 -0.04 -8.24 -27.19
N ALA B 12 -1.32 -8.53 -27.40
CA ALA B 12 -2.11 -7.70 -28.30
C ALA B 12 -2.06 -6.32 -27.70
N THR B 13 -2.21 -6.18 -26.38
CA THR B 13 -2.16 -4.83 -25.81
C THR B 13 -0.79 -4.28 -25.58
N ALA B 14 0.17 -5.15 -25.24
CA ALA B 14 1.56 -4.69 -25.01
C ALA B 14 2.13 -4.16 -26.32
N HIS B 15 1.53 -4.54 -27.44
CA HIS B 15 1.96 -4.08 -28.75
C HIS B 15 1.72 -2.58 -28.70
N VAL B 16 0.46 -2.20 -28.49
CA VAL B 16 0.04 -0.80 -28.46
C VAL B 16 0.70 0.05 -27.38
N ALA B 17 0.92 -0.52 -26.19
CA ALA B 17 1.53 0.21 -25.07
C ALA B 17 2.97 0.55 -25.34
N TYR B 18 3.75 -0.40 -25.82
CA TYR B 18 5.14 -0.09 -26.10
C TYR B 18 5.20 1.07 -27.12
N ALA B 19 4.33 1.04 -28.11
CA ALA B 19 4.29 2.07 -29.15
C ALA B 19 3.99 3.46 -28.63
N MET B 20 3.03 3.56 -27.72
CA MET B 20 2.59 4.86 -27.20
C MET B 20 3.22 5.34 -25.89
N SER B 21 4.28 4.66 -25.44
CA SER B 21 4.88 5.03 -24.17
C SER B 21 6.36 5.37 -24.18
N GLU B 22 6.73 6.28 -23.29
CA GLU B 22 8.12 6.67 -23.20
C GLU B 22 8.71 6.11 -21.93
N VAL B 23 7.87 5.69 -21.00
CA VAL B 23 8.39 5.21 -19.73
C VAL B 23 7.45 4.22 -19.19
N ALA B 24 7.97 3.23 -18.48
CA ALA B 24 7.14 2.23 -17.85
C ALA B 24 7.79 1.89 -16.53
N ALA B 25 7.05 2.08 -15.43
CA ALA B 25 7.52 1.72 -14.10
C ALA B 25 6.71 0.45 -13.92
N ILE B 26 7.35 -0.66 -13.55
CA ILE B 26 6.67 -1.97 -13.53
C ILE B 26 6.76 -2.89 -12.29
N TYR B 27 5.96 -3.97 -12.29
CA TYR B 27 5.93 -5.01 -11.21
C TYR B 27 5.10 -6.23 -11.62
N PRO B 28 5.68 -7.45 -11.51
CA PRO B 28 5.00 -8.70 -11.88
C PRO B 28 3.82 -9.20 -11.05
N ILE B 29 2.66 -9.38 -11.69
CA ILE B 29 1.46 -9.89 -11.03
C ILE B 29 0.62 -10.67 -12.07
N THR B 30 0.41 -11.97 -11.84
CA THR B 30 -0.39 -12.83 -12.75
C THR B 30 -1.81 -12.22 -12.77
N PRO B 31 -2.48 -12.24 -13.91
CA PRO B 31 -2.08 -12.77 -15.20
C PRO B 31 -1.41 -11.74 -16.07
N SER B 32 -1.23 -10.53 -15.56
CA SER B 32 -0.64 -9.46 -16.36
C SER B 32 0.87 -9.39 -16.49
N SER B 33 1.59 -10.31 -15.85
CA SER B 33 3.05 -10.30 -15.89
C SER B 33 3.69 -10.22 -17.26
N THR B 34 3.16 -10.98 -18.21
CA THR B 34 3.68 -10.98 -19.58
C THR B 34 3.93 -9.55 -20.10
N MET B 35 2.86 -8.78 -20.31
CA MET B 35 2.95 -7.41 -20.80
C MET B 35 4.23 -6.69 -20.40
N GLY B 36 4.50 -6.62 -19.10
CA GLY B 36 5.69 -5.93 -18.66
C GLY B 36 6.98 -6.57 -19.15
N GLU B 37 6.99 -7.89 -19.24
CA GLU B 37 8.17 -8.63 -19.67
C GLU B 37 8.42 -8.45 -21.15
N GLU B 38 7.36 -8.41 -21.94
CA GLU B 38 7.51 -8.20 -23.35
C GLU B 38 7.96 -6.74 -23.59
N ALA B 39 7.35 -5.82 -22.85
CA ALA B 39 7.68 -4.41 -22.97
C ALA B 39 9.17 -4.32 -22.78
N ASP B 40 9.67 -5.17 -21.90
CA ASP B 40 11.10 -5.22 -21.58
C ASP B 40 12.05 -5.96 -22.55
N ASP B 41 11.62 -7.08 -23.10
CA ASP B 41 12.46 -7.80 -24.03
C ASP B 41 12.57 -7.01 -25.29
N TRP B 42 11.44 -6.45 -25.70
CA TRP B 42 11.38 -5.62 -26.88
C TRP B 42 12.31 -4.45 -26.73
N ALA B 43 12.23 -3.77 -25.60
CA ALA B 43 13.12 -2.65 -25.40
C ALA B 43 14.53 -3.15 -25.50
N ALA B 44 14.80 -4.33 -24.95
CA ALA B 44 16.15 -4.90 -25.01
C ALA B 44 16.60 -5.28 -26.41
N GLN B 45 15.65 -5.29 -27.35
CA GLN B 45 15.96 -5.63 -28.73
C GLN B 45 15.96 -4.39 -29.66
N GLY B 46 16.17 -3.23 -29.07
CA GLY B 46 16.25 -2.00 -29.83
C GLY B 46 14.95 -1.45 -30.38
N ARG B 47 13.86 -2.16 -30.14
CA ARG B 47 12.55 -1.74 -30.64
C ARG B 47 12.22 -0.28 -30.30
N LYS B 48 11.77 0.45 -31.32
CA LYS B 48 11.43 1.85 -31.12
C LYS B 48 9.93 2.16 -30.96
N ASN B 49 9.64 3.11 -30.10
CA ASN B 49 8.26 3.57 -29.87
C ASN B 49 7.94 4.61 -30.96
N ILE B 50 6.79 5.28 -30.90
CA ILE B 50 6.49 6.24 -31.95
C ILE B 50 7.41 7.45 -32.07
N PHE B 51 8.26 7.68 -31.08
CA PHE B 51 9.16 8.83 -31.12
C PHE B 51 10.51 8.35 -31.56
N GLY B 52 10.58 7.08 -31.93
CA GLY B 52 11.83 6.51 -32.39
C GLY B 52 12.79 6.12 -31.29
N GLN B 53 12.32 6.12 -30.04
CA GLN B 53 13.15 5.75 -28.89
C GLN B 53 12.78 4.42 -28.28
N THR B 54 13.74 3.75 -27.66
CA THR B 54 13.43 2.48 -26.98
C THR B 54 12.79 2.87 -25.63
N LEU B 55 11.95 2.01 -25.07
CA LEU B 55 11.24 2.28 -23.81
C LEU B 55 12.10 2.20 -22.58
N THR B 56 11.82 3.05 -21.60
CA THR B 56 12.56 3.03 -20.34
C THR B 56 11.73 2.24 -19.36
N ILE B 57 12.12 1.01 -19.08
CA ILE B 57 11.35 0.22 -18.13
C ILE B 57 12.21 0.10 -16.91
N ARG B 58 11.59 0.13 -15.74
CA ARG B 58 12.32 -0.08 -14.49
C ARG B 58 11.40 -0.94 -13.62
N GLU B 59 11.97 -1.83 -12.81
CA GLU B 59 11.13 -2.66 -11.96
C GLU B 59 11.12 -2.13 -10.54
N MET B 60 9.94 -1.85 -10.00
CA MET B 60 9.84 -1.36 -8.64
C MET B 60 9.76 -2.49 -7.58
N GLN B 61 9.72 -2.10 -6.31
CA GLN B 61 9.69 -3.02 -5.17
C GLN B 61 8.34 -3.58 -4.89
N SER B 62 7.34 -2.90 -5.44
CA SER B 62 5.92 -3.24 -5.30
C SER B 62 5.19 -2.35 -6.32
N GLU B 63 3.93 -2.64 -6.56
CA GLU B 63 3.20 -1.88 -7.53
C GLU B 63 2.68 -0.56 -7.01
N ALA B 64 2.95 -0.31 -5.75
CA ALA B 64 2.55 0.95 -5.18
C ALA B 64 3.73 1.82 -5.54
N GLY B 65 4.93 1.24 -5.43
CA GLY B 65 6.14 1.94 -5.82
C GLY B 65 5.97 2.24 -7.30
N ALA B 66 5.59 1.25 -8.11
CA ALA B 66 5.35 1.46 -9.54
C ALA B 66 4.29 2.53 -9.79
N ALA B 67 3.28 2.60 -8.92
CA ALA B 67 2.22 3.59 -9.09
C ALA B 67 2.82 4.96 -8.89
N GLY B 68 3.65 5.09 -7.87
CA GLY B 68 4.28 6.37 -7.60
C GLY B 68 5.31 6.77 -8.64
N ALA B 69 5.97 5.79 -9.23
CA ALA B 69 6.98 6.06 -10.23
C ALA B 69 6.24 6.53 -11.44
N VAL B 70 5.13 5.86 -11.76
CA VAL B 70 4.31 6.26 -12.90
C VAL B 70 3.84 7.69 -12.69
N HIS B 71 3.52 8.05 -11.45
CA HIS B 71 3.07 9.42 -11.17
C HIS B 71 4.18 10.46 -11.39
N GLY B 72 5.35 10.26 -10.80
CA GLY B 72 6.45 11.19 -10.97
C GLY B 72 6.92 11.39 -12.40
N ALA B 73 6.83 10.35 -13.21
CA ALA B 73 7.24 10.40 -14.62
C ALA B 73 6.33 11.34 -15.39
N LEU B 74 5.02 11.09 -15.32
CA LEU B 74 4.00 11.92 -15.99
C LEU B 74 4.12 13.37 -15.56
N ALA B 75 4.26 13.55 -14.26
CA ALA B 75 4.42 14.87 -13.72
C ALA B 75 5.60 15.48 -14.46
N ALA B 76 6.71 14.73 -14.53
CA ALA B 76 7.92 15.18 -15.20
C ALA B 76 7.90 15.22 -16.72
N GLY B 77 6.72 15.22 -17.34
CA GLY B 77 6.68 15.29 -18.79
C GLY B 77 6.68 14.04 -19.64
N ALA B 78 7.09 12.87 -19.15
CA ALA B 78 7.08 11.69 -20.04
C ALA B 78 5.70 11.02 -20.11
N LEU B 79 5.32 10.42 -21.25
CA LEU B 79 4.03 9.71 -21.34
C LEU B 79 4.37 8.36 -20.65
N THR B 80 3.48 7.82 -19.81
CA THR B 80 3.84 6.59 -19.09
C THR B 80 2.77 5.51 -19.03
N THR B 81 3.17 4.27 -18.72
CA THR B 81 2.23 3.14 -18.58
C THR B 81 2.60 2.20 -17.47
N THR B 82 1.73 1.22 -17.24
CA THR B 82 1.95 0.23 -16.25
C THR B 82 0.93 -0.86 -16.46
N PHE B 83 1.29 -2.06 -16.07
CA PHE B 83 0.43 -3.19 -16.27
C PHE B 83 0.20 -3.73 -14.89
N THR B 84 -1.03 -4.10 -14.56
CA THR B 84 -1.34 -4.60 -13.22
C THR B 84 -2.66 -5.38 -13.13
N ALA B 85 -2.94 -6.00 -11.99
CA ALA B 85 -4.20 -6.74 -11.80
C ALA B 85 -4.55 -6.81 -10.32
N SER B 86 -5.70 -7.38 -9.99
CA SER B 86 -6.21 -7.45 -8.62
C SER B 86 -5.49 -6.70 -7.51
N GLN B 87 -4.73 -7.38 -6.65
CA GLN B 87 -4.09 -6.66 -5.54
C GLN B 87 -3.12 -5.57 -6.01
N GLY B 88 -2.43 -5.83 -7.11
CA GLY B 88 -1.50 -4.86 -7.62
C GLY B 88 -2.26 -3.60 -7.89
N LEU B 89 -3.43 -3.73 -8.47
CA LEU B 89 -4.23 -2.58 -8.78
C LEU B 89 -4.65 -1.85 -7.52
N LEU B 90 -5.16 -2.58 -6.53
CA LEU B 90 -5.57 -1.97 -5.28
C LEU B 90 -4.46 -1.10 -4.70
N LEU B 91 -3.22 -1.56 -4.82
CA LEU B 91 -2.09 -0.78 -4.31
C LEU B 91 -1.84 0.48 -5.09
N MET B 92 -2.38 0.56 -6.29
CA MET B 92 -2.15 1.75 -7.09
C MET B 92 -3.24 2.76 -6.92
N ILE B 93 -4.25 2.45 -6.12
CA ILE B 93 -5.38 3.36 -5.90
C ILE B 93 -5.00 4.74 -5.33
N PRO B 94 -4.21 4.82 -4.25
CA PRO B 94 -3.90 6.16 -3.78
C PRO B 94 -3.33 7.06 -4.83
N ASN B 95 -2.36 6.58 -5.62
CA ASN B 95 -1.77 7.39 -6.69
C ASN B 95 -2.74 7.75 -7.78
N MET B 96 -3.47 6.75 -8.26
CA MET B 96 -4.47 6.97 -9.28
C MET B 96 -5.28 8.22 -8.98
N TYR B 97 -5.62 8.49 -7.73
CA TYR B 97 -6.36 9.71 -7.39
C TYR B 97 -5.50 10.96 -7.71
N LYS B 98 -4.21 10.87 -7.41
CA LYS B 98 -3.32 11.97 -7.66
C LYS B 98 -3.10 12.12 -9.15
N ILE B 99 -2.99 10.98 -9.83
CA ILE B 99 -2.73 10.98 -11.27
C ILE B 99 -3.83 11.61 -12.11
N SER B 100 -5.09 11.37 -11.78
CA SER B 100 -6.17 11.98 -12.53
C SER B 100 -6.47 13.31 -11.87
N GLY B 101 -6.15 13.38 -10.59
CA GLY B 101 -6.35 14.58 -9.82
C GLY B 101 -5.60 15.70 -10.46
N GLU B 102 -4.35 15.44 -10.86
CA GLU B 102 -3.47 16.42 -11.51
C GLU B 102 -3.54 16.36 -13.08
N LEU B 103 -4.62 15.74 -13.58
CA LEU B 103 -4.87 15.61 -15.01
C LEU B 103 -3.66 15.21 -15.83
N LEU B 104 -3.21 13.97 -15.68
CA LEU B 104 -2.05 13.50 -16.42
C LEU B 104 -2.51 12.36 -17.32
N PRO B 105 -1.92 12.25 -18.53
CA PRO B 105 -2.27 11.21 -19.49
C PRO B 105 -1.73 9.79 -19.20
N GLY B 106 -1.93 9.32 -17.98
CA GLY B 106 -1.45 7.99 -17.63
C GLY B 106 -2.36 7.00 -18.30
N VAL B 107 -1.90 5.76 -18.40
CA VAL B 107 -2.68 4.70 -19.00
C VAL B 107 -2.24 3.44 -18.28
N PHE B 108 -3.22 2.74 -17.72
CA PHE B 108 -3.02 1.53 -16.98
C PHE B 108 -3.72 0.46 -17.72
N HIS B 109 -3.01 -0.61 -18.02
CA HIS B 109 -3.57 -1.75 -18.72
C HIS B 109 -3.72 -2.81 -17.65
N VAL B 110 -4.93 -3.22 -17.36
CA VAL B 110 -5.09 -4.24 -16.34
C VAL B 110 -5.84 -5.44 -16.87
N THR B 111 -5.31 -6.62 -16.59
CA THR B 111 -5.94 -7.84 -16.96
C THR B 111 -6.82 -8.14 -15.74
N ALA B 112 -7.99 -7.52 -15.71
CA ALA B 112 -8.99 -7.63 -14.64
C ALA B 112 -8.92 -8.98 -13.98
N ARG B 113 -8.64 -8.99 -12.68
CA ARG B 113 -8.49 -10.22 -11.93
C ARG B 113 -9.19 -10.13 -10.58
N ALA B 114 -9.62 -11.28 -10.06
CA ALA B 114 -10.33 -11.39 -8.76
C ALA B 114 -9.51 -10.97 -7.57
N ILE B 115 -10.21 -10.53 -6.52
CA ILE B 115 -9.57 -10.09 -5.27
C ILE B 115 -9.58 -11.20 -4.21
N ALA B 116 -8.52 -11.25 -3.41
CA ALA B 116 -8.40 -12.27 -2.38
C ALA B 116 -9.24 -11.93 -1.18
N ALA B 117 -10.30 -12.71 -0.97
CA ALA B 117 -11.21 -12.54 0.18
C ALA B 117 -11.11 -13.83 1.00
N HIS B 118 -12.07 -14.73 0.89
CA HIS B 118 -11.98 -15.97 1.65
C HIS B 118 -10.80 -16.80 1.13
N ALA B 119 -10.48 -16.58 -0.15
CA ALA B 119 -9.38 -17.25 -0.85
C ALA B 119 -8.84 -16.30 -1.92
N LEU B 120 -7.63 -16.61 -2.40
CA LEU B 120 -6.99 -15.81 -3.45
C LEU B 120 -7.32 -16.36 -4.82
N SER B 121 -7.08 -15.58 -5.86
CA SER B 121 -7.36 -16.07 -7.20
C SER B 121 -6.58 -15.30 -8.24
N ILE B 122 -5.94 -16.03 -9.15
CA ILE B 122 -5.18 -15.44 -10.24
C ILE B 122 -6.12 -15.25 -11.45
N PHE B 123 -7.30 -15.84 -11.37
CA PHE B 123 -8.26 -15.80 -12.44
C PHE B 123 -9.00 -14.51 -12.70
N GLY B 124 -9.79 -14.48 -13.77
CA GLY B 124 -10.40 -13.24 -14.16
C GLY B 124 -11.78 -12.78 -13.77
N ASP B 125 -11.85 -11.54 -13.33
CA ASP B 125 -13.12 -10.93 -13.01
C ASP B 125 -12.96 -9.42 -12.78
N HIS B 126 -14.05 -8.69 -12.57
CA HIS B 126 -13.93 -7.25 -12.44
C HIS B 126 -13.91 -6.74 -11.02
N GLN B 127 -13.52 -7.54 -10.05
CA GLN B 127 -13.47 -7.03 -8.69
C GLN B 127 -12.45 -5.94 -8.47
N ASP B 128 -11.36 -5.98 -9.22
CA ASP B 128 -10.32 -4.98 -9.07
C ASP B 128 -10.54 -3.67 -9.85
N ILE B 129 -11.19 -3.72 -11.00
CA ILE B 129 -11.41 -2.49 -11.74
C ILE B 129 -12.48 -1.73 -11.00
N TYR B 130 -13.52 -2.44 -10.58
CA TYR B 130 -14.59 -1.80 -9.88
C TYR B 130 -14.09 -1.19 -8.59
N ALA B 131 -12.96 -1.69 -8.09
CA ALA B 131 -12.40 -1.13 -6.87
C ALA B 131 -11.80 0.27 -7.10
N ALA B 132 -11.39 0.52 -8.34
CA ALA B 132 -10.78 1.79 -8.76
C ALA B 132 -11.78 2.70 -9.49
N ARG B 133 -13.05 2.31 -9.40
CA ARG B 133 -14.20 3.00 -9.97
C ARG B 133 -14.24 4.50 -9.70
N GLN B 134 -13.80 4.87 -8.50
CA GLN B 134 -13.86 6.27 -8.07
C GLN B 134 -12.61 7.08 -8.09
N THR B 135 -11.49 6.45 -8.42
CA THR B 135 -10.24 7.16 -8.47
C THR B 135 -10.22 8.31 -9.45
N GLY B 136 -11.14 8.34 -10.40
CA GLY B 136 -11.15 9.42 -11.37
C GLY B 136 -10.60 9.04 -12.75
N PHE B 137 -10.01 7.85 -12.84
CA PHE B 137 -9.49 7.31 -14.09
C PHE B 137 -10.66 6.99 -15.03
N ALA B 138 -10.46 7.11 -16.33
CA ALA B 138 -11.50 6.73 -17.29
C ALA B 138 -11.34 5.21 -17.43
N MET B 139 -12.38 4.48 -17.80
CA MET B 139 -12.27 3.05 -17.91
C MET B 139 -12.86 2.67 -19.22
N LEU B 140 -12.20 1.78 -19.93
CA LEU B 140 -12.58 1.37 -21.28
C LEU B 140 -12.35 -0.11 -21.33
N ALA B 141 -13.37 -0.90 -21.56
CA ALA B 141 -13.17 -2.33 -21.57
C ALA B 141 -13.12 -3.02 -22.92
N SER B 142 -12.18 -3.93 -23.10
CA SER B 142 -12.15 -4.68 -24.33
C SER B 142 -12.64 -6.07 -24.00
N SER B 143 -13.41 -6.64 -24.91
CA SER B 143 -14.01 -7.96 -24.72
C SER B 143 -13.54 -9.05 -25.67
N SER B 144 -12.31 -8.96 -26.16
CA SER B 144 -11.76 -9.94 -27.08
C SER B 144 -10.38 -9.47 -27.43
N VAL B 145 -9.50 -10.42 -27.76
CA VAL B 145 -8.14 -10.09 -28.13
C VAL B 145 -8.03 -8.98 -29.19
N GLN B 146 -8.89 -9.02 -30.20
CA GLN B 146 -8.85 -7.99 -31.22
C GLN B 146 -9.16 -6.67 -30.58
N GLU B 147 -10.12 -6.69 -29.68
CA GLU B 147 -10.52 -5.47 -29.01
C GLU B 147 -9.50 -4.89 -28.02
N ALA B 148 -8.57 -5.72 -27.55
CA ALA B 148 -7.55 -5.31 -26.62
C ALA B 148 -6.58 -4.41 -27.36
N HIS B 149 -6.28 -4.76 -28.60
CA HIS B 149 -5.37 -3.96 -29.40
C HIS B 149 -5.98 -2.57 -29.69
N ASP B 150 -7.17 -2.57 -30.28
CA ASP B 150 -7.86 -1.33 -30.64
C ASP B 150 -8.09 -0.51 -29.39
N MET B 151 -8.89 -1.03 -28.46
CA MET B 151 -9.18 -0.31 -27.22
C MET B 151 -7.96 0.20 -26.48
N ALA B 152 -6.81 -0.44 -26.65
CA ALA B 152 -5.61 0.03 -25.98
C ALA B 152 -5.15 1.26 -26.72
N LEU B 153 -5.31 1.23 -28.04
CA LEU B 153 -4.92 2.36 -28.85
C LEU B 153 -5.83 3.53 -28.47
N VAL B 154 -7.15 3.32 -28.49
CA VAL B 154 -8.08 4.38 -28.16
C VAL B 154 -7.76 5.02 -26.85
N ALA B 155 -7.48 4.19 -25.86
CA ALA B 155 -7.16 4.64 -24.52
C ALA B 155 -5.93 5.54 -24.44
N HIS B 156 -4.94 5.28 -25.29
CA HIS B 156 -3.73 6.08 -25.29
C HIS B 156 -3.93 7.44 -25.91
N LEU B 157 -4.51 7.43 -27.10
CA LEU B 157 -4.76 8.67 -27.80
C LEU B 157 -5.71 9.58 -27.02
N ALA B 158 -6.79 9.01 -26.50
CA ALA B 158 -7.78 9.77 -25.79
C ALA B 158 -7.24 10.39 -24.55
N ALA B 159 -6.24 9.73 -23.96
CA ALA B 159 -5.62 10.19 -22.70
C ALA B 159 -4.79 11.40 -22.97
N ILE B 160 -4.04 11.32 -24.07
CA ILE B 160 -3.16 12.38 -24.50
C ILE B 160 -3.95 13.63 -24.74
N GLU B 161 -5.09 13.48 -25.38
CA GLU B 161 -5.89 14.62 -25.71
C GLU B 161 -6.74 15.16 -24.58
N SER B 162 -7.34 14.26 -23.80
CA SER B 162 -8.24 14.62 -22.71
C SER B 162 -7.62 15.03 -21.37
N ASN B 163 -6.42 14.51 -21.08
CA ASN B 163 -5.64 14.76 -19.85
C ASN B 163 -6.24 14.08 -18.64
N VAL B 164 -7.11 13.12 -18.93
CA VAL B 164 -7.82 12.30 -17.95
C VAL B 164 -7.19 10.92 -18.18
N PRO B 165 -6.54 10.35 -17.15
CA PRO B 165 -5.90 9.05 -17.30
C PRO B 165 -6.90 8.03 -17.70
N PHE B 166 -6.39 6.93 -18.26
CA PHE B 166 -7.22 5.84 -18.71
C PHE B 166 -6.78 4.50 -18.16
N MET B 167 -7.73 3.66 -17.80
CA MET B 167 -7.44 2.31 -17.35
C MET B 167 -8.14 1.48 -18.40
N HIS B 168 -7.40 0.62 -19.08
CA HIS B 168 -7.96 -0.20 -20.13
C HIS B 168 -7.87 -1.59 -19.56
N PHE B 169 -8.99 -2.28 -19.47
CA PHE B 169 -8.98 -3.63 -18.88
C PHE B 169 -9.65 -4.66 -19.76
N PHE B 170 -9.24 -5.89 -19.60
CA PHE B 170 -9.80 -6.99 -20.34
C PHE B 170 -9.81 -8.14 -19.33
N ASP B 171 -10.67 -9.13 -19.47
CA ASP B 171 -10.70 -10.19 -18.49
C ASP B 171 -9.42 -10.97 -18.37
N GLY B 172 -9.03 -11.26 -17.13
CA GLY B 172 -7.81 -12.00 -16.85
C GLY B 172 -7.92 -13.43 -17.31
N PHE B 173 -6.96 -13.85 -18.11
CA PHE B 173 -6.89 -15.19 -18.68
C PHE B 173 -7.83 -15.42 -19.89
N ARG B 174 -9.11 -15.09 -19.76
CA ARG B 174 -10.08 -15.28 -20.86
C ARG B 174 -9.87 -14.34 -22.04
N THR B 175 -8.94 -13.42 -21.90
CA THR B 175 -8.66 -12.51 -22.98
C THR B 175 -7.20 -12.25 -22.96
N SER B 176 -6.67 -12.03 -21.76
CA SER B 176 -5.27 -11.78 -21.59
C SER B 176 -4.55 -12.98 -22.12
N HIS B 177 -5.06 -14.17 -21.85
CA HIS B 177 -4.41 -15.38 -22.27
C HIS B 177 -5.06 -16.16 -23.39
N GLU B 178 -5.81 -15.50 -24.26
CA GLU B 178 -6.44 -16.27 -25.33
C GLU B 178 -5.76 -15.97 -26.64
N ILE B 179 -5.16 -17.00 -27.26
CA ILE B 179 -4.55 -16.77 -28.56
C ILE B 179 -5.71 -16.63 -29.58
N GLN B 180 -5.56 -15.76 -30.57
CA GLN B 180 -6.62 -15.54 -31.53
C GLN B 180 -5.98 -14.79 -32.71
N LYS B 181 -6.47 -15.03 -33.93
CA LYS B 181 -5.90 -14.39 -35.13
C LYS B 181 -6.45 -12.97 -35.28
N ILE B 182 -5.61 -11.98 -35.05
CA ILE B 182 -6.04 -10.58 -35.12
C ILE B 182 -5.27 -9.74 -36.11
N GLU B 183 -5.70 -8.49 -36.26
CA GLU B 183 -5.09 -7.54 -37.17
C GLU B 183 -4.54 -6.44 -36.33
N VAL B 184 -3.23 -6.22 -36.39
CA VAL B 184 -2.64 -5.15 -35.61
C VAL B 184 -2.35 -3.91 -36.44
N LEU B 185 -1.68 -2.92 -35.86
CA LEU B 185 -1.37 -1.70 -36.59
C LEU B 185 0.10 -1.36 -36.42
N ASP B 186 0.63 -0.65 -37.40
CA ASP B 186 2.01 -0.26 -37.37
C ASP B 186 2.10 0.92 -36.51
N TYR B 187 3.26 1.06 -35.89
CA TYR B 187 3.48 2.17 -35.00
C TYR B 187 3.27 3.51 -35.71
N ALA B 188 3.64 3.58 -36.98
CA ALA B 188 3.49 4.79 -37.76
C ALA B 188 2.06 5.24 -37.84
N ASP B 189 1.14 4.27 -37.82
CA ASP B 189 -0.28 4.59 -37.89
C ASP B 189 -0.77 5.09 -36.55
N MET B 190 -0.27 4.48 -35.48
CA MET B 190 -0.63 4.92 -34.16
C MET B 190 -0.11 6.33 -34.03
N ALA B 191 1.14 6.52 -34.43
CA ALA B 191 1.78 7.82 -34.37
C ALA B 191 0.99 8.87 -35.09
N SER B 192 0.38 8.46 -36.18
CA SER B 192 -0.37 9.40 -36.97
C SER B 192 -1.67 9.90 -36.38
N LEU B 193 -2.16 9.27 -35.30
CA LEU B 193 -3.44 9.69 -34.70
C LEU B 193 -3.25 10.63 -33.52
N VAL B 194 -2.00 10.83 -33.10
CA VAL B 194 -1.65 11.67 -31.95
C VAL B 194 -1.82 13.17 -32.09
N ASN B 195 -2.63 13.72 -31.20
CA ASN B 195 -2.85 15.15 -31.15
C ASN B 195 -1.52 15.73 -30.68
N GLN B 196 -0.80 16.39 -31.59
CA GLN B 196 0.49 16.99 -31.28
C GLN B 196 0.39 18.26 -30.47
N LYS B 197 -0.66 19.03 -30.71
CA LYS B 197 -0.84 20.27 -29.98
C LYS B 197 -1.06 19.91 -28.55
N ALA B 198 -1.73 18.77 -28.33
CA ALA B 198 -2.04 18.33 -26.97
C ALA B 198 -0.81 17.78 -26.37
N LEU B 199 -0.05 17.06 -27.15
CA LEU B 199 1.17 16.45 -26.65
C LEU B 199 2.22 17.48 -26.37
N ALA B 200 2.27 18.54 -27.15
CA ALA B 200 3.31 19.53 -26.92
C ALA B 200 2.97 20.34 -25.67
N GLU B 201 1.70 20.32 -25.32
CA GLU B 201 1.20 21.05 -24.17
C GLU B 201 1.41 20.26 -22.89
N PHE B 202 1.31 18.95 -22.99
CA PHE B 202 1.56 18.07 -21.87
C PHE B 202 3.01 18.39 -21.49
N ARG B 203 3.85 18.54 -22.48
CA ARG B 203 5.25 18.87 -22.25
C ARG B 203 5.45 20.17 -21.51
N ALA B 204 4.69 21.20 -21.85
CA ALA B 204 4.89 22.49 -21.20
C ALA B 204 4.27 22.62 -19.87
N LYS B 205 3.18 21.90 -19.65
CA LYS B 205 2.47 21.90 -18.38
C LYS B 205 3.28 21.21 -17.29
N SER B 206 4.24 20.39 -17.73
CA SER B 206 5.10 19.60 -16.85
C SER B 206 6.05 20.31 -15.93
N MET B 207 6.60 19.54 -15.00
CA MET B 207 7.55 20.08 -14.05
C MET B 207 8.85 20.35 -14.76
N ASN B 208 9.56 21.41 -14.37
CA ASN B 208 10.86 21.74 -14.96
C ASN B 208 11.40 22.91 -14.20
N PRO B 209 12.65 22.84 -13.71
CA PRO B 209 13.25 23.92 -12.94
C PRO B 209 13.46 25.19 -13.73
N GLU B 210 13.31 25.10 -15.03
CA GLU B 210 13.48 26.26 -15.89
C GLU B 210 12.23 27.15 -15.83
N HIS B 211 11.09 26.52 -15.57
CA HIS B 211 9.82 27.21 -15.46
C HIS B 211 9.02 26.34 -14.47
N PRO B 212 9.29 26.52 -13.17
CA PRO B 212 8.67 25.79 -12.08
C PRO B 212 7.30 26.24 -11.68
N HIS B 213 6.64 25.37 -10.91
CA HIS B 213 5.32 25.54 -10.33
C HIS B 213 5.24 24.50 -9.22
N VAL B 214 4.36 24.72 -8.26
CA VAL B 214 4.20 23.78 -7.17
C VAL B 214 2.86 23.07 -7.27
N ARG B 215 2.92 21.75 -7.15
CA ARG B 215 1.75 20.88 -7.22
C ARG B 215 1.69 19.99 -5.96
N GLY B 216 0.49 19.51 -5.62
CA GLY B 216 0.37 18.66 -4.46
C GLY B 216 -0.08 19.40 -3.21
N THR B 217 0.02 20.72 -3.21
CA THR B 217 -0.40 21.58 -2.10
C THR B 217 -1.48 21.02 -1.17
N ALA B 218 -1.43 21.45 0.09
CA ALA B 218 -2.39 21.06 1.13
C ALA B 218 -3.36 22.21 1.14
N GLN B 219 -4.66 21.93 0.96
CA GLN B 219 -5.68 22.96 0.94
C GLN B 219 -6.66 22.81 2.07
N ASN B 220 -7.13 23.95 2.59
CA ASN B 220 -8.09 24.00 3.69
C ASN B 220 -9.55 23.84 3.27
N PRO B 221 -10.50 24.22 4.13
CA PRO B 221 -11.85 24.02 3.60
C PRO B 221 -12.36 25.13 2.68
N ASP B 222 -11.76 26.31 2.81
CA ASP B 222 -12.15 27.45 2.04
C ASP B 222 -12.01 27.28 0.53
N ILE B 223 -10.99 26.54 0.11
CA ILE B 223 -10.76 26.32 -1.31
C ILE B 223 -10.71 24.86 -1.80
N TYR B 224 -10.72 23.87 -0.91
CA TYR B 224 -10.66 22.49 -1.39
C TYR B 224 -11.83 22.18 -2.25
N PHE B 225 -13.04 22.24 -1.70
CA PHE B 225 -14.23 21.92 -2.48
C PHE B 225 -14.25 22.50 -3.90
N GLN B 226 -13.88 23.77 -4.07
CA GLN B 226 -13.84 24.40 -5.39
C GLN B 226 -12.81 23.76 -6.33
N GLY B 227 -11.55 23.82 -5.94
CA GLY B 227 -10.48 23.24 -6.73
C GLY B 227 -10.72 21.81 -7.17
N ARG B 228 -11.60 21.12 -6.47
CA ARG B 228 -11.96 19.73 -6.77
C ARG B 228 -12.94 19.69 -7.95
N GLU B 229 -13.83 20.66 -8.02
CA GLU B 229 -14.79 20.70 -9.09
C GLU B 229 -14.17 21.38 -10.31
N ALA B 230 -12.99 21.98 -10.14
CA ALA B 230 -12.35 22.67 -11.26
C ALA B 230 -12.00 21.83 -12.48
N ALA B 231 -12.02 20.50 -12.34
CA ALA B 231 -11.69 19.62 -13.48
C ALA B 231 -12.88 19.15 -14.32
N ASN B 232 -14.08 19.56 -13.93
CA ASN B 232 -15.28 19.15 -14.63
C ASN B 232 -15.26 19.23 -16.16
N PRO B 233 -14.96 20.40 -16.72
CA PRO B 233 -14.94 20.53 -18.18
C PRO B 233 -14.21 19.37 -18.87
N TYR B 234 -13.16 18.85 -18.24
CA TYR B 234 -12.40 17.75 -18.78
C TYR B 234 -13.20 16.46 -18.82
N TYR B 235 -13.81 16.10 -17.71
CA TYR B 235 -14.58 14.87 -17.70
C TYR B 235 -15.79 14.95 -18.58
N LEU B 236 -16.18 16.18 -18.89
CA LEU B 236 -17.29 16.39 -19.78
C LEU B 236 -16.83 16.06 -21.18
N LYS B 237 -15.57 16.38 -21.49
CA LYS B 237 -15.02 16.12 -22.82
C LYS B 237 -14.36 14.78 -23.02
N VAL B 238 -14.11 14.01 -21.95
CA VAL B 238 -13.46 12.74 -22.18
C VAL B 238 -14.28 11.72 -23.02
N PRO B 239 -15.63 11.81 -23.02
CA PRO B 239 -16.44 10.86 -23.82
C PRO B 239 -16.36 11.11 -25.32
N GLY B 240 -16.57 12.37 -25.73
CA GLY B 240 -16.51 12.72 -27.14
C GLY B 240 -15.13 12.39 -27.66
N ILE B 241 -14.11 12.66 -26.83
CA ILE B 241 -12.73 12.36 -27.20
C ILE B 241 -12.55 10.88 -27.43
N VAL B 242 -13.23 10.05 -26.64
CA VAL B 242 -13.15 8.61 -26.81
C VAL B 242 -13.87 8.25 -28.10
N ALA B 243 -15.03 8.84 -28.32
CA ALA B 243 -15.82 8.58 -29.50
C ALA B 243 -15.05 9.03 -30.73
N GLU B 244 -14.35 10.16 -30.62
CA GLU B 244 -13.57 10.71 -31.73
C GLU B 244 -12.50 9.72 -32.18
N TYR B 245 -11.84 9.10 -31.20
CA TYR B 245 -10.80 8.15 -31.49
C TYR B 245 -11.28 6.78 -31.85
N MET B 246 -12.43 6.36 -31.34
CA MET B 246 -12.92 5.04 -31.73
C MET B 246 -13.20 5.18 -33.22
N GLN B 247 -13.57 6.40 -33.62
CA GLN B 247 -13.86 6.73 -35.01
C GLN B 247 -12.65 6.83 -35.91
N LYS B 248 -11.59 7.50 -35.43
CA LYS B 248 -10.35 7.61 -36.22
C LYS B 248 -9.75 6.24 -36.43
N VAL B 249 -9.55 5.49 -35.35
CA VAL B 249 -8.99 4.16 -35.47
C VAL B 249 -9.81 3.30 -36.42
N ALA B 250 -11.13 3.43 -36.34
CA ALA B 250 -11.97 2.63 -37.20
C ALA B 250 -11.71 3.02 -38.64
N SER B 251 -11.39 4.29 -38.84
CA SER B 251 -11.09 4.78 -40.18
C SER B 251 -9.93 3.99 -40.78
N LEU B 252 -8.90 3.72 -39.98
CA LEU B 252 -7.77 2.94 -40.46
C LEU B 252 -8.00 1.44 -40.35
N THR B 253 -8.84 0.99 -39.42
CA THR B 253 -9.00 -0.46 -39.24
C THR B 253 -10.22 -1.14 -39.84
N GLY B 254 -11.35 -0.46 -39.84
CA GLY B 254 -12.56 -1.05 -40.37
C GLY B 254 -13.35 -1.59 -39.20
N ARG B 255 -12.73 -1.63 -38.04
CA ARG B 255 -13.40 -2.10 -36.85
C ARG B 255 -13.89 -0.86 -36.12
N SER B 256 -15.22 -0.65 -36.13
CA SER B 256 -15.90 0.49 -35.49
C SER B 256 -16.47 0.27 -34.07
N TYR B 257 -16.38 1.30 -33.23
CA TYR B 257 -16.84 1.19 -31.86
C TYR B 257 -17.66 2.38 -31.39
N LYS B 258 -18.47 2.15 -30.38
CA LYS B 258 -19.29 3.17 -29.77
C LYS B 258 -19.10 3.05 -28.28
N LEU B 259 -19.40 4.12 -27.53
CA LEU B 259 -19.28 4.10 -26.08
C LEU B 259 -20.02 2.89 -25.51
N PHE B 260 -21.21 2.61 -26.02
CA PHE B 260 -22.04 1.44 -25.64
C PHE B 260 -22.59 1.00 -27.00
N ASP B 261 -22.58 -0.30 -27.29
CA ASP B 261 -23.02 -0.82 -28.57
C ASP B 261 -24.05 -1.90 -28.50
N TYR B 262 -25.07 -1.79 -29.35
CA TYR B 262 -26.14 -2.79 -29.38
C TYR B 262 -25.89 -3.90 -30.39
N VAL B 263 -26.29 -5.11 -30.04
CA VAL B 263 -26.14 -6.25 -30.91
C VAL B 263 -27.41 -7.03 -30.69
N GLY B 264 -27.93 -7.63 -31.76
CA GLY B 264 -29.17 -8.38 -31.63
C GLY B 264 -30.33 -7.75 -32.38
N ALA B 265 -31.53 -8.24 -32.09
CA ALA B 265 -32.77 -7.81 -32.74
C ALA B 265 -33.21 -6.39 -32.46
N PRO B 266 -33.63 -5.67 -33.51
CA PRO B 266 -34.09 -4.29 -33.39
C PRO B 266 -35.34 -4.18 -32.56
N ASP B 267 -36.14 -5.25 -32.56
CA ASP B 267 -37.38 -5.29 -31.78
C ASP B 267 -37.28 -6.33 -30.64
N ALA B 268 -36.07 -6.48 -30.10
CA ALA B 268 -35.85 -7.41 -29.01
C ALA B 268 -36.66 -6.91 -27.84
N GLU B 269 -37.22 -7.84 -27.06
CA GLU B 269 -37.99 -7.46 -25.91
C GLU B 269 -37.18 -7.65 -24.64
N ARG B 270 -36.24 -8.58 -24.72
CA ARG B 270 -35.37 -8.92 -23.61
C ARG B 270 -33.96 -8.55 -24.00
N VAL B 271 -33.40 -7.51 -23.39
CA VAL B 271 -32.04 -7.07 -23.70
C VAL B 271 -31.11 -7.34 -22.52
N ILE B 272 -29.82 -7.55 -22.77
CA ILE B 272 -28.83 -7.81 -21.70
C ILE B 272 -27.75 -6.74 -21.77
N VAL B 273 -27.25 -6.29 -20.62
CA VAL B 273 -26.18 -5.30 -20.59
C VAL B 273 -25.00 -6.03 -20.02
N SER B 274 -23.92 -6.19 -20.77
CA SER B 274 -22.78 -6.91 -20.23
C SER B 274 -21.52 -6.08 -20.49
N MET B 275 -20.39 -6.55 -19.98
CA MET B 275 -19.12 -5.83 -20.16
C MET B 275 -17.98 -6.82 -19.97
N GLY B 276 -17.01 -6.76 -20.86
CA GLY B 276 -15.92 -7.70 -20.76
C GLY B 276 -16.21 -8.80 -21.77
N SER B 277 -15.52 -9.94 -21.67
CA SER B 277 -15.70 -10.99 -22.66
C SER B 277 -17.01 -11.73 -22.69
N SER B 278 -17.88 -11.51 -21.73
CA SER B 278 -19.13 -12.24 -21.76
C SER B 278 -19.82 -11.88 -23.03
N CYS B 279 -19.68 -10.63 -23.45
CA CYS B 279 -20.36 -10.17 -24.66
C CYS B 279 -20.15 -11.07 -25.89
N GLU B 280 -18.93 -11.55 -26.12
CA GLU B 280 -18.66 -12.37 -27.26
C GLU B 280 -19.54 -13.58 -27.24
N THR B 281 -19.49 -14.32 -26.12
CA THR B 281 -20.32 -15.51 -25.99
C THR B 281 -21.81 -15.16 -26.02
N ILE B 282 -22.18 -14.04 -25.43
CA ILE B 282 -23.59 -13.66 -25.45
C ILE B 282 -24.01 -13.41 -26.88
N GLU B 283 -23.13 -12.74 -27.65
CA GLU B 283 -23.42 -12.38 -29.04
C GLU B 283 -23.59 -13.61 -29.85
N GLU B 284 -22.72 -14.57 -29.60
CA GLU B 284 -22.77 -15.82 -30.30
C GLU B 284 -24.09 -16.55 -30.10
N VAL B 285 -24.68 -16.41 -28.92
CA VAL B 285 -25.94 -17.09 -28.63
C VAL B 285 -27.07 -16.30 -29.20
N ILE B 286 -26.90 -15.00 -29.17
CA ILE B 286 -27.88 -14.12 -29.69
C ILE B 286 -28.13 -14.56 -31.12
N ASN B 287 -27.08 -14.72 -31.92
CA ASN B 287 -27.27 -15.12 -33.31
C ASN B 287 -28.08 -16.40 -33.44
N HIS B 288 -27.67 -17.42 -32.71
CA HIS B 288 -28.32 -18.72 -32.73
C HIS B 288 -29.80 -18.53 -32.44
N LEU B 289 -30.11 -18.10 -31.24
CA LEU B 289 -31.49 -17.87 -30.80
C LEU B 289 -32.27 -16.97 -31.76
N ALA B 290 -31.66 -15.90 -32.22
CA ALA B 290 -32.35 -14.98 -33.11
C ALA B 290 -32.72 -15.60 -34.45
N ALA B 291 -31.85 -16.46 -34.96
CA ALA B 291 -32.10 -17.14 -36.22
C ALA B 291 -33.41 -17.93 -36.09
N LYS B 292 -33.78 -18.20 -34.84
CA LYS B 292 -34.99 -18.93 -34.48
C LYS B 292 -36.19 -18.06 -34.20
N GLY B 293 -36.09 -16.76 -34.42
CA GLY B 293 -37.21 -15.87 -34.16
C GLY B 293 -37.30 -15.15 -32.79
N GLU B 294 -36.31 -15.34 -31.92
CA GLU B 294 -36.33 -14.72 -30.61
C GLU B 294 -35.96 -13.22 -30.61
N LYS B 295 -36.71 -12.47 -29.82
CA LYS B 295 -36.51 -11.05 -29.70
C LYS B 295 -35.60 -10.72 -28.54
N ILE B 296 -34.32 -11.00 -28.70
CA ILE B 296 -33.34 -10.74 -27.66
C ILE B 296 -32.23 -9.82 -28.15
N GLY B 297 -31.59 -9.08 -27.23
CA GLY B 297 -30.52 -8.19 -27.65
C GLY B 297 -29.39 -8.12 -26.62
N LEU B 298 -28.42 -7.22 -26.85
CA LEU B 298 -27.28 -7.01 -25.97
C LEU B 298 -26.63 -5.65 -26.16
N ILE B 299 -26.29 -4.98 -25.06
CA ILE B 299 -25.59 -3.70 -25.14
C ILE B 299 -24.26 -4.04 -24.52
N LYS B 300 -23.21 -3.97 -25.31
CA LYS B 300 -21.88 -4.29 -24.80
C LYS B 300 -21.37 -2.94 -24.31
N VAL B 301 -20.92 -2.83 -23.07
CA VAL B 301 -20.40 -1.53 -22.64
C VAL B 301 -18.91 -1.43 -22.96
N ARG B 302 -18.52 -0.28 -23.49
CA ARG B 302 -17.13 0.02 -23.83
C ARG B 302 -16.61 0.99 -22.81
N LEU B 303 -17.14 2.20 -22.82
CA LEU B 303 -16.71 3.22 -21.90
C LEU B 303 -17.59 3.28 -20.67
N TYR B 304 -17.11 2.58 -19.64
CA TYR B 304 -17.74 2.45 -18.31
C TYR B 304 -17.62 3.71 -17.46
N ARG B 305 -16.60 4.51 -17.72
CA ARG B 305 -16.39 5.74 -16.98
C ARG B 305 -15.62 6.69 -17.85
N PRO B 306 -16.17 7.88 -18.09
CA PRO B 306 -17.47 8.34 -17.60
C PRO B 306 -18.66 7.57 -18.18
N PHE B 307 -19.74 7.50 -17.42
CA PHE B 307 -20.92 6.76 -17.84
C PHE B 307 -21.89 7.69 -18.54
N VAL B 308 -21.83 7.75 -19.85
CA VAL B 308 -22.72 8.64 -20.59
C VAL B 308 -24.07 7.99 -20.75
N SER B 309 -25.06 8.44 -20.00
CA SER B 309 -26.42 7.90 -20.05
C SER B 309 -26.98 8.08 -21.45
N GLU B 310 -26.74 9.26 -22.01
CA GLU B 310 -27.19 9.60 -23.35
C GLU B 310 -26.83 8.52 -24.36
N ALA B 311 -25.60 8.02 -24.28
CA ALA B 311 -25.12 6.97 -25.16
C ALA B 311 -25.66 5.63 -24.74
N PHE B 312 -25.95 5.47 -23.46
CA PHE B 312 -26.48 4.20 -22.99
C PHE B 312 -27.76 4.02 -23.74
N PHE B 313 -28.62 5.00 -23.60
CA PHE B 313 -29.90 4.92 -24.23
C PHE B 313 -29.87 4.76 -25.70
N ALA B 314 -28.98 5.48 -26.37
CA ALA B 314 -28.88 5.37 -27.82
C ALA B 314 -28.54 3.96 -28.29
N ALA B 315 -28.41 3.00 -27.37
CA ALA B 315 -28.09 1.64 -27.74
C ALA B 315 -29.16 0.66 -27.28
N LEU B 316 -30.10 1.14 -26.47
CA LEU B 316 -31.14 0.27 -25.97
C LEU B 316 -32.38 0.36 -26.81
N PRO B 317 -32.80 -0.73 -27.48
CA PRO B 317 -34.00 -0.74 -28.33
C PRO B 317 -35.19 -0.24 -27.54
N ALA B 318 -36.11 0.44 -28.21
CA ALA B 318 -37.29 0.99 -27.55
C ALA B 318 -38.26 -0.10 -27.10
N SER B 319 -38.13 -1.30 -27.65
CA SER B 319 -39.01 -2.40 -27.30
C SER B 319 -38.52 -3.22 -26.13
N ALA B 320 -37.38 -2.87 -25.57
CA ALA B 320 -36.89 -3.63 -24.43
C ALA B 320 -37.95 -3.57 -23.35
N LYS B 321 -38.50 -4.72 -23.02
CA LYS B 321 -39.51 -4.77 -21.98
C LYS B 321 -39.01 -5.28 -20.60
N VAL B 322 -37.81 -5.88 -20.60
CA VAL B 322 -37.18 -6.42 -19.41
C VAL B 322 -35.69 -6.34 -19.77
N ILE B 323 -34.82 -5.97 -18.82
CA ILE B 323 -33.40 -5.91 -19.15
C ILE B 323 -32.57 -6.34 -17.98
N THR B 324 -31.67 -7.30 -18.16
CA THR B 324 -30.84 -7.74 -17.05
C THR B 324 -29.41 -7.35 -17.25
N VAL B 325 -28.86 -6.72 -16.22
CA VAL B 325 -27.49 -6.22 -16.22
C VAL B 325 -26.55 -7.22 -15.59
N LEU B 326 -25.64 -7.81 -16.36
CA LEU B 326 -24.70 -8.77 -15.82
C LEU B 326 -23.41 -8.13 -15.29
N ASP B 327 -23.07 -8.47 -14.05
CA ASP B 327 -21.88 -7.94 -13.36
C ASP B 327 -20.91 -9.05 -13.02
N ARG B 328 -19.65 -8.87 -13.35
CA ARG B 328 -18.63 -9.88 -13.07
C ARG B 328 -17.97 -9.54 -11.75
N THR B 329 -18.73 -9.47 -10.67
CA THR B 329 -18.18 -9.11 -9.37
C THR B 329 -19.23 -9.30 -8.28
N LYS B 330 -18.84 -9.11 -7.02
CA LYS B 330 -19.78 -9.25 -5.89
C LYS B 330 -19.41 -8.28 -4.78
N GLU B 331 -20.20 -7.22 -4.61
CA GLU B 331 -19.95 -6.24 -3.56
C GLU B 331 -20.85 -6.66 -2.44
N PRO B 332 -20.32 -7.36 -1.44
CA PRO B 332 -21.06 -7.86 -0.29
C PRO B 332 -21.81 -6.76 0.42
N GLY B 333 -23.13 -6.88 0.55
CA GLY B 333 -23.89 -5.84 1.26
C GLY B 333 -24.41 -4.59 0.53
N ALA B 334 -24.08 -4.42 -0.75
CA ALA B 334 -24.57 -3.29 -1.52
C ALA B 334 -25.95 -3.72 -1.95
N PRO B 335 -26.76 -2.80 -2.47
CA PRO B 335 -28.08 -3.22 -2.89
C PRO B 335 -28.05 -3.67 -4.33
N GLY B 336 -26.85 -3.77 -4.88
CA GLY B 336 -26.71 -4.21 -6.26
C GLY B 336 -25.29 -3.93 -6.69
N ASP B 337 -24.86 -4.55 -7.78
CA ASP B 337 -23.51 -4.34 -8.24
C ASP B 337 -23.38 -3.04 -9.05
N PRO B 338 -22.15 -2.56 -9.32
CA PRO B 338 -21.90 -1.31 -10.05
C PRO B 338 -22.58 -1.12 -11.37
N LEU B 339 -22.39 -2.02 -12.33
CA LEU B 339 -23.03 -1.84 -13.61
C LEU B 339 -24.55 -1.70 -13.43
N TYR B 340 -25.15 -2.63 -12.69
CA TYR B 340 -26.58 -2.61 -12.43
C TYR B 340 -26.96 -1.31 -11.78
N LEU B 341 -26.17 -0.88 -10.81
CA LEU B 341 -26.50 0.36 -10.13
C LEU B 341 -26.50 1.54 -11.08
N ASP B 342 -25.51 1.58 -11.99
CA ASP B 342 -25.40 2.67 -12.97
C ASP B 342 -26.61 2.70 -13.91
N VAL B 343 -26.88 1.59 -14.60
CA VAL B 343 -28.01 1.53 -15.50
C VAL B 343 -29.28 2.06 -14.86
N CYS B 344 -29.54 1.66 -13.61
CA CYS B 344 -30.75 2.09 -12.89
C CYS B 344 -30.87 3.60 -12.81
N SER B 345 -29.81 4.25 -12.35
CA SER B 345 -29.79 5.69 -12.20
C SER B 345 -30.11 6.39 -13.50
N ALA B 346 -29.81 5.72 -14.62
CA ALA B 346 -30.08 6.24 -15.96
C ALA B 346 -31.58 6.16 -16.21
N PHE B 347 -32.14 4.99 -15.95
CA PHE B 347 -33.55 4.76 -16.12
C PHE B 347 -34.45 5.69 -15.28
N VAL B 348 -34.04 5.95 -14.04
CA VAL B 348 -34.84 6.82 -13.17
C VAL B 348 -34.63 8.24 -13.60
N GLU B 349 -33.36 8.57 -13.76
CA GLU B 349 -32.97 9.89 -14.17
C GLU B 349 -33.59 10.23 -15.52
N ARG B 350 -33.99 9.21 -16.29
CA ARG B 350 -34.60 9.44 -17.59
C ARG B 350 -36.07 9.89 -17.48
N GLY B 351 -36.75 9.35 -16.47
CA GLY B 351 -38.15 9.69 -16.21
C GLY B 351 -39.16 9.41 -17.30
N GLU B 352 -39.19 8.18 -17.80
CA GLU B 352 -40.12 7.78 -18.87
C GLU B 352 -40.39 6.29 -18.66
N ALA B 353 -40.03 5.48 -19.65
CA ALA B 353 -40.21 4.06 -19.57
C ALA B 353 -39.36 3.51 -18.45
N MET B 354 -39.72 2.32 -17.98
CA MET B 354 -39.01 1.63 -16.92
C MET B 354 -39.11 0.10 -17.13
N PRO B 355 -38.37 -0.46 -18.10
CA PRO B 355 -38.29 -1.87 -18.51
C PRO B 355 -38.17 -2.98 -17.45
N LYS B 356 -38.07 -2.65 -16.17
CA LYS B 356 -37.90 -3.69 -15.16
C LYS B 356 -36.50 -4.20 -15.40
N ILE B 357 -35.61 -3.70 -14.58
CA ILE B 357 -34.22 -4.06 -14.66
C ILE B 357 -33.96 -5.17 -13.65
N LEU B 358 -33.35 -6.25 -14.12
CA LEU B 358 -33.01 -7.38 -13.26
C LEU B 358 -31.51 -7.37 -13.19
N ALA B 359 -30.95 -7.81 -12.06
CA ALA B 359 -29.51 -7.78 -11.91
C ALA B 359 -29.00 -9.17 -11.76
N GLY B 360 -27.88 -9.49 -12.42
CA GLY B 360 -27.32 -10.83 -12.35
C GLY B 360 -25.81 -10.91 -12.29
N ARG B 361 -25.29 -11.97 -11.70
CA ARG B 361 -23.85 -12.11 -11.56
C ARG B 361 -23.30 -13.39 -12.14
N TYR B 362 -22.15 -13.27 -12.80
CA TYR B 362 -21.52 -14.39 -13.46
C TYR B 362 -20.01 -14.33 -13.39
N GLY B 363 -19.39 -15.40 -13.86
CA GLY B 363 -17.95 -15.48 -13.96
C GLY B 363 -16.93 -15.16 -12.91
N LEU B 364 -17.32 -14.86 -11.68
CA LEU B 364 -16.35 -14.59 -10.64
C LEU B 364 -15.24 -15.63 -10.67
N GLY B 365 -14.01 -15.18 -10.49
CA GLY B 365 -12.88 -16.09 -10.44
C GLY B 365 -12.63 -16.95 -11.63
N SER B 366 -13.10 -16.50 -12.78
CA SER B 366 -12.98 -17.18 -14.07
C SER B 366 -13.93 -18.32 -14.23
N LYS B 367 -15.04 -18.27 -13.52
CA LYS B 367 -16.06 -19.30 -13.64
C LYS B 367 -16.54 -19.18 -15.07
N GLU B 368 -16.99 -20.29 -15.63
CA GLU B 368 -17.46 -20.29 -17.00
C GLU B 368 -18.76 -19.50 -17.25
N PHE B 369 -18.81 -18.87 -18.42
CA PHE B 369 -19.98 -18.15 -18.88
C PHE B 369 -20.20 -18.72 -20.29
N SER B 370 -20.61 -19.98 -20.29
CA SER B 370 -20.88 -20.71 -21.51
C SER B 370 -22.23 -20.26 -22.07
N PRO B 371 -22.65 -20.85 -23.19
CA PRO B 371 -23.92 -20.49 -23.81
C PRO B 371 -25.16 -20.90 -23.04
N ALA B 372 -25.15 -22.12 -22.52
CA ALA B 372 -26.28 -22.61 -21.77
C ALA B 372 -26.66 -21.60 -20.69
N MET B 373 -25.65 -21.06 -20.01
CA MET B 373 -25.83 -20.08 -18.93
C MET B 373 -26.51 -18.82 -19.46
N VAL B 374 -26.15 -18.41 -20.67
CA VAL B 374 -26.74 -17.20 -21.28
C VAL B 374 -28.15 -17.47 -21.64
N LYS B 375 -28.38 -18.69 -22.11
CA LYS B 375 -29.71 -19.15 -22.47
C LYS B 375 -30.52 -18.97 -21.21
N SER B 376 -29.92 -19.35 -20.10
CA SER B 376 -30.53 -19.27 -18.80
C SER B 376 -30.82 -17.84 -18.33
N VAL B 377 -29.91 -16.92 -18.63
CA VAL B 377 -30.09 -15.53 -18.25
C VAL B 377 -31.34 -15.06 -18.98
N TYR B 378 -31.41 -15.42 -20.26
CA TYR B 378 -32.51 -15.05 -21.12
C TYR B 378 -33.84 -15.63 -20.71
N ASP B 379 -33.87 -16.95 -20.54
CA ASP B 379 -35.08 -17.68 -20.17
C ASP B 379 -35.69 -17.10 -18.91
N ASN B 380 -34.82 -16.54 -18.09
CA ASN B 380 -35.23 -15.96 -16.85
C ASN B 380 -35.97 -14.70 -17.16
N MET B 381 -35.47 -13.93 -18.10
CA MET B 381 -36.14 -12.68 -18.43
C MET B 381 -37.56 -12.93 -18.86
N SER B 382 -37.79 -14.06 -19.51
CA SER B 382 -39.14 -14.35 -19.94
C SER B 382 -39.90 -15.23 -18.95
N GLY B 383 -39.22 -15.96 -18.08
CA GLY B 383 -39.94 -16.79 -17.13
C GLY B 383 -40.12 -16.20 -15.75
N ALA B 384 -39.39 -16.78 -14.80
CA ALA B 384 -39.40 -16.37 -13.41
C ALA B 384 -39.06 -14.91 -13.10
N LYS B 385 -38.11 -14.33 -13.82
CA LYS B 385 -37.67 -12.95 -13.56
C LYS B 385 -37.04 -12.82 -12.18
N LYS B 386 -36.26 -13.83 -11.81
CA LYS B 386 -35.55 -13.85 -10.53
C LYS B 386 -34.61 -12.68 -10.59
N ASN B 387 -34.64 -11.84 -9.58
CA ASN B 387 -33.73 -10.72 -9.60
C ASN B 387 -32.54 -11.11 -8.76
N HIS B 388 -31.45 -10.38 -8.90
CA HIS B 388 -30.22 -10.63 -8.15
C HIS B 388 -29.87 -12.11 -8.06
N PHE B 389 -29.64 -12.73 -9.21
CA PHE B 389 -29.31 -14.13 -9.25
C PHE B 389 -27.82 -14.34 -9.49
N THR B 390 -27.41 -15.59 -9.58
CA THR B 390 -26.04 -15.95 -9.90
C THR B 390 -26.20 -16.96 -11.02
N VAL B 391 -25.20 -17.10 -11.89
CA VAL B 391 -25.28 -18.09 -12.97
C VAL B 391 -23.96 -18.76 -13.04
N GLY B 392 -23.95 -20.06 -12.92
CA GLY B 392 -22.68 -20.73 -13.02
C GLY B 392 -22.42 -21.55 -11.79
N ILE B 393 -23.18 -21.27 -10.76
CA ILE B 393 -23.03 -22.00 -9.51
C ILE B 393 -24.37 -22.58 -9.04
N GLU B 394 -24.31 -23.59 -8.19
CA GLU B 394 -25.55 -24.05 -7.61
C GLU B 394 -25.54 -23.44 -6.23
N ASP B 395 -26.34 -22.41 -6.06
CA ASP B 395 -26.37 -21.80 -4.78
C ASP B 395 -27.47 -22.40 -4.00
N ASP B 396 -27.12 -23.41 -3.23
CA ASP B 396 -28.11 -24.06 -2.40
C ASP B 396 -28.24 -23.46 -1.02
N VAL B 397 -27.42 -22.48 -0.64
CA VAL B 397 -27.62 -21.93 0.69
C VAL B 397 -28.52 -20.69 0.66
N THR B 398 -28.21 -19.73 -0.20
CA THR B 398 -29.03 -18.54 -0.28
C THR B 398 -30.12 -18.73 -1.34
N GLY B 399 -29.85 -19.56 -2.34
CA GLY B 399 -30.82 -19.84 -3.39
C GLY B 399 -31.02 -18.70 -4.34
N THR B 400 -29.91 -18.22 -4.89
CA THR B 400 -29.90 -17.12 -5.83
C THR B 400 -29.49 -17.51 -7.22
N SER B 401 -29.02 -18.72 -7.42
CA SER B 401 -28.56 -19.16 -8.72
C SER B 401 -29.66 -19.60 -9.66
N LEU B 402 -29.41 -19.37 -10.94
CA LEU B 402 -30.31 -19.70 -12.04
C LEU B 402 -30.03 -21.14 -12.41
N PRO B 403 -31.06 -21.88 -12.83
CA PRO B 403 -30.79 -23.26 -13.19
C PRO B 403 -30.12 -23.23 -14.55
N VAL B 404 -29.32 -24.25 -14.85
CA VAL B 404 -28.67 -24.28 -16.15
C VAL B 404 -28.90 -25.63 -16.76
N ASP B 405 -29.21 -25.60 -18.04
CA ASP B 405 -29.52 -26.75 -18.84
C ASP B 405 -28.43 -26.96 -19.88
N ASN B 406 -27.60 -27.97 -19.65
CA ASN B 406 -26.51 -28.29 -20.55
C ASN B 406 -26.96 -28.97 -21.83
N ALA B 407 -28.21 -29.39 -21.91
CA ALA B 407 -28.67 -29.98 -23.15
C ALA B 407 -28.70 -28.90 -24.24
N PHE B 408 -28.52 -27.64 -23.87
CA PHE B 408 -28.51 -26.54 -24.82
C PHE B 408 -27.59 -26.91 -25.96
N ALA B 409 -28.03 -26.61 -27.18
CA ALA B 409 -27.27 -26.92 -28.38
C ALA B 409 -25.93 -26.19 -28.45
N ASP B 410 -25.13 -26.55 -29.47
CA ASP B 410 -23.82 -25.94 -29.73
C ASP B 410 -24.17 -24.70 -30.51
N THR B 411 -23.51 -23.58 -30.24
CA THR B 411 -23.86 -22.36 -30.92
C THR B 411 -22.74 -21.73 -31.72
N THR B 412 -21.64 -22.45 -31.90
CA THR B 412 -20.53 -21.90 -32.66
C THR B 412 -20.96 -21.77 -34.12
N PRO B 413 -20.35 -20.87 -34.89
CA PRO B 413 -20.78 -20.76 -36.27
C PRO B 413 -20.69 -22.05 -37.06
N LYS B 414 -21.38 -22.08 -38.19
CA LYS B 414 -21.35 -23.23 -39.04
C LYS B 414 -19.93 -23.34 -39.61
N GLY B 415 -19.43 -24.57 -39.63
CA GLY B 415 -18.10 -24.83 -40.18
C GLY B 415 -17.01 -24.46 -39.21
N THR B 416 -17.05 -25.07 -38.03
CA THR B 416 -16.07 -24.76 -37.01
C THR B 416 -15.64 -26.05 -36.33
N ILE B 417 -14.35 -26.33 -36.41
CA ILE B 417 -13.77 -27.48 -35.77
C ILE B 417 -13.42 -27.04 -34.34
N GLN B 418 -13.78 -27.85 -33.37
CA GLN B 418 -13.46 -27.56 -31.98
C GLN B 418 -12.60 -28.72 -31.54
N CYS B 419 -11.45 -28.41 -30.94
CA CYS B 419 -10.54 -29.44 -30.49
C CYS B 419 -10.20 -29.31 -29.02
N GLN B 420 -9.76 -30.42 -28.41
CA GLN B 420 -9.33 -30.47 -27.00
C GLN B 420 -8.23 -31.49 -26.93
N PHE B 421 -7.21 -31.17 -26.15
CA PHE B 421 -6.06 -32.03 -25.97
C PHE B 421 -5.75 -32.19 -24.50
N TRP B 422 -5.54 -33.42 -24.10
CA TRP B 422 -5.24 -33.69 -22.73
C TRP B 422 -3.77 -34.11 -22.65
N GLY B 423 -2.97 -33.40 -21.87
CA GLY B 423 -1.57 -33.78 -21.80
C GLY B 423 -0.93 -33.67 -20.43
N LEU B 424 0.29 -34.17 -20.33
CA LEU B 424 1.06 -34.13 -19.09
C LEU B 424 1.96 -32.90 -19.18
N GLY B 425 2.32 -32.31 -18.05
CA GLY B 425 3.18 -31.14 -18.11
C GLY B 425 4.50 -31.47 -18.78
N ALA B 426 4.98 -30.55 -19.63
CA ALA B 426 6.27 -30.70 -20.30
C ALA B 426 6.45 -31.86 -21.32
N ASP B 427 5.36 -32.17 -22.02
CA ASP B 427 5.38 -33.15 -23.09
C ASP B 427 5.28 -32.35 -24.40
N GLY B 428 5.29 -31.03 -24.28
CA GLY B 428 5.21 -30.18 -25.45
C GLY B 428 3.84 -30.04 -26.07
N THR B 429 2.80 -30.60 -25.46
CA THR B 429 1.46 -30.50 -26.04
C THR B 429 1.07 -29.06 -26.31
N VAL B 430 1.07 -28.23 -25.26
CA VAL B 430 0.71 -26.83 -25.38
C VAL B 430 1.56 -26.14 -26.45
N GLY B 431 2.86 -26.39 -26.41
CA GLY B 431 3.72 -25.77 -27.42
C GLY B 431 3.17 -26.14 -28.78
N ALA B 432 3.08 -27.43 -29.08
CA ALA B 432 2.58 -27.91 -30.35
C ALA B 432 1.29 -27.20 -30.71
N ASN B 433 0.38 -27.07 -29.73
CA ASN B 433 -0.89 -26.42 -29.97
C ASN B 433 -0.67 -25.02 -30.44
N LYS B 434 0.16 -24.23 -29.75
CA LYS B 434 0.42 -22.86 -30.15
C LYS B 434 1.04 -22.80 -31.54
N GLN B 435 1.79 -23.85 -31.88
CA GLN B 435 2.42 -23.93 -33.18
C GLN B 435 1.36 -24.17 -34.25
N ALA B 436 0.53 -25.19 -34.05
CA ALA B 436 -0.51 -25.51 -35.02
C ALA B 436 -1.41 -24.32 -35.29
N ILE B 437 -1.38 -23.34 -34.40
CA ILE B 437 -2.24 -22.19 -34.60
C ILE B 437 -1.54 -21.21 -35.50
N LYS B 438 -0.25 -20.98 -35.27
CA LYS B 438 0.53 -20.07 -36.13
C LYS B 438 0.48 -20.66 -37.55
N ILE B 439 0.77 -21.95 -37.65
CA ILE B 439 0.77 -22.66 -38.93
C ILE B 439 -0.57 -22.57 -39.67
N ILE B 440 -1.65 -22.95 -39.01
CA ILE B 440 -2.95 -22.90 -39.64
C ILE B 440 -3.27 -21.45 -39.93
N GLY B 441 -3.42 -20.64 -38.90
CA GLY B 441 -3.70 -19.22 -39.12
C GLY B 441 -2.87 -18.45 -40.15
N ASP B 442 -1.61 -18.81 -40.35
CA ASP B 442 -0.73 -18.12 -41.31
C ASP B 442 -0.74 -18.66 -42.74
N ASN B 443 -1.28 -19.87 -42.92
CA ASN B 443 -1.26 -20.52 -44.24
C ASN B 443 -2.65 -20.90 -44.75
N THR B 444 -3.66 -20.39 -44.06
CA THR B 444 -5.05 -20.60 -44.40
C THR B 444 -5.65 -19.28 -43.97
N ASP B 445 -6.89 -19.00 -44.35
CA ASP B 445 -7.48 -17.76 -43.87
C ASP B 445 -8.75 -18.01 -43.00
N LEU B 446 -8.57 -19.00 -42.13
CA LEU B 446 -9.55 -19.45 -41.15
C LEU B 446 -9.17 -18.78 -39.85
N PHE B 447 -10.15 -18.56 -38.97
CA PHE B 447 -9.87 -17.95 -37.68
C PHE B 447 -9.43 -19.05 -36.72
N ALA B 448 -8.42 -18.77 -35.90
CA ALA B 448 -7.90 -19.76 -34.99
C ALA B 448 -8.04 -19.22 -33.58
N GLN B 449 -8.37 -20.08 -32.63
CA GLN B 449 -8.49 -19.62 -31.27
C GLN B 449 -7.90 -20.68 -30.44
N GLY B 450 -7.27 -20.28 -29.35
CA GLY B 450 -6.66 -21.25 -28.47
C GLY B 450 -6.70 -20.79 -27.03
N TYR B 451 -7.09 -21.69 -26.14
CA TYR B 451 -7.18 -21.41 -24.73
C TYR B 451 -6.65 -22.64 -24.04
N PHE B 452 -5.84 -22.43 -23.01
CA PHE B 452 -5.21 -23.56 -22.31
C PHE B 452 -5.48 -23.66 -20.79
N SER B 453 -6.16 -24.74 -20.39
CA SER B 453 -6.42 -24.98 -18.97
C SER B 453 -5.15 -25.57 -18.42
N TYR B 454 -4.76 -25.15 -17.24
CA TYR B 454 -3.53 -25.66 -16.69
C TYR B 454 -3.73 -26.52 -15.47
N ASP B 455 -2.71 -26.57 -14.62
CA ASP B 455 -2.72 -27.39 -13.42
C ASP B 455 -2.03 -26.63 -12.29
N SER B 456 -2.55 -26.75 -11.06
CA SER B 456 -1.93 -26.07 -9.93
C SER B 456 -0.67 -26.83 -9.50
N LYS B 457 -0.61 -28.13 -9.83
CA LYS B 457 0.55 -28.98 -9.53
C LYS B 457 1.65 -28.60 -10.47
N LYS B 458 2.78 -28.21 -9.87
CA LYS B 458 3.95 -27.78 -10.60
C LYS B 458 4.70 -28.92 -11.32
N SER B 459 4.72 -30.10 -10.73
CA SER B 459 5.39 -31.18 -11.42
C SER B 459 4.34 -32.22 -11.80
N GLY B 460 4.41 -32.66 -13.05
CA GLY B 460 3.51 -33.67 -13.61
C GLY B 460 2.03 -33.34 -13.65
N GLY B 461 1.70 -32.07 -13.52
CA GLY B 461 0.32 -31.64 -13.55
C GLY B 461 -0.31 -31.84 -14.91
N ILE B 462 -1.63 -32.03 -14.93
CA ILE B 462 -2.33 -32.22 -16.20
C ILE B 462 -2.45 -30.89 -16.91
N THR B 463 -2.96 -30.92 -18.12
CA THR B 463 -3.11 -29.71 -18.90
C THR B 463 -4.02 -30.05 -20.04
N ILE B 464 -5.11 -29.30 -20.15
CA ILE B 464 -6.08 -29.53 -21.20
C ILE B 464 -6.17 -28.27 -22.04
N SER B 465 -6.08 -28.44 -23.35
CA SER B 465 -6.11 -27.34 -24.31
C SER B 465 -7.41 -27.25 -25.09
N HIS B 466 -7.82 -26.07 -25.51
CA HIS B 466 -9.02 -25.97 -26.30
C HIS B 466 -8.66 -25.16 -27.49
N LEU B 467 -8.70 -25.77 -28.68
CA LEU B 467 -8.39 -25.04 -29.91
C LEU B 467 -9.64 -24.94 -30.77
N ARG B 468 -9.71 -23.97 -31.66
CA ARG B 468 -10.87 -23.83 -32.52
C ARG B 468 -10.51 -23.15 -33.80
N PHE B 469 -11.02 -23.70 -34.90
CA PHE B 469 -10.75 -23.16 -36.21
C PHE B 469 -12.10 -23.06 -36.88
N GLY B 470 -12.24 -22.10 -37.77
CA GLY B 470 -13.49 -21.93 -38.48
C GLY B 470 -13.40 -20.81 -39.49
N GLU B 471 -14.28 -20.86 -40.49
CA GLU B 471 -14.30 -19.85 -41.53
C GLU B 471 -14.81 -18.51 -41.00
N LYS B 472 -15.58 -18.55 -39.91
CA LYS B 472 -16.13 -17.35 -39.30
C LYS B 472 -15.39 -16.91 -38.03
N PRO B 473 -15.41 -15.61 -37.70
CA PRO B 473 -14.71 -15.16 -36.50
C PRO B 473 -15.31 -15.86 -35.32
N ILE B 474 -14.41 -16.30 -34.45
CA ILE B 474 -14.71 -17.08 -33.26
C ILE B 474 -14.96 -16.25 -32.01
N GLN B 475 -16.25 -16.14 -31.66
CA GLN B 475 -16.68 -15.37 -30.51
C GLN B 475 -16.93 -16.25 -29.31
N SER B 476 -16.43 -17.47 -29.35
CA SER B 476 -16.67 -18.39 -28.25
C SER B 476 -15.64 -18.22 -27.15
N THR B 477 -15.94 -17.32 -26.23
CA THR B 477 -15.05 -17.11 -25.11
C THR B 477 -15.50 -18.01 -23.97
N TYR B 478 -15.38 -19.31 -24.21
CA TYR B 478 -15.75 -20.35 -23.25
C TYR B 478 -15.02 -21.63 -23.67
N LEU B 479 -14.94 -22.61 -22.77
CA LEU B 479 -14.22 -23.84 -23.05
C LEU B 479 -14.97 -24.66 -24.07
N VAL B 480 -14.28 -25.60 -24.71
CA VAL B 480 -14.92 -26.43 -25.73
C VAL B 480 -15.72 -27.54 -25.07
N ASN B 481 -16.99 -27.72 -25.44
CA ASN B 481 -17.79 -28.85 -24.88
C ASN B 481 -18.15 -29.90 -25.90
N ARG B 482 -18.51 -29.50 -27.09
CA ARG B 482 -18.84 -30.47 -28.12
C ARG B 482 -17.60 -30.59 -28.99
N ALA B 483 -16.65 -31.43 -28.58
CA ALA B 483 -15.41 -31.63 -29.33
C ALA B 483 -15.56 -32.45 -30.58
N ASP B 484 -14.87 -32.02 -31.64
CA ASP B 484 -14.84 -32.73 -32.91
C ASP B 484 -13.71 -33.74 -32.83
N TYR B 485 -12.57 -33.31 -32.27
CA TYR B 485 -11.37 -34.13 -32.13
C TYR B 485 -10.84 -34.00 -30.69
N VAL B 486 -10.76 -35.08 -29.94
CA VAL B 486 -10.24 -35.03 -28.58
C VAL B 486 -9.01 -35.90 -28.60
N ALA B 487 -7.89 -35.43 -28.10
CA ALA B 487 -6.67 -36.23 -28.09
C ALA B 487 -6.15 -36.40 -26.68
N CYS B 488 -5.66 -37.59 -26.34
CA CYS B 488 -5.17 -37.86 -24.99
C CYS B 488 -3.68 -38.29 -24.99
N HIS B 489 -2.79 -37.36 -24.69
CA HIS B 489 -1.35 -37.62 -24.73
C HIS B 489 -0.66 -38.30 -23.53
N ASN B 490 -1.45 -38.74 -22.56
CA ASN B 490 -0.92 -39.45 -21.41
C ASN B 490 -1.94 -40.51 -21.16
N PRO B 491 -1.59 -41.75 -21.48
CA PRO B 491 -2.44 -42.92 -21.30
C PRO B 491 -3.08 -43.00 -19.90
N ALA B 492 -2.37 -42.57 -18.86
CA ALA B 492 -2.92 -42.63 -17.51
C ALA B 492 -4.27 -41.90 -17.33
N TYR B 493 -4.58 -40.96 -18.20
CA TYR B 493 -5.83 -40.22 -18.07
C TYR B 493 -7.09 -41.04 -18.31
N VAL B 494 -7.09 -41.85 -19.37
CA VAL B 494 -8.22 -42.69 -19.77
C VAL B 494 -8.98 -43.24 -18.57
N GLY B 495 -8.25 -43.91 -17.68
CA GLY B 495 -8.87 -44.47 -16.50
C GLY B 495 -9.51 -43.46 -15.58
N ILE B 496 -8.72 -42.47 -15.14
CA ILE B 496 -9.15 -41.44 -14.17
C ILE B 496 -10.04 -40.23 -14.50
N TYR B 497 -9.80 -39.57 -15.63
CA TYR B 497 -10.57 -38.39 -16.02
C TYR B 497 -11.64 -38.63 -17.08
N ASP B 498 -12.58 -37.70 -17.19
CA ASP B 498 -13.67 -37.82 -18.17
C ASP B 498 -13.23 -37.31 -19.56
N ILE B 499 -12.28 -38.01 -20.17
CA ILE B 499 -11.76 -37.64 -21.49
C ILE B 499 -12.78 -37.36 -22.61
N LEU B 500 -13.82 -38.17 -22.72
CA LEU B 500 -14.77 -38.00 -23.82
C LEU B 500 -16.04 -37.20 -23.60
N GLU B 501 -16.08 -36.38 -22.54
CA GLU B 501 -17.28 -35.60 -22.24
C GLU B 501 -17.67 -34.73 -23.40
N GLY B 502 -18.90 -34.89 -23.85
CA GLY B 502 -19.39 -34.09 -24.95
C GLY B 502 -18.91 -34.31 -26.38
N ILE B 503 -17.96 -35.20 -26.62
CA ILE B 503 -17.48 -35.44 -27.98
C ILE B 503 -18.64 -35.69 -28.93
N LYS B 504 -18.55 -35.07 -30.11
CA LYS B 504 -19.59 -35.17 -31.11
C LYS B 504 -19.66 -36.57 -31.71
N ASP B 505 -20.82 -36.92 -32.26
CA ASP B 505 -20.98 -38.22 -32.87
C ASP B 505 -19.97 -38.39 -34.01
N GLY B 506 -19.34 -39.55 -34.05
CA GLY B 506 -18.36 -39.81 -35.09
C GLY B 506 -17.20 -38.84 -34.94
N GLY B 507 -16.95 -38.34 -33.74
CA GLY B 507 -15.85 -37.43 -33.54
C GLY B 507 -14.60 -38.25 -33.39
N THR B 508 -13.56 -37.96 -34.16
CA THR B 508 -12.32 -38.73 -34.05
C THR B 508 -11.79 -38.57 -32.65
N PHE B 509 -10.96 -39.51 -32.18
CA PHE B 509 -10.40 -39.48 -30.83
C PHE B 509 -9.14 -40.27 -30.91
N VAL B 510 -8.02 -39.65 -30.56
CA VAL B 510 -6.75 -40.35 -30.59
C VAL B 510 -6.26 -40.49 -29.17
N LEU B 511 -5.51 -41.56 -28.95
CA LEU B 511 -4.99 -41.88 -27.65
C LEU B 511 -3.57 -42.28 -27.77
N ASN B 512 -2.73 -41.72 -26.93
CA ASN B 512 -1.36 -42.13 -26.93
C ASN B 512 -1.39 -43.27 -25.91
N SER B 513 -1.03 -44.48 -26.35
CA SER B 513 -1.00 -45.69 -25.51
C SER B 513 -0.42 -46.87 -26.27
N PRO B 514 0.30 -47.76 -25.56
CA PRO B 514 0.92 -48.95 -26.16
C PRO B 514 0.00 -50.17 -26.29
N TRP B 515 -1.26 -50.02 -25.90
CA TRP B 515 -2.26 -51.08 -25.99
C TRP B 515 -2.68 -51.16 -27.43
N SER B 516 -1.77 -51.58 -28.31
CA SER B 516 -2.01 -51.67 -29.77
C SER B 516 -3.04 -52.74 -30.21
N SER B 517 -3.14 -53.79 -29.40
CA SER B 517 -4.03 -54.91 -29.66
C SER B 517 -5.32 -54.79 -28.90
N LEU B 518 -6.35 -55.37 -29.49
CA LEU B 518 -7.68 -55.36 -28.92
C LEU B 518 -7.61 -55.96 -27.54
N GLU B 519 -6.64 -56.84 -27.34
CA GLU B 519 -6.46 -57.51 -26.05
C GLU B 519 -6.08 -56.54 -24.97
N ASP B 520 -4.92 -55.91 -25.14
CA ASP B 520 -4.43 -54.94 -24.17
C ASP B 520 -5.42 -53.80 -24.11
N MET B 521 -5.83 -53.32 -25.27
CA MET B 521 -6.78 -52.24 -25.29
C MET B 521 -7.94 -52.61 -24.40
N ASP B 522 -8.46 -53.81 -24.58
CA ASP B 522 -9.59 -54.25 -23.76
C ASP B 522 -9.24 -54.34 -22.29
N LYS B 523 -8.00 -54.70 -21.99
CA LYS B 523 -7.61 -54.84 -20.60
C LYS B 523 -7.13 -53.54 -19.89
N HIS B 524 -7.49 -52.38 -20.45
CA HIS B 524 -7.13 -51.05 -19.90
C HIS B 524 -8.25 -50.01 -19.93
N LEU B 525 -8.79 -49.72 -21.11
CA LEU B 525 -9.88 -48.77 -21.25
C LEU B 525 -11.07 -49.14 -20.35
N PRO B 526 -11.65 -48.18 -19.63
CA PRO B 526 -12.79 -48.50 -18.76
C PRO B 526 -14.09 -48.78 -19.54
N SER B 527 -15.06 -49.37 -18.86
CA SER B 527 -16.32 -49.68 -19.52
C SER B 527 -16.90 -48.46 -20.20
N GLY B 528 -17.09 -47.40 -19.41
CA GLY B 528 -17.67 -46.16 -19.89
C GLY B 528 -17.12 -45.64 -21.18
N ILE B 529 -15.80 -45.77 -21.35
CA ILE B 529 -15.13 -45.29 -22.55
C ILE B 529 -15.37 -46.17 -23.76
N LYS B 530 -15.24 -47.49 -23.62
CA LYS B 530 -15.47 -48.39 -24.75
C LYS B 530 -16.87 -48.13 -25.27
N ARG B 531 -17.79 -48.04 -24.34
CA ARG B 531 -19.18 -47.76 -24.62
C ARG B 531 -19.31 -46.44 -25.34
N THR B 532 -18.74 -45.39 -24.76
CA THR B 532 -18.77 -44.05 -25.30
C THR B 532 -18.26 -44.08 -26.71
N ILE B 533 -17.11 -44.69 -26.88
CA ILE B 533 -16.48 -44.82 -28.18
C ILE B 533 -17.45 -45.51 -29.14
N ALA B 534 -18.23 -46.44 -28.61
CA ALA B 534 -19.18 -47.21 -29.40
C ALA B 534 -20.50 -46.57 -29.81
N ASN B 535 -21.39 -46.25 -28.86
CA ASN B 535 -22.70 -45.67 -29.21
C ASN B 535 -22.60 -44.35 -29.95
N LYS B 536 -21.55 -43.58 -29.65
CA LYS B 536 -21.35 -42.31 -30.32
C LYS B 536 -20.69 -42.50 -31.70
N LYS B 537 -20.37 -43.75 -32.01
CA LYS B 537 -19.75 -44.10 -33.29
C LYS B 537 -18.43 -43.42 -33.61
N LEU B 538 -17.62 -43.16 -32.59
CA LEU B 538 -16.32 -42.48 -32.74
C LEU B 538 -15.35 -43.11 -33.75
N LYS B 539 -14.33 -42.34 -34.10
CA LYS B 539 -13.28 -42.81 -34.97
C LYS B 539 -12.13 -42.90 -34.01
N PHE B 540 -12.00 -44.03 -33.36
CA PHE B 540 -10.95 -44.19 -32.41
C PHE B 540 -9.65 -44.52 -33.11
N TYR B 541 -8.58 -43.76 -32.83
CA TYR B 541 -7.24 -44.04 -33.37
C TYR B 541 -6.30 -44.19 -32.21
N ASN B 542 -5.65 -45.34 -32.03
CA ASN B 542 -4.70 -45.46 -30.95
C ASN B 542 -3.32 -45.33 -31.56
N ILE B 543 -2.41 -44.68 -30.83
CA ILE B 543 -1.05 -44.53 -31.31
C ILE B 543 -0.07 -44.59 -30.13
N ASP B 544 0.98 -45.40 -30.33
CA ASP B 544 2.03 -45.61 -29.35
C ASP B 544 3.13 -44.62 -29.66
N ALA B 545 2.80 -43.35 -29.51
CA ALA B 545 3.74 -42.26 -29.74
C ALA B 545 5.12 -42.47 -29.10
N VAL B 546 5.15 -42.96 -27.88
CA VAL B 546 6.40 -43.15 -27.16
C VAL B 546 7.42 -43.94 -27.96
N LYS B 547 7.00 -45.12 -28.41
CA LYS B 547 7.81 -46.03 -29.21
C LYS B 547 8.18 -45.45 -30.58
N ILE B 548 7.21 -44.93 -31.33
CA ILE B 548 7.56 -44.35 -32.62
C ILE B 548 8.59 -43.24 -32.43
N ALA B 549 8.49 -42.52 -31.32
CA ALA B 549 9.42 -41.45 -31.05
C ALA B 549 10.78 -42.04 -30.73
N THR B 550 10.79 -43.13 -29.99
CA THR B 550 12.06 -43.75 -29.63
C THR B 550 12.66 -44.34 -30.89
N ASP B 551 11.81 -45.03 -31.65
CA ASP B 551 12.19 -45.67 -32.89
C ASP B 551 12.84 -44.67 -33.83
N VAL B 552 12.09 -43.64 -34.21
CA VAL B 552 12.62 -42.64 -35.12
C VAL B 552 13.78 -41.84 -34.52
N GLY B 553 14.19 -42.23 -33.31
CA GLY B 553 15.32 -41.59 -32.67
C GLY B 553 15.06 -40.46 -31.73
N LEU B 554 13.84 -39.93 -31.70
CA LEU B 554 13.50 -38.82 -30.84
C LEU B 554 13.40 -39.14 -29.37
N GLY B 555 14.10 -40.19 -28.93
CA GLY B 555 14.08 -40.56 -27.53
C GLY B 555 12.74 -40.47 -26.82
N GLY B 556 11.78 -41.28 -27.24
CA GLY B 556 10.47 -41.26 -26.62
C GLY B 556 9.82 -39.91 -26.36
N ARG B 557 10.01 -38.93 -27.24
CA ARG B 557 9.35 -37.65 -27.04
C ARG B 557 8.19 -37.52 -28.01
N ILE B 558 7.01 -37.81 -27.49
CA ILE B 558 5.76 -37.82 -28.23
C ILE B 558 5.20 -36.57 -28.88
N ASN B 559 5.75 -35.40 -28.58
CA ASN B 559 5.16 -34.20 -29.15
C ASN B 559 4.93 -34.11 -30.65
N MET B 560 5.97 -34.32 -31.44
CA MET B 560 5.86 -34.21 -32.89
C MET B 560 4.91 -35.24 -33.52
N ILE B 561 4.76 -36.39 -32.87
CA ILE B 561 3.88 -37.44 -33.36
C ILE B 561 2.44 -37.04 -33.08
N MET B 562 2.12 -36.69 -31.83
CA MET B 562 0.77 -36.30 -31.46
C MET B 562 0.37 -35.01 -32.19
N GLN B 563 1.38 -34.35 -32.76
CA GLN B 563 1.19 -33.13 -33.53
C GLN B 563 0.75 -33.57 -34.93
N THR B 564 1.33 -34.67 -35.39
CA THR B 564 1.02 -35.22 -36.68
C THR B 564 -0.44 -35.63 -36.67
N ALA B 565 -0.85 -36.43 -35.69
CA ALA B 565 -2.24 -36.87 -35.58
C ALA B 565 -3.24 -35.73 -35.69
N PHE B 566 -2.94 -34.59 -35.07
CA PHE B 566 -3.83 -33.46 -35.15
C PHE B 566 -3.97 -33.10 -36.62
N PHE B 567 -2.89 -32.60 -37.23
CA PHE B 567 -2.90 -32.17 -38.64
C PHE B 567 -3.59 -33.12 -39.58
N LYS B 568 -3.34 -34.41 -39.37
CA LYS B 568 -3.89 -35.45 -40.20
C LYS B 568 -5.39 -35.72 -39.99
N LEU B 569 -5.76 -36.06 -38.73
CA LEU B 569 -7.13 -36.42 -38.33
C LEU B 569 -8.05 -35.30 -37.82
N ALA B 570 -7.49 -34.11 -37.58
CA ALA B 570 -8.25 -32.97 -37.01
C ALA B 570 -9.41 -32.43 -37.79
N GLY B 571 -9.31 -32.54 -39.11
CA GLY B 571 -10.37 -32.06 -39.98
C GLY B 571 -10.33 -30.57 -40.30
N VAL B 572 -9.21 -29.88 -40.05
CA VAL B 572 -9.11 -28.43 -40.33
C VAL B 572 -8.52 -28.18 -41.69
N LEU B 573 -7.72 -29.14 -42.15
CA LEU B 573 -7.01 -29.02 -43.41
C LEU B 573 -7.02 -30.27 -44.24
N PRO B 574 -6.99 -30.13 -45.58
CA PRO B 574 -6.98 -31.27 -46.49
C PRO B 574 -5.59 -31.91 -46.40
N PHE B 575 -5.60 -33.23 -46.24
CA PHE B 575 -4.43 -34.08 -46.10
C PHE B 575 -3.10 -33.60 -46.67
N GLU B 576 -3.06 -33.29 -47.96
CA GLU B 576 -1.81 -32.88 -48.57
C GLU B 576 -1.22 -31.57 -48.07
N LYS B 577 -2.09 -30.61 -47.74
CA LYS B 577 -1.67 -29.30 -47.23
C LYS B 577 -1.26 -29.47 -45.76
N ALA B 578 -2.02 -30.27 -45.04
CA ALA B 578 -1.75 -30.54 -43.62
C ALA B 578 -0.34 -31.06 -43.46
N VAL B 579 -0.07 -32.22 -44.04
CA VAL B 579 1.25 -32.81 -43.95
C VAL B 579 2.30 -31.93 -44.64
N ASP B 580 1.85 -31.05 -45.54
CA ASP B 580 2.76 -30.12 -46.22
C ASP B 580 3.19 -29.11 -45.18
N LEU B 581 2.23 -28.28 -44.78
CA LEU B 581 2.42 -27.24 -43.80
C LEU B 581 3.23 -27.66 -42.58
N LEU B 582 3.03 -28.89 -42.15
CA LEU B 582 3.73 -29.40 -41.00
C LEU B 582 5.23 -29.51 -41.25
N LYS B 583 5.60 -30.08 -42.40
CA LYS B 583 7.01 -30.23 -42.69
C LYS B 583 7.72 -28.91 -42.87
N LYS B 584 7.04 -27.95 -43.50
CA LYS B 584 7.66 -26.65 -43.74
C LYS B 584 8.10 -26.02 -42.43
N SER B 585 7.30 -26.25 -41.37
CA SER B 585 7.60 -25.71 -40.06
C SER B 585 8.71 -26.50 -39.33
N ILE B 586 8.81 -27.78 -39.63
CA ILE B 586 9.83 -28.60 -39.02
C ILE B 586 11.18 -28.01 -39.35
N HIS B 587 11.28 -27.36 -40.50
CA HIS B 587 12.56 -26.75 -40.88
C HIS B 587 12.78 -25.34 -40.32
N LYS B 588 11.74 -24.50 -40.37
CA LYS B 588 11.85 -23.13 -39.84
C LYS B 588 12.30 -23.25 -38.38
N ALA B 589 11.45 -23.83 -37.53
CA ALA B 589 11.82 -24.11 -36.14
C ALA B 589 12.81 -25.25 -36.42
N TYR B 590 13.71 -25.58 -35.50
CA TYR B 590 14.74 -26.61 -35.83
C TYR B 590 15.64 -25.92 -36.90
N GLY B 591 16.69 -26.58 -37.38
CA GLY B 591 17.59 -25.88 -38.28
C GLY B 591 18.53 -25.26 -37.24
N LYS B 592 18.46 -25.91 -36.07
CA LYS B 592 19.22 -25.63 -34.85
C LYS B 592 20.53 -26.39 -35.06
N LYS B 593 20.68 -27.53 -34.37
CA LYS B 593 21.85 -28.37 -34.57
C LYS B 593 21.42 -29.09 -35.86
N GLY B 594 22.03 -28.63 -36.96
CA GLY B 594 21.82 -29.14 -38.31
C GLY B 594 20.64 -29.98 -38.76
N GLU B 595 20.91 -30.81 -39.76
CA GLU B 595 19.93 -31.69 -40.38
C GLU B 595 19.44 -32.86 -39.57
N LYS B 596 20.38 -33.62 -38.99
CA LYS B 596 20.02 -34.80 -38.23
C LYS B 596 18.72 -34.60 -37.43
N ILE B 597 18.72 -33.68 -36.47
CA ILE B 597 17.53 -33.39 -35.67
C ILE B 597 16.34 -33.23 -36.61
N VAL B 598 16.45 -32.26 -37.51
CA VAL B 598 15.41 -32.00 -38.50
C VAL B 598 14.81 -33.27 -39.10
N LYS B 599 15.61 -33.97 -39.90
CA LYS B 599 15.20 -35.21 -40.55
C LYS B 599 14.56 -36.21 -39.58
N MET B 600 15.17 -36.37 -38.41
CA MET B 600 14.68 -37.28 -37.39
C MET B 600 13.28 -36.90 -36.92
N ASN B 601 12.89 -35.66 -37.23
CA ASN B 601 11.59 -35.13 -36.86
C ASN B 601 10.65 -35.37 -38.01
N THR B 602 11.18 -35.17 -39.21
CA THR B 602 10.44 -35.39 -40.44
C THR B 602 9.94 -36.86 -40.47
N ASP B 603 10.87 -37.79 -40.25
CA ASP B 603 10.55 -39.22 -40.18
C ASP B 603 9.45 -39.51 -39.16
N ALA B 604 9.40 -38.74 -38.10
CA ALA B 604 8.39 -38.95 -37.07
C ALA B 604 7.04 -38.62 -37.67
N VAL B 605 7.00 -37.54 -38.45
CA VAL B 605 5.78 -37.11 -39.09
C VAL B 605 5.32 -38.23 -39.99
N ASP B 606 6.27 -38.78 -40.75
CA ASP B 606 6.00 -39.88 -41.69
C ASP B 606 5.37 -41.09 -41.01
N GLN B 607 6.14 -41.75 -40.14
CA GLN B 607 5.61 -42.91 -39.48
C GLN B 607 4.41 -42.57 -38.65
N ALA B 608 4.34 -41.32 -38.19
CA ALA B 608 3.20 -40.89 -37.42
C ALA B 608 1.98 -41.05 -38.32
N VAL B 609 2.07 -40.54 -39.53
CA VAL B 609 0.97 -40.63 -40.48
C VAL B 609 0.66 -42.05 -40.88
N THR B 610 1.72 -42.87 -40.95
CA THR B 610 1.63 -44.29 -41.37
C THR B 610 1.00 -45.24 -40.35
N SER B 611 1.41 -45.07 -39.09
CA SER B 611 0.94 -45.88 -38.00
C SER B 611 -0.40 -45.37 -37.48
N LEU B 612 -0.88 -44.27 -38.05
CA LEU B 612 -2.13 -43.63 -37.62
C LEU B 612 -3.38 -44.13 -38.35
N GLN B 613 -3.83 -45.33 -37.97
CA GLN B 613 -5.00 -45.91 -38.59
C GLN B 613 -6.08 -46.22 -37.54
N GLU B 614 -7.32 -46.26 -37.98
CA GLU B 614 -8.44 -46.52 -37.09
C GLU B 614 -8.34 -47.80 -36.33
N PHE B 615 -8.53 -47.72 -35.01
CA PHE B 615 -8.54 -48.91 -34.17
C PHE B 615 -9.97 -49.40 -34.37
N LYS B 616 -10.13 -50.60 -34.94
CA LYS B 616 -11.46 -51.15 -35.17
C LYS B 616 -11.91 -51.94 -33.96
N TYR B 617 -13.17 -51.75 -33.59
CA TYR B 617 -13.66 -52.37 -32.40
C TYR B 617 -15.00 -53.07 -32.42
N PRO B 618 -15.12 -54.08 -31.56
CA PRO B 618 -16.29 -54.93 -31.34
C PRO B 618 -17.55 -54.16 -30.93
N ASP B 619 -18.69 -54.56 -31.49
CA ASP B 619 -19.95 -53.90 -31.16
C ASP B 619 -20.14 -54.07 -29.67
N SER B 620 -19.54 -55.14 -29.11
CA SER B 620 -19.58 -55.46 -27.69
C SER B 620 -19.36 -54.22 -26.81
N TRP B 621 -18.49 -53.33 -27.28
CA TRP B 621 -18.17 -52.12 -26.57
C TRP B 621 -19.46 -51.40 -26.19
N LYS B 622 -20.46 -51.48 -27.07
CA LYS B 622 -21.76 -50.85 -26.84
C LYS B 622 -22.34 -51.14 -25.46
N ASP B 623 -21.95 -52.27 -24.90
CA ASP B 623 -22.37 -52.63 -23.57
C ASP B 623 -21.29 -53.36 -22.79
N ALA B 624 -20.12 -52.76 -22.79
CA ALA B 624 -18.98 -53.26 -22.03
C ALA B 624 -19.47 -52.94 -20.62
N PRO B 625 -19.23 -53.81 -19.65
CA PRO B 625 -19.79 -53.35 -18.37
C PRO B 625 -18.93 -53.26 -17.10
N ALA B 626 -19.15 -52.14 -16.38
CA ALA B 626 -18.54 -51.71 -15.09
C ALA B 626 -17.35 -52.39 -14.37
N GLU B 627 -16.59 -51.62 -13.61
CA GLU B 627 -15.44 -52.16 -12.84
C GLU B 627 -15.57 -52.08 -11.30
N THR B 628 -14.57 -52.64 -10.61
CA THR B 628 -14.55 -52.66 -9.15
C THR B 628 -13.57 -51.64 -8.57
N LYS B 629 -13.99 -51.05 -7.46
CA LYS B 629 -13.18 -50.04 -6.77
C LYS B 629 -12.12 -50.53 -5.77
N ALA B 630 -10.87 -50.59 -6.25
CA ALA B 630 -9.73 -50.94 -5.40
C ALA B 630 -9.40 -49.58 -4.79
N GLU B 631 -10.33 -49.12 -3.97
CA GLU B 631 -10.27 -47.83 -3.31
C GLU B 631 -9.82 -47.97 -1.87
N PRO B 632 -8.95 -47.03 -1.41
CA PRO B 632 -8.43 -47.03 -0.03
C PRO B 632 -9.33 -46.21 0.90
N MET B 633 -8.97 -46.16 2.18
CA MET B 633 -9.76 -45.31 3.05
C MET B 633 -9.21 -43.94 2.76
N THR B 634 -10.14 -43.03 2.62
CA THR B 634 -9.85 -41.66 2.31
C THR B 634 -10.92 -41.00 3.20
N ASN B 635 -10.72 -39.77 3.62
CA ASN B 635 -11.69 -39.11 4.51
C ASN B 635 -13.12 -38.86 4.06
N GLU B 636 -13.92 -38.47 5.03
CA GLU B 636 -15.29 -38.10 4.76
C GLU B 636 -15.19 -36.89 3.84
N PHE B 637 -14.12 -36.11 3.98
CA PHE B 637 -13.91 -34.89 3.19
C PHE B 637 -13.24 -35.10 1.85
N PHE B 638 -12.25 -35.98 1.82
CA PHE B 638 -11.53 -36.27 0.59
C PHE B 638 -12.56 -36.85 -0.36
N LYS B 639 -13.30 -37.82 0.15
CA LYS B 639 -14.37 -38.49 -0.58
C LYS B 639 -15.31 -37.44 -1.15
N ASN B 640 -15.72 -36.52 -0.29
CA ASN B 640 -16.71 -35.54 -0.69
C ASN B 640 -16.32 -34.23 -1.31
N VAL B 641 -15.06 -33.81 -1.20
CA VAL B 641 -14.67 -32.52 -1.77
C VAL B 641 -13.35 -32.53 -2.51
N VAL B 642 -12.30 -33.02 -1.86
CA VAL B 642 -11.01 -32.99 -2.52
C VAL B 642 -10.84 -33.95 -3.68
N LYS B 643 -11.55 -35.08 -3.69
CA LYS B 643 -11.41 -35.96 -4.84
C LYS B 643 -12.18 -35.38 -6.03
N PRO B 644 -13.42 -34.93 -5.81
CA PRO B 644 -14.24 -34.35 -6.88
C PRO B 644 -13.51 -33.20 -7.59
N ILE B 645 -12.81 -32.36 -6.84
CA ILE B 645 -12.09 -31.26 -7.46
C ILE B 645 -10.91 -31.77 -8.28
N LEU B 646 -10.12 -32.65 -7.66
CA LEU B 646 -8.96 -33.21 -8.34
C LEU B 646 -9.34 -33.99 -9.61
N THR B 647 -10.59 -34.45 -9.72
CA THR B 647 -10.96 -35.19 -10.91
C THR B 647 -11.75 -34.32 -11.84
N GLN B 648 -11.51 -33.03 -11.73
CA GLN B 648 -12.12 -32.00 -12.57
C GLN B 648 -13.66 -31.86 -12.49
N GLN B 649 -14.18 -31.99 -11.28
CA GLN B 649 -15.59 -31.89 -11.03
C GLN B 649 -15.81 -30.99 -9.80
N GLY B 650 -15.13 -29.84 -9.76
CA GLY B 650 -15.29 -28.95 -8.64
C GLY B 650 -16.38 -27.93 -8.90
N ASP B 651 -16.65 -27.70 -10.17
CA ASP B 651 -17.68 -26.77 -10.55
C ASP B 651 -18.96 -27.36 -10.07
N LYS B 652 -19.01 -28.69 -10.01
CA LYS B 652 -20.22 -29.35 -9.56
C LYS B 652 -20.62 -29.20 -8.11
N LEU B 653 -19.66 -28.90 -7.24
CA LEU B 653 -19.89 -28.68 -5.81
C LEU B 653 -20.72 -27.39 -5.62
N PRO B 654 -21.85 -27.47 -4.89
CA PRO B 654 -22.73 -26.32 -4.64
C PRO B 654 -22.10 -25.44 -3.57
N VAL B 655 -22.69 -24.30 -3.21
CA VAL B 655 -22.03 -23.45 -2.20
C VAL B 655 -21.99 -24.06 -0.80
N SER B 656 -22.92 -24.95 -0.52
CA SER B 656 -22.97 -25.60 0.79
C SER B 656 -21.78 -26.51 1.06
N ALA B 657 -21.00 -26.81 0.04
CA ALA B 657 -19.86 -27.67 0.26
C ALA B 657 -18.70 -26.91 0.85
N PHE B 658 -18.77 -25.59 0.76
CA PHE B 658 -17.67 -24.78 1.22
C PHE B 658 -18.05 -23.97 2.43
N GLU B 659 -17.03 -23.77 3.28
CA GLU B 659 -17.11 -23.04 4.52
C GLU B 659 -17.21 -21.54 4.30
N ALA B 660 -18.15 -20.90 4.98
CA ALA B 660 -18.33 -19.48 4.80
C ALA B 660 -17.05 -18.68 4.75
N ASP B 661 -16.11 -18.93 5.66
CA ASP B 661 -14.87 -18.17 5.67
C ASP B 661 -13.75 -18.75 4.84
N GLY B 662 -14.10 -19.70 3.98
CA GLY B 662 -13.16 -20.34 3.08
C GLY B 662 -12.02 -21.17 3.66
N ARG B 663 -12.11 -21.63 4.89
CA ARG B 663 -11.01 -22.41 5.47
C ARG B 663 -10.97 -23.79 4.89
N PHE B 664 -9.85 -24.48 5.13
CA PHE B 664 -9.67 -25.85 4.67
C PHE B 664 -8.98 -26.60 5.77
N PRO B 665 -9.23 -27.90 5.88
CA PRO B 665 -8.62 -28.75 6.90
C PRO B 665 -7.26 -29.14 6.37
N LEU B 666 -6.35 -29.51 7.27
CA LEU B 666 -5.01 -29.93 6.83
C LEU B 666 -5.00 -31.38 6.30
N GLY B 667 -3.78 -31.83 5.97
CA GLY B 667 -3.55 -33.18 5.49
C GLY B 667 -4.36 -33.84 4.40
N THR B 668 -4.91 -33.05 3.47
CA THR B 668 -5.68 -33.68 2.40
C THR B 668 -4.70 -34.29 1.38
N SER B 669 -3.43 -33.90 1.50
CA SER B 669 -2.34 -34.36 0.65
C SER B 669 -2.08 -35.85 0.81
N GLN B 670 -2.25 -36.33 2.04
CA GLN B 670 -2.04 -37.73 2.37
C GLN B 670 -2.71 -38.68 1.39
N PHE B 671 -3.99 -38.43 1.08
CA PHE B 671 -4.74 -39.30 0.17
C PHE B 671 -4.57 -39.07 -1.31
N GLU B 672 -3.62 -38.23 -1.71
CA GLU B 672 -3.47 -37.98 -3.15
C GLU B 672 -2.75 -39.02 -3.98
N LYS B 673 -1.61 -39.49 -3.46
CA LYS B 673 -0.76 -40.51 -4.09
C LYS B 673 -0.76 -40.42 -5.62
N ARG B 674 -0.39 -39.26 -6.16
CA ARG B 674 -0.40 -39.06 -7.61
C ARG B 674 0.39 -40.11 -8.33
N GLY B 675 1.57 -40.40 -7.76
CA GLY B 675 2.47 -41.40 -8.31
C GLY B 675 2.91 -41.05 -9.72
N VAL B 676 3.63 -39.93 -9.87
CA VAL B 676 4.13 -39.51 -11.19
C VAL B 676 5.64 -39.49 -11.41
N ALA B 677 6.42 -39.94 -10.43
CA ALA B 677 7.87 -39.99 -10.59
C ALA B 677 8.12 -40.96 -11.74
N ILE B 678 9.18 -40.75 -12.49
CA ILE B 678 9.47 -41.70 -13.54
C ILE B 678 10.25 -42.79 -12.86
N ASN B 679 11.35 -42.38 -12.23
CA ASN B 679 12.16 -43.31 -11.52
C ASN B 679 12.02 -42.92 -10.05
N VAL B 680 11.95 -43.93 -9.17
CA VAL B 680 11.83 -43.78 -7.70
C VAL B 680 13.05 -44.46 -7.03
N PRO B 681 13.70 -43.80 -6.06
CA PRO B 681 14.85 -44.45 -5.43
C PRO B 681 14.41 -45.72 -4.74
N GLN B 682 15.20 -46.78 -4.90
CA GLN B 682 14.91 -48.08 -4.31
C GLN B 682 15.97 -48.39 -3.25
N TRP B 683 15.55 -48.92 -2.09
CA TRP B 683 16.52 -49.22 -1.02
C TRP B 683 17.39 -50.46 -1.23
N VAL B 684 18.56 -50.39 -0.61
CA VAL B 684 19.59 -51.39 -0.66
C VAL B 684 20.12 -51.43 0.80
N PRO B 685 19.47 -52.25 1.66
CA PRO B 685 19.78 -52.44 3.10
C PRO B 685 21.25 -52.73 3.41
N GLU B 686 21.88 -53.57 2.59
CA GLU B 686 23.30 -53.95 2.74
C GLU B 686 24.30 -52.80 2.53
N ASN B 687 23.82 -51.58 2.22
CA ASN B 687 24.70 -50.44 2.00
C ASN B 687 24.37 -49.25 2.88
N CYS B 688 23.18 -49.29 3.43
CA CYS B 688 22.75 -48.20 4.27
C CYS B 688 23.60 -48.12 5.53
N ILE B 689 24.18 -46.95 5.79
CA ILE B 689 24.98 -46.72 6.98
C ILE B 689 24.09 -46.13 8.10
N GLN B 690 22.78 -46.22 7.92
CA GLN B 690 21.79 -45.67 8.86
C GLN B 690 22.12 -44.24 9.30
N CYS B 691 21.73 -43.29 8.45
CA CYS B 691 22.02 -41.91 8.74
C CYS B 691 20.92 -40.88 8.68
N ASN B 692 19.83 -41.15 7.96
CA ASN B 692 18.68 -40.22 7.86
C ASN B 692 18.88 -38.88 7.14
N GLN B 693 19.82 -38.90 6.20
CA GLN B 693 20.12 -37.74 5.37
C GLN B 693 19.16 -37.78 4.19
N CYS B 694 18.77 -38.98 3.77
CA CYS B 694 17.84 -39.14 2.66
C CYS B 694 16.45 -38.53 2.91
N ALA B 695 15.85 -38.83 4.05
CA ALA B 695 14.52 -38.29 4.36
C ALA B 695 14.67 -36.78 4.59
N PHE B 696 15.70 -36.43 5.37
CA PHE B 696 16.04 -35.08 5.74
C PHE B 696 16.18 -34.20 4.52
N VAL B 697 16.41 -34.85 3.39
CA VAL B 697 16.62 -34.19 2.10
C VAL B 697 15.44 -34.23 1.11
N CYS B 698 14.59 -35.23 1.24
CA CYS B 698 13.45 -35.41 0.35
C CYS B 698 12.50 -34.23 0.35
N PRO B 699 12.46 -33.45 -0.75
CA PRO B 699 11.55 -32.30 -0.76
C PRO B 699 10.04 -32.61 -0.79
N HIS B 700 9.64 -33.86 -0.52
CA HIS B 700 8.21 -34.23 -0.49
C HIS B 700 7.78 -35.22 0.59
N SER B 701 8.76 -35.68 1.39
CA SER B 701 8.57 -36.65 2.47
C SER B 701 8.32 -38.06 1.88
N ALA B 702 9.04 -38.35 0.81
CA ALA B 702 8.94 -39.61 0.09
C ALA B 702 9.68 -40.77 0.76
N ILE B 703 10.67 -40.43 1.59
CA ILE B 703 11.44 -41.43 2.33
C ILE B 703 11.01 -41.40 3.78
N LEU B 704 10.77 -42.58 4.34
CA LEU B 704 10.27 -42.76 5.72
C LEU B 704 11.10 -43.74 6.56
N PRO B 705 11.96 -43.20 7.46
CA PRO B 705 12.81 -44.03 8.33
C PRO B 705 12.03 -44.69 9.45
N VAL B 706 12.01 -46.03 9.39
CA VAL B 706 11.34 -46.90 10.35
C VAL B 706 12.34 -47.41 11.37
N LEU B 707 11.94 -47.37 12.63
CA LEU B 707 12.74 -47.88 13.71
C LEU B 707 11.63 -48.55 14.47
N ALA B 708 11.60 -49.86 14.42
CA ALA B 708 10.55 -50.59 15.09
C ALA B 708 11.15 -51.69 15.90
N LYS B 709 10.70 -51.82 17.13
CA LYS B 709 11.16 -52.93 17.95
C LYS B 709 10.44 -54.12 17.32
N GLU B 710 11.16 -55.24 17.24
CA GLU B 710 10.72 -56.51 16.63
C GLU B 710 9.30 -57.08 16.72
N GLU B 711 8.51 -56.75 17.72
CA GLU B 711 7.18 -57.34 17.78
C GLU B 711 6.10 -56.49 17.10
N GLU B 712 6.53 -55.38 16.52
CA GLU B 712 5.64 -54.50 15.77
C GLU B 712 5.73 -54.96 14.31
N LEU B 713 6.89 -55.54 13.98
CA LEU B 713 7.18 -56.05 12.63
C LEU B 713 6.69 -57.48 12.41
N VAL B 714 5.59 -57.83 13.06
CA VAL B 714 5.04 -59.16 12.93
C VAL B 714 4.28 -59.44 11.61
N GLY B 715 3.05 -58.95 11.44
CA GLY B 715 2.35 -59.20 10.20
C GLY B 715 3.00 -58.49 9.00
N ALA B 716 4.23 -58.03 9.22
CA ALA B 716 4.99 -57.31 8.22
C ALA B 716 5.18 -58.12 6.93
N PRO B 717 5.22 -57.42 5.76
CA PRO B 717 5.41 -58.14 4.49
C PRO B 717 6.71 -58.98 4.48
N ALA B 718 6.70 -60.05 3.66
CA ALA B 718 7.82 -60.99 3.54
C ALA B 718 9.09 -60.22 3.26
N ASN B 719 8.95 -59.28 2.32
CA ASN B 719 9.97 -58.37 1.81
C ASN B 719 10.23 -57.07 2.63
N PHE B 720 9.56 -56.91 3.77
CA PHE B 720 9.77 -55.73 4.61
C PHE B 720 11.11 -55.92 5.32
N THR B 721 12.22 -55.77 4.60
CA THR B 721 13.58 -55.95 5.16
C THR B 721 14.05 -54.82 6.08
N ALA B 722 14.67 -55.18 7.19
CA ALA B 722 15.20 -54.20 8.13
C ALA B 722 16.52 -54.63 8.75
N LEU B 723 17.43 -53.66 8.89
CA LEU B 723 18.76 -53.87 9.50
C LEU B 723 18.66 -53.85 11.05
N GLU B 724 19.78 -54.09 11.70
CA GLU B 724 19.82 -54.05 13.15
C GLU B 724 20.16 -52.60 13.41
N ALA B 725 19.64 -52.01 14.48
CA ALA B 725 19.91 -50.61 14.74
C ALA B 725 21.27 -50.26 15.36
N LYS B 726 22.01 -49.46 14.60
CA LYS B 726 23.31 -48.99 15.01
C LYS B 726 23.00 -47.95 16.07
N GLY B 727 23.71 -48.01 17.19
CA GLY B 727 23.48 -47.05 18.25
C GLY B 727 23.31 -47.63 19.65
N LYS B 728 23.71 -46.84 20.64
CA LYS B 728 23.58 -47.24 22.03
C LYS B 728 22.08 -47.26 22.33
N GLU B 729 21.47 -46.08 22.33
CA GLU B 729 20.05 -45.90 22.59
C GLU B 729 19.26 -46.77 21.64
N LEU B 730 19.83 -47.01 20.46
CA LEU B 730 19.17 -47.85 19.45
C LEU B 730 19.68 -49.30 19.42
N LYS B 731 19.06 -50.17 20.23
CA LYS B 731 19.47 -51.56 20.24
C LYS B 731 18.38 -52.59 20.07
N GLY B 732 17.23 -52.40 20.74
CA GLY B 732 16.14 -53.34 20.59
C GLY B 732 15.28 -53.19 19.32
N TYR B 733 15.66 -52.23 18.48
CA TYR B 733 14.91 -51.92 17.25
C TYR B 733 15.64 -52.31 15.97
N LYS B 734 14.87 -52.41 14.89
CA LYS B 734 15.38 -52.71 13.55
C LYS B 734 14.99 -51.47 12.75
N PHE B 735 15.95 -50.91 12.03
CA PHE B 735 15.80 -49.69 11.24
C PHE B 735 15.62 -49.97 9.74
N ARG B 736 14.59 -49.40 9.11
CA ARG B 736 14.38 -49.58 7.66
C ARG B 736 14.05 -48.28 6.93
N ILE B 737 14.60 -48.11 5.73
CA ILE B 737 14.34 -46.92 4.90
C ILE B 737 13.14 -47.30 4.02
N GLN B 738 11.98 -46.75 4.31
CA GLN B 738 10.79 -47.05 3.53
C GLN B 738 10.50 -46.04 2.41
N ILE B 739 10.60 -46.46 1.15
CA ILE B 739 10.34 -45.54 0.06
C ILE B 739 8.85 -45.54 -0.30
N ASN B 740 8.27 -44.34 -0.26
CA ASN B 740 6.89 -44.09 -0.62
C ASN B 740 7.07 -43.82 -2.12
N THR B 741 6.98 -44.88 -2.92
CA THR B 741 7.14 -44.76 -4.37
C THR B 741 5.93 -44.07 -5.08
N LEU B 742 4.92 -43.67 -4.31
CA LEU B 742 3.75 -43.00 -4.89
C LEU B 742 3.59 -41.53 -4.50
N ASP B 743 4.52 -41.07 -3.67
CA ASP B 743 4.55 -39.68 -3.25
C ASP B 743 5.95 -39.16 -3.51
N CYS B 744 6.61 -39.72 -4.52
CA CYS B 744 7.95 -39.34 -4.87
C CYS B 744 7.86 -38.65 -6.21
N MET B 745 8.76 -37.69 -6.44
CA MET B 745 8.77 -36.97 -7.71
C MET B 745 9.94 -37.47 -8.51
N GLY B 746 10.69 -38.39 -7.91
CA GLY B 746 11.84 -38.98 -8.59
C GLY B 746 12.82 -37.89 -8.95
N CYS B 747 13.08 -37.02 -8.00
CA CYS B 747 13.99 -35.93 -8.23
C CYS B 747 15.41 -36.44 -8.21
N GLY B 748 15.63 -37.49 -7.42
CA GLY B 748 16.94 -38.11 -7.36
C GLY B 748 17.88 -37.61 -6.28
N ASN B 749 17.39 -36.63 -5.52
CA ASN B 749 18.14 -36.00 -4.43
C ASN B 749 18.70 -36.90 -3.35
N CYS B 750 17.87 -37.80 -2.82
CA CYS B 750 18.25 -38.72 -1.74
C CYS B 750 19.39 -39.68 -2.11
N ALA B 751 19.21 -40.39 -3.20
CA ALA B 751 20.24 -41.32 -3.65
C ALA B 751 21.51 -40.53 -3.89
N ASP B 752 21.39 -39.42 -4.62
CA ASP B 752 22.54 -38.58 -4.93
C ASP B 752 23.36 -38.12 -3.71
N ILE B 753 22.69 -37.88 -2.58
CA ILE B 753 23.38 -37.45 -1.36
C ILE B 753 23.70 -38.65 -0.43
N CYS B 754 22.98 -39.78 -0.62
CA CYS B 754 23.21 -41.00 0.17
C CYS B 754 24.73 -41.17 0.16
N PRO B 755 25.36 -41.11 1.34
CA PRO B 755 26.78 -41.22 1.69
C PRO B 755 27.71 -42.37 1.21
N PRO B 756 27.31 -43.65 1.38
CA PRO B 756 28.19 -44.74 0.93
C PRO B 756 28.51 -44.82 -0.57
N LYS B 757 29.68 -45.38 -0.90
CA LYS B 757 30.16 -45.56 -2.29
C LYS B 757 29.21 -46.48 -3.05
N GLU B 758 28.86 -47.58 -2.40
CA GLU B 758 27.92 -48.55 -2.93
C GLU B 758 26.66 -47.90 -2.38
N LYS B 759 25.97 -47.13 -3.21
CA LYS B 759 24.80 -46.43 -2.77
C LYS B 759 23.79 -47.29 -2.01
N ALA B 760 23.06 -46.62 -1.12
CA ALA B 760 22.03 -47.28 -0.33
C ALA B 760 20.73 -47.12 -1.07
N LEU B 761 20.59 -45.99 -1.78
CA LEU B 761 19.40 -45.70 -2.59
C LEU B 761 19.76 -45.64 -4.08
N VAL B 762 18.95 -46.28 -4.91
CA VAL B 762 19.21 -46.31 -6.33
C VAL B 762 17.95 -46.07 -7.12
N MET B 763 18.03 -45.19 -8.12
CA MET B 763 16.88 -44.85 -8.94
C MET B 763 16.43 -46.02 -9.81
N GLN B 764 15.13 -46.34 -9.76
CA GLN B 764 14.56 -47.42 -10.58
C GLN B 764 13.19 -46.94 -11.06
N PRO B 765 12.81 -47.30 -12.30
CA PRO B 765 11.50 -46.88 -12.81
C PRO B 765 10.41 -47.21 -11.81
N LEU B 766 9.42 -46.34 -11.73
CA LEU B 766 8.34 -46.52 -10.78
C LEU B 766 7.68 -47.89 -10.85
N ASP B 767 7.55 -48.46 -12.05
CA ASP B 767 6.90 -49.78 -12.18
C ASP B 767 7.66 -51.02 -11.67
N THR B 768 8.94 -50.86 -11.36
CA THR B 768 9.71 -51.98 -10.83
C THR B 768 9.55 -51.95 -9.32
N GLN B 769 9.02 -50.82 -8.83
CA GLN B 769 8.87 -50.58 -7.40
C GLN B 769 7.46 -50.67 -6.84
N ARG B 770 6.56 -49.88 -7.39
CA ARG B 770 5.21 -49.80 -6.89
C ARG B 770 4.43 -51.03 -6.39
N ASP B 771 4.50 -52.14 -7.12
CA ASP B 771 3.76 -53.31 -6.68
C ASP B 771 4.20 -53.78 -5.31
N ALA B 772 5.50 -53.91 -5.14
CA ALA B 772 6.08 -54.35 -3.88
C ALA B 772 6.15 -53.27 -2.80
N GLN B 773 6.60 -52.05 -3.16
CA GLN B 773 6.74 -50.93 -2.22
C GLN B 773 5.49 -50.13 -1.78
N VAL B 774 4.34 -50.42 -2.39
CA VAL B 774 3.10 -49.75 -2.01
C VAL B 774 2.67 -50.35 -0.68
N PRO B 775 2.28 -51.64 -0.66
CA PRO B 775 1.85 -52.26 0.61
C PRO B 775 2.82 -52.12 1.79
N ASN B 776 4.11 -52.11 1.48
CA ASN B 776 5.13 -51.98 2.51
C ASN B 776 5.03 -50.61 3.12
N LEU B 777 4.87 -49.60 2.27
CA LEU B 777 4.76 -48.24 2.76
C LEU B 777 3.63 -48.19 3.80
N GLU B 778 2.42 -48.59 3.39
CA GLU B 778 1.25 -48.64 4.29
C GLU B 778 1.63 -49.26 5.58
N TYR B 779 2.23 -50.43 5.51
CA TYR B 779 2.65 -51.15 6.69
C TYR B 779 3.53 -50.27 7.54
N ALA B 780 4.59 -49.76 6.93
CA ALA B 780 5.50 -48.89 7.61
C ALA B 780 4.77 -47.64 8.12
N ALA B 781 3.67 -47.29 7.46
CA ALA B 781 2.88 -46.11 7.84
C ALA B 781 2.08 -46.27 9.13
N ARG B 782 1.57 -47.48 9.39
CA ARG B 782 0.83 -47.72 10.61
C ARG B 782 1.71 -48.42 11.67
N ILE B 783 2.91 -47.87 11.83
CA ILE B 783 3.90 -48.30 12.80
C ILE B 783 4.24 -46.98 13.51
N PRO B 784 4.49 -47.03 14.82
CA PRO B 784 4.83 -45.81 15.56
C PRO B 784 6.15 -45.12 15.23
N VAL B 785 6.09 -43.79 15.10
CA VAL B 785 7.25 -42.94 14.84
C VAL B 785 7.92 -42.77 16.21
N LYS B 786 9.23 -43.00 16.27
CA LYS B 786 9.93 -42.89 17.53
C LYS B 786 10.44 -41.50 17.83
N SER B 787 9.50 -40.64 18.21
CA SER B 787 9.84 -39.26 18.51
C SER B 787 10.77 -39.05 19.72
N GLU B 788 10.61 -39.87 20.75
CA GLU B 788 11.42 -39.74 21.97
C GLU B 788 12.77 -40.47 22.05
N VAL B 789 12.94 -41.56 21.31
CA VAL B 789 14.20 -42.31 21.37
C VAL B 789 15.46 -41.48 21.15
N LEU B 790 15.45 -40.59 20.16
CA LEU B 790 16.63 -39.75 19.88
C LEU B 790 16.37 -38.25 20.03
N PRO B 791 17.44 -37.47 20.33
CA PRO B 791 17.30 -36.03 20.51
C PRO B 791 16.56 -35.44 19.33
N ARG B 792 15.34 -35.00 19.60
CA ARG B 792 14.51 -34.39 18.58
C ARG B 792 15.29 -33.65 17.48
N ASP B 793 16.04 -32.61 17.87
CA ASP B 793 16.80 -31.79 16.94
C ASP B 793 18.20 -32.24 16.56
N SER B 794 18.38 -33.54 16.42
CA SER B 794 19.66 -34.10 16.01
C SER B 794 19.31 -34.63 14.63
N LEU B 795 20.12 -34.35 13.61
CA LEU B 795 19.88 -34.85 12.25
C LEU B 795 19.14 -36.20 12.24
N LYS B 796 19.77 -37.24 12.79
CA LYS B 796 19.15 -38.57 12.84
C LYS B 796 17.85 -38.54 13.64
N GLY B 797 17.89 -38.02 14.87
CA GLY B 797 16.68 -37.94 15.67
C GLY B 797 15.57 -37.11 15.02
N SER B 798 15.91 -36.12 14.19
CA SER B 798 14.90 -35.29 13.56
C SER B 798 14.14 -36.11 12.55
N GLN B 799 14.84 -36.98 11.85
CA GLN B 799 14.15 -37.82 10.88
C GLN B 799 13.33 -38.91 11.54
N PHE B 800 13.36 -38.96 12.86
CA PHE B 800 12.54 -39.94 13.55
C PHE B 800 11.35 -39.22 14.21
N GLN B 801 10.97 -38.08 13.61
CA GLN B 801 9.84 -37.24 14.05
C GLN B 801 8.69 -37.26 13.01
N GLU B 802 7.52 -36.76 13.40
CA GLU B 802 6.40 -36.71 12.49
C GLU B 802 6.60 -35.47 11.63
N PRO B 803 6.77 -35.63 10.29
CA PRO B 803 6.96 -34.50 9.39
C PRO B 803 5.57 -33.92 9.25
N LEU B 804 5.38 -32.68 9.68
CA LEU B 804 4.05 -32.07 9.60
C LEU B 804 3.70 -31.33 8.29
N MET B 805 4.48 -31.59 7.23
CA MET B 805 4.26 -30.98 5.90
C MET B 805 4.66 -32.01 4.80
N GLU B 806 3.70 -32.74 4.25
CA GLU B 806 4.05 -33.75 3.26
C GLU B 806 3.36 -33.69 1.94
N PHE B 807 4.07 -34.18 0.91
CA PHE B 807 3.60 -34.26 -0.46
C PHE B 807 3.00 -32.98 -1.09
N SER B 808 3.76 -31.88 -1.02
CA SER B 808 3.31 -30.61 -1.56
C SER B 808 3.30 -30.62 -3.08
N GLY B 809 2.39 -29.85 -3.67
CA GLY B 809 2.32 -29.76 -5.12
C GLY B 809 3.45 -28.87 -5.63
N ALA B 810 4.65 -29.12 -5.15
CA ALA B 810 5.78 -28.30 -5.56
C ALA B 810 6.64 -29.11 -6.48
N CYS B 811 7.48 -28.43 -7.25
CA CYS B 811 8.37 -29.07 -8.19
C CYS B 811 9.21 -30.20 -7.61
N SER B 812 9.59 -31.12 -8.50
CA SER B 812 10.44 -32.24 -8.12
C SER B 812 11.81 -31.64 -7.72
N GLY B 813 12.30 -32.03 -6.56
CA GLY B 813 13.56 -31.51 -6.09
C GLY B 813 13.50 -30.02 -5.84
N CYS B 814 12.37 -29.54 -5.35
CA CYS B 814 12.23 -28.11 -5.02
C CYS B 814 13.22 -27.82 -3.88
N GLY B 815 13.74 -26.60 -3.83
CA GLY B 815 14.67 -26.24 -2.77
C GLY B 815 14.07 -25.65 -1.50
N GLU B 816 12.77 -25.43 -1.51
CA GLU B 816 12.09 -24.85 -0.36
C GLU B 816 11.63 -25.87 0.69
N THR B 817 10.95 -26.91 0.23
CA THR B 817 10.41 -27.96 1.09
C THR B 817 11.36 -28.73 2.05
N PRO B 818 12.60 -29.04 1.64
CA PRO B 818 13.40 -29.73 2.67
C PRO B 818 13.46 -28.89 3.99
N TYR B 819 13.70 -27.58 3.88
CA TYR B 819 13.77 -26.71 5.04
C TYR B 819 12.49 -26.76 5.83
N VAL B 820 11.43 -26.23 5.25
CA VAL B 820 10.18 -26.19 5.97
C VAL B 820 9.67 -27.50 6.52
N ARG B 821 10.13 -28.65 6.01
CA ARG B 821 9.67 -29.90 6.62
C ARG B 821 10.32 -30.10 7.96
N VAL B 822 11.64 -29.95 8.03
CA VAL B 822 12.30 -30.13 9.32
C VAL B 822 11.94 -29.04 10.31
N ILE B 823 11.52 -27.88 9.81
CA ILE B 823 11.15 -26.81 10.72
C ILE B 823 9.95 -27.33 11.43
N THR B 824 9.10 -28.04 10.72
CA THR B 824 7.93 -28.57 11.42
C THR B 824 8.30 -29.83 12.18
N GLN B 825 9.36 -30.54 11.79
CA GLN B 825 9.74 -31.74 12.54
C GLN B 825 10.29 -31.37 13.90
N LEU B 826 10.45 -30.07 14.14
CA LEU B 826 10.97 -29.56 15.41
C LEU B 826 10.02 -28.69 16.25
N PHE B 827 9.11 -27.98 15.60
CA PHE B 827 8.21 -27.08 16.28
C PHE B 827 6.77 -27.25 15.83
N GLY B 828 6.55 -28.15 14.89
CA GLY B 828 5.22 -28.37 14.36
C GLY B 828 4.02 -28.23 15.26
N GLU B 829 4.05 -28.94 16.38
CA GLU B 829 2.94 -28.98 17.35
C GLU B 829 2.49 -27.68 17.97
N ARG B 830 3.33 -26.67 17.89
CA ARG B 830 2.93 -25.43 18.46
C ARG B 830 3.28 -24.24 17.60
N MET B 831 3.13 -24.31 16.28
CA MET B 831 3.50 -23.13 15.49
C MET B 831 2.44 -22.45 14.67
N PHE B 832 2.65 -21.14 14.51
CA PHE B 832 1.77 -20.31 13.73
C PHE B 832 2.60 -20.04 12.50
N ILE B 833 1.98 -20.14 11.34
CA ILE B 833 2.71 -19.85 10.12
C ILE B 833 1.95 -18.78 9.35
N ALA B 834 2.59 -17.63 9.19
CA ALA B 834 2.06 -16.51 8.39
C ALA B 834 2.88 -16.53 7.09
N ASN B 835 2.32 -17.16 6.08
CA ASN B 835 2.96 -17.33 4.81
C ASN B 835 2.73 -16.25 3.76
N ALA B 836 3.82 -15.56 3.40
CA ALA B 836 3.81 -14.52 2.38
C ALA B 836 3.47 -15.23 1.12
N THR B 837 2.85 -14.52 0.19
CA THR B 837 2.50 -15.17 -1.06
C THR B 837 3.78 -15.49 -1.80
N GLY B 838 3.69 -16.49 -2.67
CA GLY B 838 4.83 -16.98 -3.43
C GLY B 838 4.73 -18.49 -3.47
N CYS B 839 5.76 -19.15 -3.97
CA CYS B 839 5.75 -20.61 -4.05
C CYS B 839 5.36 -21.24 -2.74
N SER B 840 5.69 -20.56 -1.62
CA SER B 840 5.38 -21.05 -0.29
C SER B 840 3.90 -21.28 -0.16
N SER B 841 3.12 -20.25 -0.47
CA SER B 841 1.69 -20.38 -0.36
C SER B 841 1.10 -21.23 -1.49
N ILE B 842 1.71 -21.15 -2.67
CA ILE B 842 1.22 -21.91 -3.81
C ILE B 842 1.41 -23.38 -3.57
N TRP B 843 2.60 -23.79 -3.12
CA TRP B 843 2.78 -25.21 -2.86
C TRP B 843 2.21 -25.59 -1.53
N GLY B 844 2.19 -24.65 -0.60
CA GLY B 844 1.69 -24.91 0.74
C GLY B 844 0.20 -24.82 0.93
N ALA B 845 -0.56 -24.30 -0.02
CA ALA B 845 -2.00 -24.17 0.19
C ALA B 845 -2.92 -24.03 -1.02
N SER B 846 -2.67 -24.80 -2.07
CA SER B 846 -3.50 -24.73 -3.26
C SER B 846 -4.73 -25.64 -3.12
N ALA B 847 -5.90 -25.08 -2.81
CA ALA B 847 -7.12 -25.88 -2.64
C ALA B 847 -7.23 -26.73 -3.88
N PRO B 848 -7.67 -28.01 -3.74
CA PRO B 848 -8.06 -28.66 -2.49
C PRO B 848 -6.92 -29.30 -1.68
N SER B 849 -5.80 -29.56 -2.36
CA SER B 849 -4.65 -30.24 -1.74
C SER B 849 -3.79 -29.38 -0.80
N MET B 850 -3.69 -29.82 0.47
CA MET B 850 -2.90 -29.11 1.52
C MET B 850 -1.82 -30.00 2.13
N PRO B 851 -0.53 -29.67 1.90
CA PRO B 851 0.56 -30.50 2.45
C PRO B 851 0.60 -30.67 3.97
N TYR B 852 0.58 -29.54 4.71
CA TYR B 852 0.66 -29.52 6.16
C TYR B 852 -0.34 -30.39 6.86
N LYS B 853 0.15 -31.23 7.77
CA LYS B 853 -0.76 -32.07 8.54
C LYS B 853 -0.52 -31.99 10.05
N THR B 854 -1.46 -32.56 10.78
CA THR B 854 -1.43 -32.60 12.24
C THR B 854 -0.62 -33.82 12.68
N ASN B 855 -0.33 -33.96 13.96
CA ASN B 855 0.44 -35.13 14.37
C ASN B 855 -0.49 -36.18 14.90
N ARG B 856 0.09 -37.26 15.43
CA ARG B 856 -0.73 -38.32 15.99
C ARG B 856 -1.78 -37.74 16.93
N LEU B 857 -1.45 -36.62 17.58
CA LEU B 857 -2.32 -35.95 18.55
C LEU B 857 -3.27 -34.89 18.05
N GLY B 858 -3.36 -34.69 16.73
CA GLY B 858 -4.31 -33.70 16.21
C GLY B 858 -3.89 -32.25 16.21
N GLN B 859 -2.62 -32.03 16.46
CA GLN B 859 -2.09 -30.69 16.47
C GLN B 859 -1.05 -30.56 15.39
N GLY B 860 -0.93 -29.37 14.83
CA GLY B 860 0.03 -29.12 13.79
C GLY B 860 0.03 -27.63 13.51
N PRO B 861 0.81 -27.15 12.52
CA PRO B 861 0.95 -25.75 12.10
C PRO B 861 -0.37 -25.05 11.73
N ALA B 862 -0.73 -23.96 12.43
CA ALA B 862 -1.93 -23.18 12.11
C ALA B 862 -1.46 -22.36 10.92
N TRP B 863 -2.01 -22.65 9.76
CA TRP B 863 -1.54 -22.01 8.56
C TRP B 863 -2.42 -20.97 7.91
N GLY B 864 -1.81 -19.87 7.47
CA GLY B 864 -2.58 -18.84 6.82
C GLY B 864 -1.76 -17.85 6.02
N ASN B 865 -2.22 -17.60 4.80
CA ASN B 865 -1.62 -16.65 3.86
C ASN B 865 -2.47 -15.36 3.98
N SER B 866 -1.86 -14.25 4.40
CA SER B 866 -2.62 -13.01 4.48
C SER B 866 -2.57 -12.51 3.06
N LEU B 867 -1.46 -11.85 2.72
CA LEU B 867 -1.25 -11.33 1.38
C LEU B 867 0.24 -11.48 1.06
N PHE B 868 0.67 -10.82 0.00
CA PHE B 868 2.06 -10.91 -0.37
C PHE B 868 2.81 -9.79 0.30
N GLU B 869 2.21 -8.62 0.27
CA GLU B 869 2.85 -7.47 0.83
C GLU B 869 3.02 -7.44 2.33
N ASP B 870 2.30 -8.28 3.08
CA ASP B 870 2.36 -8.21 4.55
C ASP B 870 2.51 -9.46 5.39
N ALA B 871 3.31 -10.41 4.96
CA ALA B 871 3.44 -11.62 5.74
C ALA B 871 3.91 -11.44 7.16
N ALA B 872 4.92 -10.60 7.32
CA ALA B 872 5.52 -10.35 8.63
C ALA B 872 4.59 -9.60 9.55
N GLU B 873 4.06 -8.49 9.08
CA GLU B 873 3.18 -7.73 9.92
C GLU B 873 1.94 -8.54 10.26
N TYR B 874 1.68 -9.59 9.48
CA TYR B 874 0.52 -10.46 9.72
C TYR B 874 0.91 -11.35 10.86
N GLY B 875 2.10 -11.94 10.77
CA GLY B 875 2.58 -12.83 11.82
C GLY B 875 2.90 -12.09 13.08
N PHE B 876 2.89 -10.76 13.00
CA PHE B 876 3.15 -9.93 14.16
C PHE B 876 1.79 -9.75 14.82
N GLY B 877 0.74 -9.90 14.02
CA GLY B 877 -0.61 -9.74 14.54
C GLY B 877 -0.90 -10.88 15.46
N MET B 878 -0.58 -12.07 14.99
CA MET B 878 -0.82 -13.28 15.76
C MET B 878 -0.03 -13.20 17.04
N ASN B 879 1.20 -12.74 16.93
CA ASN B 879 2.08 -12.63 18.07
C ASN B 879 1.44 -11.77 19.15
N MET B 880 0.93 -10.62 18.73
CA MET B 880 0.24 -9.71 19.63
C MET B 880 -0.96 -10.41 20.26
N SER B 881 -1.79 -11.10 19.47
CA SER B 881 -2.94 -11.80 20.02
C SER B 881 -2.56 -12.80 21.09
N MET B 882 -1.46 -13.52 20.85
CA MET B 882 -0.96 -14.49 21.84
C MET B 882 -0.53 -13.74 23.08
N PHE B 883 0.11 -12.59 22.94
CA PHE B 883 0.50 -11.85 24.13
C PHE B 883 -0.74 -11.59 24.98
N ALA B 884 -1.69 -10.83 24.43
CA ALA B 884 -2.92 -10.49 25.13
C ALA B 884 -3.72 -11.70 25.64
N ARG B 885 -3.99 -12.67 24.77
CA ARG B 885 -4.72 -13.83 25.24
C ARG B 885 -3.90 -14.59 26.28
N ARG B 886 -2.58 -14.68 26.11
CA ARG B 886 -1.75 -15.40 27.07
C ARG B 886 -1.52 -14.64 28.34
N THR B 887 -1.65 -13.32 28.24
CA THR B 887 -1.53 -12.46 29.40
C THR B 887 -2.79 -12.59 30.24
N HIS B 888 -3.92 -12.67 29.57
CA HIS B 888 -5.20 -12.83 30.23
C HIS B 888 -5.08 -14.09 31.06
N LEU B 889 -4.58 -15.16 30.45
CA LEU B 889 -4.50 -16.42 31.17
C LEU B 889 -3.68 -16.31 32.43
N ALA B 890 -2.57 -15.57 32.35
CA ALA B 890 -1.67 -15.37 33.48
C ALA B 890 -2.22 -14.50 34.60
N ASP B 891 -3.03 -13.50 34.27
CA ASP B 891 -3.62 -12.67 35.32
C ASP B 891 -4.71 -13.49 35.98
N LEU B 892 -5.33 -14.37 35.19
CA LEU B 892 -6.37 -15.22 35.69
C LEU B 892 -5.78 -16.31 36.56
N ALA B 893 -4.64 -16.83 36.16
CA ALA B 893 -3.98 -17.89 36.92
C ALA B 893 -3.45 -17.25 38.17
N ALA B 894 -2.84 -16.08 38.02
CA ALA B 894 -2.30 -15.37 39.16
C ALA B 894 -3.40 -15.13 40.18
N LYS B 895 -4.62 -14.93 39.68
CA LYS B 895 -5.77 -14.71 40.55
C LYS B 895 -6.23 -16.00 41.21
N ALA B 896 -6.29 -17.09 40.46
CA ALA B 896 -6.73 -18.34 41.06
C ALA B 896 -5.91 -18.74 42.28
N LEU B 897 -4.61 -18.44 42.30
CA LEU B 897 -3.75 -18.75 43.46
C LEU B 897 -4.28 -18.11 44.77
N GLU B 898 -5.03 -17.02 44.64
CA GLU B 898 -5.64 -16.32 45.77
C GLU B 898 -7.01 -16.92 46.00
N SER B 899 -7.24 -18.16 45.60
CA SER B 899 -8.57 -18.74 45.80
C SER B 899 -8.51 -20.00 46.64
N ASP B 900 -9.68 -20.58 46.88
CA ASP B 900 -9.76 -21.81 47.65
C ASP B 900 -9.59 -23.01 46.71
N ALA B 901 -8.82 -22.81 45.64
CA ALA B 901 -8.56 -23.84 44.65
C ALA B 901 -7.65 -24.88 45.26
N SER B 902 -7.77 -26.10 44.76
CA SER B 902 -6.96 -27.23 45.22
C SER B 902 -5.51 -26.85 45.42
N GLY B 903 -4.78 -27.65 46.19
CA GLY B 903 -3.37 -27.37 46.39
C GLY B 903 -2.63 -27.76 45.13
N ASP B 904 -3.01 -28.90 44.56
CA ASP B 904 -2.43 -29.38 43.34
C ASP B 904 -2.70 -28.35 42.26
N VAL B 905 -3.95 -27.88 42.17
CA VAL B 905 -4.28 -26.89 41.16
C VAL B 905 -3.35 -25.70 41.29
N LYS B 906 -3.20 -25.18 42.50
CA LYS B 906 -2.33 -24.04 42.72
C LYS B 906 -0.87 -24.34 42.39
N GLU B 907 -0.49 -25.60 42.54
CA GLU B 907 0.88 -26.03 42.31
C GLU B 907 1.21 -26.07 40.83
N ALA B 908 0.19 -26.41 40.02
CA ALA B 908 0.32 -26.46 38.56
C ALA B 908 0.33 -25.02 38.18
N LEU B 909 -0.70 -24.31 38.60
CA LEU B 909 -0.83 -22.89 38.33
C LEU B 909 0.45 -22.04 38.55
N GLN B 910 1.13 -22.09 39.70
CA GLN B 910 2.33 -21.24 39.79
C GLN B 910 3.44 -21.80 38.95
N GLY B 911 3.50 -23.12 38.82
CA GLY B 911 4.53 -23.71 37.99
C GLY B 911 4.38 -23.19 36.56
N TRP B 912 3.13 -23.12 36.11
CA TRP B 912 2.83 -22.64 34.77
C TRP B 912 3.18 -21.19 34.72
N LEU B 913 2.65 -20.42 35.66
CA LEU B 913 2.93 -18.99 35.70
C LEU B 913 4.42 -18.78 35.64
N ALA B 914 5.16 -19.66 36.29
CA ALA B 914 6.61 -19.55 36.33
C ALA B 914 7.24 -20.02 35.05
N GLY B 915 6.57 -20.95 34.34
CA GLY B 915 7.12 -21.46 33.09
C GLY B 915 6.27 -21.15 31.88
N LYS B 916 5.55 -20.04 31.90
CA LYS B 916 4.67 -19.68 30.80
C LYS B 916 5.34 -19.64 29.45
N ASN B 917 6.55 -19.12 29.44
CA ASN B 917 7.26 -18.99 28.21
C ASN B 917 8.29 -20.03 27.90
N ASP B 918 8.12 -21.19 28.51
CA ASP B 918 9.04 -22.29 28.31
C ASP B 918 8.24 -23.29 27.53
N PRO B 919 8.68 -23.61 26.32
CA PRO B 919 7.87 -24.58 25.59
C PRO B 919 7.89 -26.02 26.15
N ILE B 920 8.52 -26.18 27.31
CA ILE B 920 8.64 -27.48 28.00
C ILE B 920 7.83 -27.45 29.28
N LYS B 921 8.14 -26.46 30.11
CA LYS B 921 7.48 -26.28 31.37
C LYS B 921 6.06 -25.78 31.15
N SER B 922 5.86 -24.89 30.19
CA SER B 922 4.53 -24.38 29.92
C SER B 922 3.63 -25.54 29.55
N LYS B 923 4.16 -26.52 28.86
CA LYS B 923 3.37 -27.70 28.48
C LYS B 923 3.31 -28.71 29.59
N GLU B 924 4.46 -28.94 30.23
CA GLU B 924 4.53 -29.88 31.34
C GLU B 924 3.46 -29.55 32.34
N TYR B 925 3.36 -28.26 32.65
CA TYR B 925 2.39 -27.73 33.59
C TYR B 925 1.01 -27.53 33.03
N GLY B 926 0.90 -27.10 31.78
CA GLY B 926 -0.41 -26.90 31.20
C GLY B 926 -1.17 -28.21 31.11
N ASP B 927 -0.46 -29.32 30.93
CA ASP B 927 -1.10 -30.61 30.81
C ASP B 927 -1.60 -31.06 32.16
N LYS B 928 -0.83 -30.81 33.20
CA LYS B 928 -1.22 -31.18 34.56
C LYS B 928 -2.49 -30.41 34.86
N LEU B 929 -2.50 -29.18 34.37
CA LEU B 929 -3.61 -28.28 34.58
C LEU B 929 -4.78 -28.67 33.69
N LYS B 930 -4.48 -29.21 32.51
CA LYS B 930 -5.55 -29.59 31.60
C LYS B 930 -6.31 -30.75 32.18
N LYS B 931 -5.62 -31.57 32.96
CA LYS B 931 -6.25 -32.73 33.60
C LYS B 931 -6.89 -32.28 34.91
N LEU B 932 -6.16 -31.42 35.64
CA LEU B 932 -6.61 -30.91 36.93
C LEU B 932 -7.91 -30.10 36.89
N LEU B 933 -8.11 -29.32 35.83
CA LEU B 933 -9.32 -28.51 35.68
C LEU B 933 -10.31 -29.18 34.74
N ALA B 934 -10.16 -30.48 34.53
CA ALA B 934 -11.08 -31.14 33.62
C ALA B 934 -12.49 -31.10 34.21
N GLY B 935 -13.45 -30.65 33.40
CA GLY B 935 -14.83 -30.57 33.86
C GLY B 935 -15.20 -29.23 34.45
N GLN B 936 -14.22 -28.58 35.08
CA GLN B 936 -14.38 -27.27 35.71
C GLN B 936 -15.13 -26.33 34.75
N LYS B 937 -16.20 -25.70 35.23
CA LYS B 937 -16.97 -24.77 34.40
C LYS B 937 -17.43 -23.52 35.10
N ASP B 938 -17.27 -23.46 36.41
CA ASP B 938 -17.70 -22.26 37.11
C ASP B 938 -16.56 -21.31 37.43
N GLY B 939 -16.82 -20.02 37.22
CA GLY B 939 -15.88 -18.97 37.54
C GLY B 939 -14.42 -19.21 37.27
N LEU B 940 -13.58 -18.31 37.78
CA LEU B 940 -12.13 -18.35 37.61
C LEU B 940 -11.56 -19.67 37.13
N LEU B 941 -11.64 -20.69 37.96
CA LEU B 941 -11.11 -21.98 37.63
C LEU B 941 -11.66 -22.53 36.33
N GLY B 942 -12.92 -22.28 36.08
CA GLY B 942 -13.50 -22.73 34.84
C GLY B 942 -12.93 -21.93 33.68
N GLN B 943 -12.79 -20.62 33.86
CA GLN B 943 -12.26 -19.77 32.80
C GLN B 943 -10.94 -20.38 32.35
N ILE B 944 -10.00 -20.51 33.28
CA ILE B 944 -8.69 -21.05 32.98
C ILE B 944 -8.78 -22.42 32.35
N ALA B 945 -9.81 -23.17 32.70
CA ALA B 945 -9.98 -24.50 32.13
C ALA B 945 -10.26 -24.37 30.65
N ALA B 946 -11.00 -23.33 30.26
CA ALA B 946 -11.32 -23.12 28.85
C ALA B 946 -10.20 -22.49 28.01
N MET B 947 -9.19 -21.93 28.63
CA MET B 947 -8.11 -21.32 27.87
C MET B 947 -6.96 -22.28 27.68
N SER B 948 -7.30 -23.55 27.62
CA SER B 948 -6.32 -24.61 27.47
C SER B 948 -5.51 -24.62 26.18
N ASP B 949 -5.95 -23.88 25.16
CA ASP B 949 -5.18 -23.82 23.91
C ASP B 949 -4.23 -22.65 23.90
N LEU B 950 -3.98 -22.14 25.11
CA LEU B 950 -3.09 -21.02 25.38
C LEU B 950 -2.02 -21.39 26.43
N TYR B 951 -2.18 -22.54 27.08
CA TYR B 951 -1.27 -23.03 28.13
C TYR B 951 0.18 -23.17 27.68
N THR B 952 0.42 -23.81 26.54
CA THR B 952 1.82 -24.03 26.08
C THR B 952 2.37 -23.02 25.07
N LYS B 953 3.55 -22.47 25.35
CA LYS B 953 4.14 -21.50 24.45
C LYS B 953 4.14 -21.95 23.01
N LYS B 954 3.69 -21.05 22.13
CA LYS B 954 3.58 -21.33 20.70
C LYS B 954 4.72 -20.66 19.96
N SER B 955 5.03 -21.15 18.76
CA SER B 955 6.14 -20.63 17.96
C SER B 955 5.59 -19.92 16.74
N VAL B 956 5.73 -18.59 16.71
CA VAL B 956 5.19 -17.81 15.60
C VAL B 956 6.17 -17.63 14.47
N TRP B 957 5.91 -18.31 13.38
CA TRP B 957 6.76 -18.21 12.23
C TRP B 957 6.20 -17.35 11.10
N ILE B 958 7.09 -16.68 10.38
CA ILE B 958 6.71 -15.87 9.23
C ILE B 958 7.47 -16.44 8.02
N PHE B 959 6.77 -17.08 7.10
CA PHE B 959 7.39 -17.71 5.93
C PHE B 959 7.25 -16.87 4.66
N GLY B 960 8.32 -16.81 3.87
CA GLY B 960 8.28 -16.06 2.63
C GLY B 960 9.61 -16.20 1.96
N GLY B 961 9.68 -15.91 0.65
CA GLY B 961 10.91 -16.00 -0.11
C GLY B 961 11.62 -14.67 -0.24
N ASP B 962 12.55 -14.56 -1.19
CA ASP B 962 13.34 -13.33 -1.39
C ASP B 962 12.58 -12.14 -1.95
N GLY B 963 11.59 -12.40 -2.80
CA GLY B 963 10.82 -11.32 -3.37
C GLY B 963 10.02 -10.58 -2.32
N TRP B 964 9.53 -11.32 -1.32
CA TRP B 964 8.75 -10.74 -0.23
C TRP B 964 9.68 -10.05 0.76
N ALA B 965 10.61 -10.80 1.32
CA ALA B 965 11.53 -10.28 2.32
C ALA B 965 12.43 -9.14 1.88
N TYR B 966 12.97 -9.22 0.66
CA TYR B 966 13.85 -8.19 0.11
C TYR B 966 13.14 -7.10 -0.63
N ASP B 967 11.95 -7.36 -1.13
CA ASP B 967 11.26 -6.33 -1.87
C ASP B 967 9.97 -5.82 -1.29
N ILE B 968 8.88 -6.31 -1.82
CA ILE B 968 7.56 -5.88 -1.44
C ILE B 968 7.33 -5.88 0.06
N GLY B 969 7.77 -6.93 0.75
CA GLY B 969 7.51 -7.00 2.18
C GLY B 969 8.59 -6.55 3.14
N TYR B 970 9.75 -6.17 2.61
CA TYR B 970 10.91 -5.73 3.39
C TYR B 970 10.58 -4.70 4.42
N GLY B 971 10.07 -3.55 3.98
CA GLY B 971 9.70 -2.47 4.89
C GLY B 971 9.00 -2.96 6.13
N GLY B 972 8.15 -3.97 5.95
CA GLY B 972 7.42 -4.57 7.04
C GLY B 972 8.31 -5.55 7.76
N LEU B 973 9.05 -6.35 7.02
CA LEU B 973 9.94 -7.34 7.62
C LEU B 973 10.82 -6.61 8.59
N ASP B 974 11.32 -5.47 8.13
CA ASP B 974 12.20 -4.63 8.91
C ASP B 974 11.54 -4.12 10.18
N HIS B 975 10.31 -3.65 10.07
CA HIS B 975 9.60 -3.10 11.22
C HIS B 975 9.32 -4.13 12.28
N VAL B 976 8.74 -5.24 11.86
CA VAL B 976 8.45 -6.31 12.78
C VAL B 976 9.75 -6.70 13.43
N LEU B 977 10.80 -6.85 12.64
CA LEU B 977 12.07 -7.26 13.23
C LEU B 977 12.61 -6.22 14.21
N ALA B 978 12.36 -4.95 13.92
CA ALA B 978 12.84 -3.91 14.79
C ALA B 978 11.97 -3.83 16.02
N SER B 979 10.78 -4.40 15.93
CA SER B 979 9.87 -4.34 17.06
C SER B 979 10.43 -5.09 18.24
N GLY B 980 11.42 -5.93 18.00
CA GLY B 980 12.01 -6.69 19.09
C GLY B 980 11.17 -7.77 19.77
N GLU B 981 9.93 -7.99 19.33
CA GLU B 981 9.08 -9.03 19.93
C GLU B 981 9.51 -10.42 19.42
N ASP B 982 9.05 -11.49 20.07
CA ASP B 982 9.41 -12.87 19.71
C ASP B 982 8.69 -13.54 18.55
N VAL B 983 9.21 -13.34 17.35
CA VAL B 983 8.66 -13.99 16.16
C VAL B 983 9.87 -14.52 15.41
N ASN B 984 9.64 -15.47 14.53
CA ASN B 984 10.71 -16.07 13.77
C ASN B 984 10.46 -15.96 12.25
N VAL B 985 11.29 -15.21 11.51
CA VAL B 985 11.08 -15.14 10.06
C VAL B 985 12.02 -16.06 9.31
N PHE B 986 11.49 -16.86 8.40
CA PHE B 986 12.31 -17.79 7.64
C PHE B 986 12.13 -17.42 6.19
N VAL B 987 13.20 -17.01 5.54
CA VAL B 987 13.19 -16.60 4.14
C VAL B 987 13.81 -17.68 3.26
N MET B 988 13.07 -18.18 2.28
CA MET B 988 13.64 -19.18 1.38
C MET B 988 14.20 -18.36 0.24
N ASP B 989 15.52 -18.32 0.09
CA ASP B 989 16.13 -17.55 -0.97
C ASP B 989 16.34 -18.29 -2.29
N THR B 990 15.57 -17.90 -3.30
CA THR B 990 15.69 -18.47 -4.64
C THR B 990 16.43 -17.48 -5.56
N GLU B 991 16.66 -16.28 -5.05
CA GLU B 991 17.38 -15.22 -5.74
C GLU B 991 16.62 -14.72 -6.98
N VAL B 992 15.30 -14.65 -6.84
CA VAL B 992 14.45 -14.20 -7.91
C VAL B 992 12.99 -14.42 -7.46
N TYR B 993 12.05 -13.85 -8.22
CA TYR B 993 10.62 -14.00 -7.99
C TYR B 993 10.33 -15.31 -8.74
N SER B 994 10.21 -16.43 -8.03
CA SER B 994 9.97 -17.72 -8.67
C SER B 994 8.56 -17.86 -9.14
N ASN B 995 7.66 -18.13 -8.21
CA ASN B 995 6.24 -18.36 -8.48
C ASN B 995 5.56 -17.76 -9.72
N THR B 996 5.97 -16.55 -10.10
CA THR B 996 5.38 -15.83 -11.22
C THR B 996 6.10 -15.74 -12.55
N GLY B 997 7.36 -16.15 -12.61
CA GLY B 997 8.05 -16.06 -13.89
C GLY B 997 9.53 -15.83 -13.82
N GLY B 998 10.10 -16.02 -12.64
CA GLY B 998 11.53 -15.86 -12.49
C GLY B 998 11.96 -14.44 -12.76
N GLN B 999 11.17 -13.46 -12.27
CA GLN B 999 11.50 -12.01 -12.42
C GLN B 999 12.62 -11.69 -11.46
N SER B 1000 13.53 -10.79 -11.84
CA SER B 1000 14.65 -10.47 -10.97
C SER B 1000 14.22 -9.70 -9.72
N SER B 1001 14.70 -10.15 -8.56
CA SER B 1001 14.39 -9.53 -7.26
C SER B 1001 15.59 -8.75 -6.75
N LYS B 1002 15.42 -8.03 -5.64
CA LYS B 1002 16.55 -7.26 -5.11
C LYS B 1002 17.58 -8.18 -4.47
N ALA B 1003 17.25 -9.48 -4.41
CA ALA B 1003 18.10 -10.53 -3.85
C ALA B 1003 18.90 -11.25 -4.94
N THR B 1004 18.49 -11.08 -6.20
CA THR B 1004 19.18 -11.64 -7.36
C THR B 1004 20.63 -11.10 -7.40
N PRO B 1005 21.62 -11.97 -7.63
CA PRO B 1005 23.07 -11.72 -7.70
C PRO B 1005 23.60 -10.92 -8.89
N THR B 1006 24.83 -10.44 -8.79
CA THR B 1006 25.44 -9.71 -9.89
C THR B 1006 25.59 -10.66 -11.07
N GLY B 1007 25.07 -10.26 -12.20
CA GLY B 1007 25.20 -11.08 -13.38
C GLY B 1007 24.29 -12.28 -13.57
N ALA B 1008 23.30 -12.47 -12.68
CA ALA B 1008 22.36 -13.59 -12.83
C ALA B 1008 21.33 -13.14 -13.87
N VAL B 1009 20.95 -14.03 -14.79
CA VAL B 1009 19.95 -13.70 -15.83
C VAL B 1009 18.50 -14.00 -15.42
N ALA B 1010 17.72 -12.97 -15.10
CA ALA B 1010 16.32 -13.14 -14.69
C ALA B 1010 15.49 -12.17 -15.51
N LYS B 1011 14.18 -12.09 -15.24
CA LYS B 1011 13.34 -11.13 -15.95
C LYS B 1011 13.61 -9.71 -15.45
N PHE B 1012 13.87 -8.80 -16.38
CA PHE B 1012 14.20 -7.42 -16.07
C PHE B 1012 15.67 -7.31 -15.64
N ALA B 1013 16.41 -8.41 -15.80
CA ALA B 1013 17.86 -8.51 -15.54
C ALA B 1013 18.36 -9.41 -16.68
N ALA B 1014 17.68 -9.23 -17.84
CA ALA B 1014 17.90 -9.95 -19.10
C ALA B 1014 19.34 -9.96 -19.64
N ALA B 1015 20.18 -9.05 -19.16
CA ALA B 1015 21.56 -9.05 -19.60
C ALA B 1015 22.41 -9.44 -18.37
N GLY B 1016 21.75 -10.07 -17.40
CA GLY B 1016 22.41 -10.45 -16.17
C GLY B 1016 22.31 -9.22 -15.30
N LYS B 1017 21.79 -9.36 -14.09
CA LYS B 1017 21.65 -8.25 -13.16
C LYS B 1017 22.91 -7.41 -13.05
N ARG B 1018 22.80 -6.11 -13.24
CA ARG B 1018 23.99 -5.25 -13.16
C ARG B 1018 24.08 -4.48 -11.85
N THR B 1019 23.82 -5.19 -10.75
CA THR B 1019 23.88 -4.62 -9.40
C THR B 1019 24.02 -5.78 -8.41
N GLY B 1020 24.67 -5.51 -7.29
CA GLY B 1020 24.85 -6.54 -6.30
C GLY B 1020 23.60 -6.97 -5.57
N LYS B 1021 23.73 -8.10 -4.88
CA LYS B 1021 22.64 -8.64 -4.08
C LYS B 1021 22.40 -7.68 -2.89
N LYS B 1022 21.14 -7.55 -2.50
CA LYS B 1022 20.82 -6.70 -1.38
C LYS B 1022 21.29 -7.55 -0.21
N ASP B 1023 22.08 -6.94 0.67
CA ASP B 1023 22.61 -7.63 1.85
C ASP B 1023 21.61 -7.47 2.99
N LEU B 1024 20.57 -8.30 3.04
CA LEU B 1024 19.54 -8.20 4.08
C LEU B 1024 20.11 -8.55 5.45
N ALA B 1025 20.92 -9.59 5.49
CA ALA B 1025 21.56 -10.06 6.71
C ALA B 1025 22.41 -8.99 7.35
N ARG B 1026 23.33 -8.40 6.61
CA ARG B 1026 24.13 -7.39 7.23
C ARG B 1026 23.22 -6.21 7.50
N MET B 1027 22.20 -6.05 6.67
CA MET B 1027 21.29 -4.94 6.90
C MET B 1027 20.51 -5.05 8.19
N VAL B 1028 20.00 -6.23 8.54
CA VAL B 1028 19.27 -6.27 9.80
C VAL B 1028 20.18 -6.50 10.97
N MET B 1029 21.39 -6.96 10.71
CA MET B 1029 22.33 -7.17 11.80
C MET B 1029 22.73 -5.87 12.48
N THR B 1030 22.39 -4.72 11.88
CA THR B 1030 22.73 -3.40 12.46
C THR B 1030 21.92 -3.03 13.72
N TYR B 1031 20.75 -3.64 13.84
CA TYR B 1031 19.88 -3.44 14.99
C TYR B 1031 20.61 -3.87 16.26
N GLY B 1032 21.12 -5.10 16.26
CA GLY B 1032 21.87 -5.59 17.40
C GLY B 1032 21.11 -6.50 18.33
N TYR B 1033 19.78 -6.37 18.27
CA TYR B 1033 18.90 -7.17 19.08
C TYR B 1033 18.10 -8.17 18.30
N VAL B 1034 18.50 -8.41 17.05
CA VAL B 1034 17.82 -9.40 16.23
C VAL B 1034 18.75 -10.57 15.85
N TYR B 1035 18.36 -11.77 16.24
CA TYR B 1035 19.13 -12.97 15.94
C TYR B 1035 19.07 -13.10 14.45
N VAL B 1036 20.25 -13.18 13.81
CA VAL B 1036 20.37 -13.28 12.34
C VAL B 1036 21.31 -14.40 11.94
N ALA B 1037 20.82 -15.29 11.08
CA ALA B 1037 21.65 -16.38 10.63
C ALA B 1037 21.29 -16.76 9.22
N THR B 1038 22.24 -17.37 8.52
CA THR B 1038 22.03 -17.85 7.16
C THR B 1038 22.33 -19.33 7.15
N VAL B 1039 21.78 -20.07 6.21
CA VAL B 1039 22.00 -21.50 6.21
C VAL B 1039 21.97 -22.06 4.79
N SER B 1040 22.33 -23.33 4.66
CA SER B 1040 22.35 -24.04 3.38
C SER B 1040 22.30 -25.48 3.81
N MET B 1041 21.29 -26.20 3.36
CA MET B 1041 21.10 -27.58 3.74
C MET B 1041 22.21 -28.47 3.20
N GLY B 1042 22.47 -28.38 1.91
CA GLY B 1042 23.49 -29.19 1.30
C GLY B 1042 24.84 -29.13 1.98
N TYR B 1043 25.14 -28.03 2.63
CA TYR B 1043 26.42 -27.86 3.28
C TYR B 1043 26.43 -28.41 4.70
N SER B 1044 25.60 -27.87 5.58
CA SER B 1044 25.54 -28.40 6.92
C SER B 1044 24.09 -28.50 7.38
N LYS B 1045 23.65 -29.72 7.66
CA LYS B 1045 22.30 -29.99 8.15
C LYS B 1045 22.35 -29.83 9.66
N GLN B 1046 23.57 -29.95 10.19
CA GLN B 1046 23.83 -29.86 11.63
C GLN B 1046 23.69 -28.39 11.99
N GLN B 1047 24.27 -27.54 11.15
CA GLN B 1047 24.26 -26.10 11.38
C GLN B 1047 22.87 -25.53 11.15
N PHE B 1048 22.08 -26.21 10.32
CA PHE B 1048 20.73 -25.76 10.02
C PHE B 1048 19.96 -26.01 11.30
N LEU B 1049 20.06 -27.22 11.84
CA LEU B 1049 19.36 -27.55 13.07
C LEU B 1049 19.81 -26.67 14.25
N LYS B 1050 21.07 -26.25 14.24
CA LYS B 1050 21.62 -25.41 15.29
C LYS B 1050 21.05 -24.03 15.14
N VAL B 1051 20.66 -23.65 13.95
CA VAL B 1051 20.09 -22.33 13.73
C VAL B 1051 18.60 -22.39 14.06
N LEU B 1052 17.93 -23.47 13.67
CA LEU B 1052 16.52 -23.58 14.00
C LEU B 1052 16.37 -23.52 15.52
N LYS B 1053 17.15 -24.33 16.24
CA LYS B 1053 17.10 -24.35 17.69
C LYS B 1053 17.42 -22.98 18.31
N GLU B 1054 18.47 -22.32 17.82
CA GLU B 1054 18.87 -21.01 18.32
C GLU B 1054 17.95 -19.83 17.99
N ALA B 1055 17.41 -19.83 16.78
CA ALA B 1055 16.55 -18.76 16.30
C ALA B 1055 15.24 -18.76 17.03
N GLU B 1056 14.63 -19.94 17.11
CA GLU B 1056 13.33 -20.08 17.77
C GLU B 1056 13.37 -19.72 19.26
N SER B 1057 14.51 -19.99 19.89
CA SER B 1057 14.71 -19.77 21.32
C SER B 1057 15.19 -18.41 21.77
N PHE B 1058 15.73 -17.61 20.85
CA PHE B 1058 16.19 -16.28 21.21
C PHE B 1058 14.91 -15.52 21.51
N PRO B 1059 14.79 -15.03 22.75
CA PRO B 1059 13.63 -14.26 23.22
C PRO B 1059 13.65 -12.92 22.48
N GLY B 1060 13.20 -12.98 21.24
CA GLY B 1060 13.17 -11.83 20.36
C GLY B 1060 13.13 -12.29 18.91
N PRO B 1061 13.27 -11.35 17.96
CA PRO B 1061 13.27 -11.54 16.52
C PRO B 1061 14.42 -12.41 16.07
N SER B 1062 14.20 -13.13 14.97
CA SER B 1062 15.21 -14.02 14.42
C SER B 1062 15.01 -14.00 12.93
N LEU B 1063 16.10 -13.87 12.17
CA LEU B 1063 16.01 -13.86 10.72
C LEU B 1063 16.75 -15.10 10.26
N VAL B 1064 16.15 -15.87 9.37
CA VAL B 1064 16.83 -17.07 8.87
C VAL B 1064 16.67 -17.10 7.37
N ILE B 1065 17.78 -16.88 6.67
CA ILE B 1065 17.79 -16.88 5.22
C ILE B 1065 18.46 -18.17 4.78
N ALA B 1066 17.78 -18.95 3.94
CA ALA B 1066 18.32 -20.22 3.47
C ALA B 1066 18.48 -20.26 1.96
N TYR B 1067 19.58 -20.82 1.46
CA TYR B 1067 19.79 -20.93 0.01
C TYR B 1067 18.79 -21.97 -0.47
N ALA B 1068 17.94 -21.58 -1.41
CA ALA B 1068 16.92 -22.49 -1.91
C ALA B 1068 17.06 -22.65 -3.41
N THR B 1069 17.06 -23.88 -3.89
CA THR B 1069 17.22 -24.09 -5.30
C THR B 1069 15.89 -23.91 -5.99
N CYS B 1070 15.89 -23.84 -7.32
CA CYS B 1070 14.66 -23.60 -8.04
C CYS B 1070 14.78 -24.03 -9.49
N ILE B 1071 13.64 -24.26 -10.12
CA ILE B 1071 13.68 -24.63 -11.51
C ILE B 1071 14.24 -23.40 -12.21
N ASN B 1072 13.87 -22.22 -11.71
CA ASN B 1072 14.35 -20.98 -12.30
C ASN B 1072 15.85 -20.75 -12.26
N GLN B 1073 16.59 -21.29 -11.28
CA GLN B 1073 18.05 -21.08 -11.32
C GLN B 1073 18.69 -21.90 -12.44
N GLY B 1074 17.97 -22.93 -12.87
CA GLY B 1074 18.41 -23.79 -13.96
C GLY B 1074 19.63 -24.64 -13.72
N LEU B 1075 19.54 -25.57 -12.77
CA LEU B 1075 20.66 -26.47 -12.44
C LEU B 1075 20.86 -27.48 -13.60
N ARG B 1076 21.96 -27.26 -14.32
CA ARG B 1076 22.36 -28.05 -15.49
C ARG B 1076 22.23 -29.54 -15.36
N LYS B 1077 22.71 -30.10 -14.26
CA LYS B 1077 22.66 -31.55 -14.08
C LYS B 1077 21.38 -32.11 -13.45
N GLY B 1078 20.44 -31.23 -13.11
CA GLY B 1078 19.20 -31.68 -12.51
C GLY B 1078 18.97 -31.18 -11.09
N MET B 1079 17.74 -31.31 -10.61
CA MET B 1079 17.39 -30.86 -9.25
C MET B 1079 17.85 -31.92 -8.24
N GLY B 1080 18.28 -33.06 -8.76
CA GLY B 1080 18.82 -34.10 -7.92
C GLY B 1080 20.16 -33.59 -7.43
N LYS B 1081 20.80 -32.74 -8.23
CA LYS B 1081 22.10 -32.13 -7.91
C LYS B 1081 21.96 -30.92 -6.99
N SER B 1082 20.73 -30.71 -6.53
CA SER B 1082 20.36 -29.61 -5.65
C SER B 1082 21.18 -29.55 -4.36
N GLN B 1083 21.14 -30.61 -3.57
CA GLN B 1083 21.91 -30.65 -2.32
C GLN B 1083 23.38 -30.38 -2.62
N ASP B 1084 23.92 -31.10 -3.59
CA ASP B 1084 25.30 -30.90 -3.97
C ASP B 1084 25.52 -29.40 -4.29
N VAL B 1085 24.52 -28.77 -4.88
CA VAL B 1085 24.63 -27.35 -5.24
C VAL B 1085 24.62 -26.37 -4.05
N MET B 1086 23.73 -26.60 -3.08
CA MET B 1086 23.64 -25.74 -1.88
C MET B 1086 25.00 -25.82 -1.23
N ASN B 1087 25.51 -27.05 -1.21
CA ASN B 1087 26.80 -27.36 -0.65
C ASN B 1087 27.94 -26.64 -1.37
N THR B 1088 27.88 -26.54 -2.70
CA THR B 1088 28.91 -25.84 -3.45
C THR B 1088 28.78 -24.34 -3.25
N ALA B 1089 27.55 -23.89 -2.95
CA ALA B 1089 27.29 -22.49 -2.74
C ALA B 1089 28.03 -21.97 -1.52
N VAL B 1090 28.25 -22.85 -0.54
CA VAL B 1090 28.93 -22.43 0.68
C VAL B 1090 30.42 -22.62 0.56
N LYS B 1091 30.82 -23.68 -0.09
CA LYS B 1091 32.24 -23.92 -0.26
C LYS B 1091 32.85 -22.78 -1.08
N SER B 1092 32.25 -22.51 -2.26
CA SER B 1092 32.70 -21.48 -3.19
C SER B 1092 32.89 -20.11 -2.60
N GLY B 1093 32.27 -19.88 -1.45
CA GLY B 1093 32.32 -18.60 -0.76
C GLY B 1093 31.11 -17.75 -1.17
N TYR B 1094 30.36 -18.27 -2.15
CA TYR B 1094 29.19 -17.61 -2.72
C TYR B 1094 28.15 -17.27 -1.68
N TRP B 1095 27.94 -18.21 -0.76
CA TRP B 1095 26.92 -18.11 0.26
C TRP B 1095 27.53 -18.52 1.58
N PRO B 1096 28.05 -17.56 2.36
CA PRO B 1096 28.65 -17.97 3.61
C PRO B 1096 27.62 -18.07 4.72
N LEU B 1097 27.88 -19.02 5.60
CA LEU B 1097 27.02 -19.29 6.71
C LEU B 1097 27.55 -18.63 7.94
N PHE B 1098 26.72 -17.81 8.57
CA PHE B 1098 27.08 -17.15 9.82
C PHE B 1098 25.89 -17.11 10.80
N ARG B 1099 26.13 -16.55 11.98
CA ARG B 1099 25.12 -16.45 12.99
C ARG B 1099 25.47 -15.27 13.85
N TYR B 1100 24.46 -14.44 14.13
CA TYR B 1100 24.65 -13.26 14.95
C TYR B 1100 23.62 -13.46 16.02
N ASP B 1101 24.05 -13.82 17.22
CA ASP B 1101 23.14 -14.07 18.34
C ASP B 1101 23.44 -13.13 19.51
N PRO B 1102 22.61 -12.10 19.70
CA PRO B 1102 22.79 -11.12 20.76
C PRO B 1102 22.98 -11.65 22.18
N ARG B 1103 22.55 -12.87 22.50
CA ARG B 1103 22.78 -13.32 23.88
C ARG B 1103 24.25 -13.52 24.20
N LEU B 1104 25.06 -13.70 23.15
CA LEU B 1104 26.51 -13.83 23.31
C LEU B 1104 27.01 -12.46 23.73
N ALA B 1105 26.47 -11.43 23.09
CA ALA B 1105 26.88 -10.08 23.44
C ALA B 1105 26.51 -9.87 24.90
N ALA B 1106 25.43 -10.52 25.33
CA ALA B 1106 24.99 -10.39 26.73
C ALA B 1106 26.05 -10.91 27.68
N GLN B 1107 26.73 -11.99 27.31
CA GLN B 1107 27.80 -12.52 28.15
C GLN B 1107 29.17 -11.96 27.87
N GLY B 1108 29.23 -10.83 27.16
CA GLY B 1108 30.51 -10.24 26.83
C GLY B 1108 31.22 -10.92 25.67
N LYS B 1109 30.60 -11.91 25.05
CA LYS B 1109 31.19 -12.59 23.90
C LYS B 1109 30.64 -11.96 22.63
N ASN B 1110 31.43 -12.00 21.56
CA ASN B 1110 31.07 -11.45 20.26
C ASN B 1110 29.90 -12.29 19.73
N PRO B 1111 28.79 -11.65 19.34
CA PRO B 1111 27.65 -12.41 18.83
C PRO B 1111 27.82 -12.93 17.41
N PHE B 1112 28.80 -12.41 16.68
CA PHE B 1112 28.99 -12.85 15.30
C PHE B 1112 29.89 -14.09 15.11
N GLN B 1113 29.33 -15.14 14.55
CA GLN B 1113 30.12 -16.34 14.31
C GLN B 1113 30.04 -16.76 12.86
N LEU B 1114 31.19 -16.96 12.21
CA LEU B 1114 31.19 -17.47 10.84
C LEU B 1114 31.10 -18.97 11.00
N ASP B 1115 30.51 -19.68 10.04
CA ASP B 1115 30.35 -21.14 10.13
C ASP B 1115 30.86 -21.82 8.87
N SER B 1116 31.14 -21.02 7.85
CA SER B 1116 31.60 -21.50 6.56
C SER B 1116 33.06 -21.10 6.42
N LYS B 1117 33.87 -21.85 5.67
CA LYS B 1117 35.26 -21.43 5.53
C LYS B 1117 35.42 -20.60 4.28
N ALA B 1118 36.56 -19.92 4.24
CA ALA B 1118 36.95 -19.05 3.15
C ALA B 1118 36.67 -19.66 1.78
N PRO B 1119 36.55 -18.82 0.75
CA PRO B 1119 36.28 -19.27 -0.63
C PRO B 1119 37.40 -20.13 -1.16
N ASP B 1120 37.03 -21.12 -1.97
CA ASP B 1120 37.98 -22.07 -2.53
C ASP B 1120 37.98 -22.14 -4.07
N GLY B 1121 37.91 -20.99 -4.73
CA GLY B 1121 37.93 -20.92 -6.19
C GLY B 1121 36.89 -21.71 -6.98
N SER B 1122 35.91 -22.29 -6.28
CA SER B 1122 34.86 -23.07 -6.93
C SER B 1122 33.94 -22.17 -7.74
N VAL B 1123 33.86 -20.93 -7.28
CA VAL B 1123 33.01 -19.90 -7.87
C VAL B 1123 32.61 -20.14 -9.31
N GLU B 1124 33.50 -19.89 -10.25
CA GLU B 1124 33.17 -20.09 -11.66
C GLU B 1124 32.60 -21.45 -12.01
N GLU B 1125 33.15 -22.55 -11.48
CA GLU B 1125 32.59 -23.86 -11.81
C GLU B 1125 31.20 -24.02 -11.20
N PHE B 1126 30.87 -23.11 -10.28
CA PHE B 1126 29.57 -23.08 -9.61
C PHE B 1126 28.57 -22.30 -10.45
N LEU B 1127 28.97 -21.11 -10.91
CA LEU B 1127 28.13 -20.24 -11.71
C LEU B 1127 27.86 -20.84 -13.06
N MET B 1128 28.94 -21.25 -13.70
CA MET B 1128 28.83 -21.82 -15.01
C MET B 1128 27.97 -23.11 -15.03
N ALA B 1129 27.52 -23.53 -13.87
CA ALA B 1129 26.69 -24.72 -13.80
C ALA B 1129 25.18 -24.40 -13.83
N GLN B 1130 24.82 -23.13 -13.63
CA GLN B 1130 23.41 -22.73 -13.65
C GLN B 1130 23.14 -21.94 -14.89
N ASN B 1131 22.11 -22.36 -15.59
CA ASN B 1131 21.69 -21.72 -16.82
C ASN B 1131 21.50 -20.25 -16.60
N ARG B 1132 21.02 -19.87 -15.43
CA ARG B 1132 20.81 -18.45 -15.17
C ARG B 1132 22.08 -17.67 -15.44
N PHE B 1133 23.23 -18.28 -15.19
CA PHE B 1133 24.52 -17.62 -15.39
C PHE B 1133 25.19 -17.94 -16.72
N ALA B 1134 24.98 -19.18 -17.17
CA ALA B 1134 25.55 -19.69 -18.41
C ALA B 1134 24.91 -19.16 -19.69
N VAL B 1135 23.61 -18.80 -19.67
CA VAL B 1135 23.01 -18.25 -20.88
C VAL B 1135 23.76 -16.96 -21.22
N LEU B 1136 23.93 -16.07 -20.26
CA LEU B 1136 24.63 -14.81 -20.53
C LEU B 1136 26.00 -15.08 -21.21
N ASP B 1137 26.61 -16.21 -20.84
CA ASP B 1137 27.89 -16.56 -21.41
C ASP B 1137 27.71 -16.90 -22.87
N ARG B 1138 26.82 -17.86 -23.16
CA ARG B 1138 26.52 -18.26 -24.53
C ARG B 1138 26.24 -17.07 -25.42
N SER B 1139 25.35 -16.19 -24.95
CA SER B 1139 24.89 -15.00 -25.68
C SER B 1139 25.56 -13.61 -25.44
N PHE B 1140 26.46 -13.49 -24.46
CA PHE B 1140 27.12 -12.20 -24.19
C PHE B 1140 28.42 -12.45 -23.47
N PRO B 1141 29.30 -13.29 -24.04
CA PRO B 1141 30.60 -13.66 -23.46
C PRO B 1141 31.40 -12.48 -23.00
N GLU B 1142 31.54 -11.46 -23.84
CA GLU B 1142 32.36 -10.34 -23.41
C GLU B 1142 31.83 -9.75 -22.10
N ASP B 1143 30.51 -9.59 -21.98
CA ASP B 1143 29.92 -9.04 -20.74
C ASP B 1143 29.89 -10.04 -19.57
N ALA B 1144 29.60 -11.30 -19.87
CA ALA B 1144 29.50 -12.38 -18.88
C ALA B 1144 30.79 -12.73 -18.14
N LYS B 1145 31.92 -12.77 -18.84
CA LYS B 1145 33.21 -13.08 -18.21
C LYS B 1145 33.51 -12.00 -17.20
N ARG B 1146 33.01 -10.80 -17.47
CA ARG B 1146 33.24 -9.67 -16.60
C ARG B 1146 32.50 -9.77 -15.29
N LEU B 1147 31.22 -10.13 -15.39
CA LEU B 1147 30.36 -10.21 -14.23
C LEU B 1147 30.64 -11.39 -13.30
N ARG B 1148 31.03 -12.54 -13.84
CA ARG B 1148 31.34 -13.67 -12.96
C ARG B 1148 32.60 -13.36 -12.16
N ALA B 1149 33.34 -12.36 -12.63
CA ALA B 1149 34.54 -11.91 -11.97
C ALA B 1149 34.09 -10.95 -10.89
N GLN B 1150 33.03 -10.19 -11.18
CA GLN B 1150 32.46 -9.24 -10.23
C GLN B 1150 31.98 -10.06 -9.04
N VAL B 1151 31.17 -11.08 -9.33
CA VAL B 1151 30.64 -11.96 -8.29
C VAL B 1151 31.77 -12.67 -7.56
N ALA B 1152 32.85 -12.99 -8.26
CA ALA B 1152 33.97 -13.67 -7.60
C ALA B 1152 34.75 -12.72 -6.73
N HIS B 1153 34.62 -11.43 -7.01
CA HIS B 1153 35.31 -10.41 -6.25
C HIS B 1153 34.48 -10.03 -5.04
N GLU B 1154 33.17 -9.95 -5.26
CA GLU B 1154 32.23 -9.61 -4.22
C GLU B 1154 32.24 -10.60 -3.09
N LEU B 1155 32.08 -11.88 -3.39
CA LEU B 1155 32.08 -12.89 -2.36
C LEU B 1155 33.45 -12.89 -1.66
N ASP B 1156 34.47 -12.45 -2.38
CA ASP B 1156 35.77 -12.39 -1.77
C ASP B 1156 35.83 -11.25 -0.75
N VAL B 1157 35.14 -10.14 -1.03
CA VAL B 1157 35.13 -8.98 -0.11
C VAL B 1157 34.25 -9.23 1.08
N ARG B 1158 33.01 -9.61 0.80
CA ARG B 1158 32.07 -9.88 1.85
C ARG B 1158 32.66 -10.89 2.81
N PHE B 1159 33.32 -11.92 2.32
CA PHE B 1159 33.89 -12.88 3.26
C PHE B 1159 35.08 -12.34 4.03
N LYS B 1160 35.76 -11.34 3.50
CA LYS B 1160 36.88 -10.82 4.25
C LYS B 1160 36.35 -9.90 5.31
N GLU B 1161 35.14 -9.37 5.09
CA GLU B 1161 34.49 -8.48 6.05
C GLU B 1161 33.79 -9.35 7.07
N LEU B 1162 33.40 -10.55 6.66
CA LEU B 1162 32.74 -11.46 7.57
C LEU B 1162 33.80 -11.96 8.54
N GLU B 1163 35.06 -11.91 8.11
CA GLU B 1163 36.15 -12.35 8.94
C GLU B 1163 36.45 -11.44 10.11
N HIS B 1164 36.62 -10.14 9.91
CA HIS B 1164 36.86 -9.28 11.07
C HIS B 1164 35.57 -8.62 11.52
N MET B 1165 34.81 -9.45 12.20
CA MET B 1165 33.51 -9.16 12.78
C MET B 1165 33.56 -10.29 13.77
N ALA B 1166 33.96 -11.44 13.28
CA ALA B 1166 34.15 -12.61 14.10
C ALA B 1166 35.23 -12.23 15.11
N ALA B 1167 36.21 -11.48 14.65
CA ALA B 1167 37.29 -11.06 15.52
C ALA B 1167 37.17 -9.69 16.18
N THR B 1168 36.05 -9.00 15.98
CA THR B 1168 35.89 -7.68 16.61
C THR B 1168 35.59 -7.65 18.11
N ASN B 1169 36.37 -6.82 18.79
CA ASN B 1169 36.24 -6.59 20.23
C ASN B 1169 35.07 -5.62 20.42
N ILE B 1170 34.89 -4.72 19.45
CA ILE B 1170 33.78 -3.77 19.47
C ILE B 1170 32.54 -4.58 19.10
N PHE B 1171 31.39 -4.26 19.67
CA PHE B 1171 30.11 -4.91 19.38
C PHE B 1171 28.90 -4.46 20.21
N GLU B 1172 27.73 -4.72 19.62
CA GLU B 1172 26.44 -4.31 20.16
C GLU B 1172 25.79 -5.25 21.19
N SER B 1173 25.86 -4.77 22.44
CA SER B 1173 25.36 -5.43 23.66
C SER B 1173 23.89 -5.91 23.61
N PHE B 1174 23.41 -6.56 24.68
CA PHE B 1174 22.00 -7.01 24.68
C PHE B 1174 21.25 -7.18 26.00
N ALA B 1175 19.96 -6.79 25.93
CA ALA B 1175 18.97 -6.86 27.02
C ALA B 1175 17.66 -7.31 26.33
N PRO B 1176 17.02 -8.39 26.83
CA PRO B 1176 15.77 -8.85 26.20
C PRO B 1176 14.68 -7.78 26.27
N ALA B 1177 14.70 -7.05 27.39
CA ALA B 1177 13.78 -5.96 27.78
C ALA B 1177 13.61 -6.10 29.30
N GLY B 1178 13.03 -5.08 29.94
CA GLY B 1178 12.82 -5.14 31.40
C GLY B 1178 12.80 -3.82 32.13
N GLY B 1179 11.61 -3.22 32.25
CA GLY B 1179 11.50 -1.95 32.95
C GLY B 1179 10.10 -1.37 32.98
N LYS B 1180 9.91 -0.33 32.16
CA LYS B 1180 8.64 0.42 32.03
C LYS B 1180 7.84 0.57 33.30
N ALA B 1181 6.88 -0.35 33.51
CA ALA B 1181 6.00 -0.32 34.66
C ALA B 1181 5.06 0.88 34.55
N ASP B 1182 3.81 0.66 34.96
CA ASP B 1182 2.76 1.67 34.87
C ASP B 1182 3.19 3.11 35.03
N GLY B 1183 2.98 3.85 33.94
CA GLY B 1183 3.33 5.25 33.91
C GLY B 1183 3.38 5.80 32.50
N SER B 1184 2.67 6.91 32.31
CA SER B 1184 2.56 7.59 31.04
C SER B 1184 2.95 9.05 31.28
N VAL B 1185 3.61 9.64 30.29
CA VAL B 1185 4.06 11.02 30.37
C VAL B 1185 4.16 11.59 28.93
N ASP B 1186 3.53 12.73 28.70
CA ASP B 1186 3.54 13.33 27.36
C ASP B 1186 4.87 14.06 27.19
N PHE B 1187 5.42 14.10 25.99
CA PHE B 1187 6.68 14.79 25.77
C PHE B 1187 6.56 16.28 26.09
N GLY B 1188 5.32 16.74 26.28
CA GLY B 1188 5.05 18.14 26.57
C GLY B 1188 5.03 18.65 28.01
N GLU B 1189 5.15 17.76 29.00
CA GLU B 1189 5.14 18.17 30.40
C GLU B 1189 6.36 18.96 30.85
N GLY B 1190 6.11 19.94 31.69
CA GLY B 1190 7.18 20.76 32.23
C GLY B 1190 8.18 21.31 31.26
N ALA B 1191 7.74 21.45 30.01
CA ALA B 1191 8.59 22.03 28.97
C ALA B 1191 8.43 23.53 29.15
N GLU B 1192 9.45 24.28 28.74
CA GLU B 1192 9.46 25.73 28.91
C GLU B 1192 8.83 26.44 27.73
N PHE B 1193 9.25 26.06 26.53
CA PHE B 1193 8.69 26.67 25.35
C PHE B 1193 7.55 25.79 24.80
N CYS B 1194 6.82 26.32 23.82
CA CYS B 1194 5.73 25.56 23.22
C CYS B 1194 6.37 24.37 22.60
N THR B 1195 5.61 23.26 22.63
CA THR B 1195 6.04 21.96 22.11
C THR B 1195 5.07 21.47 21.01
N ARG B 1196 4.15 22.35 20.64
CA ARG B 1196 3.18 22.06 19.61
C ARG B 1196 2.83 23.33 18.83
N ASP B 1197 2.26 23.16 17.63
CA ASP B 1197 1.95 24.30 16.81
C ASP B 1197 0.46 24.59 16.67
N ASP B 1198 0.17 25.72 16.02
CA ASP B 1198 -1.20 26.21 15.77
C ASP B 1198 -1.94 25.40 14.68
N THR B 1199 -1.24 24.42 14.11
CA THR B 1199 -1.78 23.54 13.09
C THR B 1199 -2.87 22.65 13.71
N PRO B 1200 -3.95 22.35 12.94
CA PRO B 1200 -5.10 21.52 13.32
C PRO B 1200 -4.72 20.06 13.46
N MET B 1201 -3.54 19.74 12.98
CA MET B 1201 -3.02 18.38 13.02
C MET B 1201 -2.46 18.06 14.40
N MET B 1202 -1.88 19.07 15.06
CA MET B 1202 -1.34 18.89 16.39
C MET B 1202 -2.35 19.08 17.51
N ALA B 1203 -3.44 19.78 17.23
CA ALA B 1203 -4.49 20.00 18.23
C ALA B 1203 -4.94 18.68 18.86
N ARG B 1204 -4.92 18.66 20.18
CA ARG B 1204 -5.32 17.48 20.93
C ARG B 1204 -6.46 17.83 21.88
N PRO B 1205 -7.07 16.83 22.51
CA PRO B 1205 -8.17 17.09 23.44
C PRO B 1205 -7.79 17.99 24.59
N ASP B 1206 -6.63 17.75 25.20
CA ASP B 1206 -6.22 18.54 26.33
C ASP B 1206 -5.19 19.60 26.04
N SER B 1207 -5.10 20.00 24.77
CA SER B 1207 -4.15 21.04 24.33
C SER B 1207 -4.80 22.45 24.31
N GLY B 1208 -3.98 23.49 24.23
CA GLY B 1208 -4.52 24.83 24.24
C GLY B 1208 -4.02 25.76 25.34
N GLU B 1209 -3.27 25.23 26.31
CA GLU B 1209 -2.69 26.01 27.41
C GLU B 1209 -1.56 26.87 26.82
N ALA B 1210 -1.43 28.10 27.27
CA ALA B 1210 -0.41 29.00 26.74
C ALA B 1210 1.05 28.61 26.99
N CYS B 1211 1.94 29.16 26.16
CA CYS B 1211 3.37 28.92 26.24
C CYS B 1211 4.15 29.86 25.33
N ASP B 1212 5.48 29.75 25.39
CA ASP B 1212 6.42 30.56 24.58
C ASP B 1212 6.62 29.89 23.21
N GLN B 1213 6.04 30.49 22.19
CA GLN B 1213 6.08 30.03 20.80
C GLN B 1213 7.43 30.35 20.12
N ASN B 1214 8.44 30.69 20.92
CA ASN B 1214 9.78 31.04 20.44
C ASN B 1214 9.90 32.28 19.55
N ARG B 1215 8.82 33.02 19.38
CA ARG B 1215 8.86 34.22 18.56
C ARG B 1215 9.68 35.34 19.20
N ALA B 1216 9.88 35.26 20.50
CA ALA B 1216 10.62 36.30 21.22
C ALA B 1216 12.05 35.95 21.57
N GLY B 1217 12.60 34.93 20.93
CA GLY B 1217 13.98 34.60 21.19
C GLY B 1217 14.30 33.63 22.31
N THR B 1218 15.60 33.41 22.42
CA THR B 1218 16.18 32.53 23.40
C THR B 1218 15.99 33.05 24.81
N SER B 1219 16.11 32.16 25.79
CA SER B 1219 15.94 32.55 27.17
C SER B 1219 16.91 33.66 27.43
N GLU B 1220 18.21 33.39 27.32
CA GLU B 1220 19.17 34.44 27.56
C GLU B 1220 18.94 35.71 26.73
N GLN B 1221 18.36 35.60 25.55
CA GLN B 1221 18.13 36.82 24.76
C GLN B 1221 16.95 37.57 25.38
N GLN B 1222 16.00 36.82 25.91
CA GLN B 1222 14.84 37.40 26.55
C GLN B 1222 15.29 38.15 27.81
N GLY B 1223 16.19 37.53 28.58
CA GLY B 1223 16.72 38.10 29.81
C GLY B 1223 17.70 39.25 29.61
N ASP B 1224 18.67 39.08 28.73
CA ASP B 1224 19.60 40.16 28.49
C ASP B 1224 18.75 41.34 28.07
N LEU B 1225 17.59 41.09 27.47
CA LEU B 1225 16.69 42.16 27.04
C LEU B 1225 15.97 42.81 28.23
N SER B 1226 15.49 41.96 29.15
CA SER B 1226 14.78 42.44 30.33
C SER B 1226 15.74 43.21 31.20
N LYS B 1227 16.96 42.69 31.20
CA LYS B 1227 18.07 43.25 31.95
C LYS B 1227 18.64 44.37 31.07
N ARG B 1228 17.79 45.03 30.29
CA ARG B 1228 18.25 46.10 29.40
C ARG B 1228 17.18 47.15 29.14
N THR B 1229 16.10 47.11 29.92
CA THR B 1229 15.00 48.05 29.75
C THR B 1229 14.42 48.33 31.12
N LYS B 1230 14.15 47.24 31.84
CA LYS B 1230 13.59 47.16 33.21
C LYS B 1230 12.66 48.28 33.68
N LYS B 1231 13.14 49.51 33.64
CA LYS B 1231 12.33 50.67 34.01
C LYS B 1231 11.91 50.70 35.49
MG MG C . 10.00 13.67 11.38
CA CA D . 23.75 12.03 -6.94
FE1 SF4 E . 28.26 39.74 10.90
FE2 SF4 E . 28.92 37.13 11.04
FE3 SF4 E . 26.32 37.87 10.69
FE4 SF4 E . 27.51 38.28 13.00
S1 SF4 E . 27.06 36.26 12.13
S2 SF4 E . 26.20 39.85 11.86
S3 SF4 E . 29.67 38.81 12.43
S4 SF4 E . 28.07 38.18 9.20
FE1 SF4 F . 16.18 34.58 11.24
FE2 SF4 F . 14.95 36.10 12.86
FE3 SF4 F . 17.47 35.44 13.18
FE4 SF4 F . 15.70 33.66 13.57
S1 SF4 F . 15.86 35.48 14.87
S2 SF4 F . 17.66 33.38 12.46
S3 SF4 F . 14.08 34.17 12.05
S4 SF4 F . 16.69 36.73 11.54
FE1 SF4 G . 8.07 22.94 13.55
FE2 SF4 G . 10.05 22.43 12.11
FE3 SF4 G . 7.97 20.85 11.98
FE4 SF4 G . 9.36 20.70 14.06
S1 SF4 G . 10.12 20.18 11.97
S2 SF4 G . 7.11 20.93 14.13
S3 SF4 G . 10.22 22.81 14.37
S4 SF4 G . 8.01 23.04 11.32
N1' TPP H . -0.27 7.80 6.36
C2' TPP H . -0.16 8.17 5.03
CM2 TPP H . -0.21 7.14 3.95
N3' TPP H . -0.03 9.43 4.68
C4' TPP H . 0.01 10.40 5.66
N4' TPP H . 0.15 11.64 5.24
C5' TPP H . -0.09 10.06 7.03
C6' TPP H . -0.24 8.76 7.30
C7' TPP H . -0.06 11.09 8.13
N3 TPP H . 1.26 11.85 8.11
C2 TPP H . 1.77 12.85 7.42
S1 TPP H . 2.95 13.63 8.30
C5 TPP H . 3.22 12.18 9.20
C4 TPP H . 2.26 11.26 8.86
CM4 TPP H . 2.17 9.91 9.44
C6 TPP H . 4.57 11.99 9.78
C7 TPP H . 5.65 12.84 9.21
O7 TPP H . 6.90 12.23 9.35
PA TPP H . 8.38 12.79 9.35
O1A TPP H . 8.97 12.33 8.08
O2A TPP H . 9.06 12.51 10.61
O3A TPP H . 8.07 14.32 9.21
PB TPP H . 8.56 15.68 9.91
O1B TPP H . 9.15 15.22 11.23
O2B TPP H . 9.72 16.20 9.06
O3B TPP H . 7.36 16.46 10.11
C PYR I . -1.61 13.89 7.62
O PYR I . -2.05 13.02 8.47
OXT PYR I . -1.62 13.51 6.36
CA PYR I . -1.16 15.17 8.04
O3 PYR I . -1.19 15.50 9.41
CB PYR I . -0.64 16.21 7.05
MG MG J . 11.62 -16.09 -4.61
CA CA K . 12.62 -16.13 18.33
FE1 SF4 L . 20.76 -45.22 4.40
FE2 SF4 L . 21.88 -42.81 4.82
FE3 SF4 L . 19.46 -43.00 3.60
FE4 SF4 L . 21.64 -43.77 2.34
S1 SF4 L . 21.18 -41.65 2.94
S2 SF4 L . 19.62 -44.96 2.45
S3 SF4 L . 22.94 -44.68 4.00
S4 SF4 L . 19.95 -43.55 5.79
FE1 SF4 M . 12.30 -37.75 -2.36
FE2 SF4 M . 11.92 -39.10 -4.49
FE3 SF4 M . 14.26 -38.99 -3.28
FE4 SF4 M . 13.42 -36.89 -4.49
S1 SF4 M . 13.91 -38.79 -5.58
S2 SF4 M . 14.42 -36.96 -2.45
S3 SF4 M . 11.16 -36.98 -4.18
S4 SF4 M . 12.45 -39.99 -2.47
FE1 SF4 N . 9.44 -24.89 -8.08
FE2 SF4 N . 10.31 -24.71 -5.74
FE3 SF4 N . 8.89 -22.74 -6.71
FE4 SF4 N . 11.22 -22.99 -7.62
S1 SF4 N . 10.75 -22.50 -5.45
S2 SF4 N . 9.41 -22.76 -8.97
S3 SF4 N . 11.65 -25.25 -7.53
S4 SF4 N . 8.12 -24.83 -6.27
N1' TPP O . 1.75 -7.97 -5.88
C2' TPP O . 1.01 -8.27 -4.74
CM2 TPP O . 0.56 -7.19 -3.81
N3' TPP O . 0.66 -9.50 -4.46
C4' TPP O . 1.05 -10.52 -5.31
N4' TPP O . 0.68 -11.74 -4.97
C5' TPP O . 1.80 -10.25 -6.48
C6' TPP O . 2.10 -8.97 -6.71
C7' TPP O . 2.24 -11.33 -7.44
N3 TPP O . 3.14 -12.34 -6.72
C2 TPP O . 2.96 -13.37 -5.93
S1 TPP O . 4.24 -14.43 -6.03
C5 TPP O . 5.26 -13.13 -6.53
C4 TPP O . 4.48 -12.01 -6.73
CM4 TPP O . 5.01 -10.71 -7.17
C6 TPP O . 6.70 -13.24 -6.25
C7 TPP O . 7.08 -14.27 -5.21
O7 TPP O . 8.28 -13.92 -4.58
PA TPP O . 9.35 -14.77 -3.80
O1A TPP O . 9.21 -14.36 -2.37
O2A TPP O . 10.67 -14.71 -4.43
O3A TPP O . 8.72 -16.19 -3.95
PB TPP O . 9.24 -17.67 -4.33
O1B TPP O . 10.54 -17.41 -5.06
O2B TPP O . 9.58 -18.35 -3.01
O3B TPP O . 8.24 -18.20 -5.24
C PYR P . 0.15 -13.73 -8.06
O PYR P . 0.47 -12.83 -8.96
OXT PYR P . -0.48 -13.28 -7.02
CA PYR P . 0.50 -15.10 -8.24
O3 PYR P . 1.19 -15.49 -9.40
CB PYR P . 0.16 -16.15 -7.21
#